data_8V4A
#
_entry.id   8V4A
#
_cell.length_a   150.750
_cell.length_b   207.080
_cell.length_c   60.830
_cell.angle_alpha   90.000
_cell.angle_beta   90.000
_cell.angle_gamma   90.000
#
_symmetry.space_group_name_H-M   'P 21 21 2'
#
loop_
_entity.id
_entity.type
_entity.pdbx_description
1 polymer Tryptophanase
2 non-polymer 'POTASSIUM ION'
3 non-polymer (E)-S-ethyl-N-({3-hydroxy-2-methyl-5-[(phosphonooxy)methyl]pyridin-4-yl}methylidene)-L-homocysteine
4 non-polymer '(2E)-4-(ethylsulfanyl)-2-{[(Z)-{3-hydroxy-2-methyl-5-[(phosphonooxy)methyl]pyridin-4(1H)-ylidene}methyl]imino}butanoic acid'
5 non-polymer 'DIMETHYL SULFOXIDE'
6 water water
#
_entity_poly.entity_id   1
_entity_poly.type   'polypeptide(L)'
_entity_poly.pdbx_seq_one_letter_code
;MAKRIVEPFRIKMVEKIRVPSREEREAALKEAGYNPFLLPSSAVYIDLLTDSGTNAMSDHQWAAMITGDEAYAGSRNYYD
LKDKAKELFNYDYIIPAHQGRGAENILFPVLLKYKQKEGKAKNPVFISNFHFDTTAAHVELNGCKAINIVTEKAFDSETY
DDWKGDFDIKKLKENIAQHGADNIVAIVSTVTCNSAGGQPVSMSNLKEVYEIAKQHGIFVVMDSARFCENAYFIKARDPK
YKNATIKEVIFDMYKYADALTMSAKKDPLLNIGGLVAIRDNEEIFTLARQRCVPMEGFVTYGGLAGRDMAAMVQGLEEGT
EEEYLHYRIGQVKYLGDRLREAGIPIQYPTGGHAVFVDCKKLVPQIPGDQFPAQAVINALYLESGVRAVEIGSFLLGRDP
ATGEQKHADMEFMRLTIARRVYTNDHMDYIADALIGLKEKFATLKGLEFEYEPPVLRHFTARLKPIE
;
_entity_poly.pdbx_strand_id   A,B,C,D
#
loop_
_chem_comp.id
_chem_comp.type
_chem_comp.name
_chem_comp.formula
DMS non-polymer 'DIMETHYL SULFOXIDE' 'C2 H6 O S'
K non-polymer 'POTASSIUM ION' 'K 1'
YAE non-polymer (E)-S-ethyl-N-({3-hydroxy-2-methyl-5-[(phosphonooxy)methyl]pyridin-4-yl}methylidene)-L-homocysteine 'C14 H21 N2 O7 P S'
YAR non-polymer '(2E)-4-(ethylsulfanyl)-2-{[(Z)-{3-hydroxy-2-methyl-5-[(phosphonooxy)methyl]pyridin-4(1H)-ylidene}methyl]imino}butanoic acid' 'C14 H21 N2 O7 P S'
#
# COMPACT_ATOMS: atom_id res chain seq x y z
N ALA A 2 36.00 -13.41 8.53
CA ALA A 2 34.78 -12.75 8.09
C ALA A 2 33.61 -13.10 9.00
N LYS A 3 32.94 -12.08 9.54
CA LYS A 3 31.89 -12.29 10.53
C LYS A 3 30.57 -11.82 9.95
N ARG A 4 29.61 -12.75 9.89
CA ARG A 4 28.25 -12.41 9.48
CA ARG A 4 28.26 -12.41 9.47
C ARG A 4 27.53 -11.76 10.65
N ILE A 5 26.93 -10.61 10.42
CA ILE A 5 26.18 -9.91 11.47
C ILE A 5 24.70 -10.02 11.13
N VAL A 6 23.94 -10.59 12.07
CA VAL A 6 22.55 -10.91 11.83
C VAL A 6 21.72 -9.63 11.66
N GLU A 7 20.65 -9.71 10.87
CA GLU A 7 19.80 -8.55 10.62
C GLU A 7 19.01 -8.18 11.88
N PRO A 8 18.96 -6.91 12.26
CA PRO A 8 18.06 -6.43 13.32
C PRO A 8 16.65 -6.13 12.78
N PHE A 9 16.12 -7.04 11.97
CA PHE A 9 14.81 -6.92 11.36
C PHE A 9 14.52 -8.25 10.71
N ARG A 10 13.26 -8.46 10.37
CA ARG A 10 12.90 -9.59 9.54
C ARG A 10 12.25 -9.07 8.26
N ILE A 11 12.08 -9.98 7.32
CA ILE A 11 11.62 -9.59 6.01
C ILE A 11 10.11 -9.45 6.05
N LYS A 12 9.59 -8.36 5.48
CA LYS A 12 8.15 -8.15 5.38
C LYS A 12 7.62 -8.22 3.95
N MET A 13 8.43 -7.88 2.95
CA MET A 13 8.02 -7.97 1.56
C MET A 13 9.24 -8.29 0.72
N VAL A 14 9.07 -9.14 -0.29
CA VAL A 14 10.20 -9.53 -1.13
C VAL A 14 9.92 -9.11 -2.57
N GLU A 15 11.00 -9.06 -3.34
CA GLU A 15 10.97 -8.76 -4.76
C GLU A 15 11.79 -9.84 -5.47
N LYS A 16 11.22 -10.46 -6.48
CA LYS A 16 11.94 -11.51 -7.20
C LYS A 16 13.15 -10.96 -7.97
N ILE A 17 14.26 -11.71 -7.92
CA ILE A 17 15.41 -11.49 -8.80
C ILE A 17 15.72 -12.81 -9.51
N ARG A 18 16.43 -12.71 -10.65
CA ARG A 18 16.75 -13.90 -11.42
C ARG A 18 18.10 -13.73 -12.11
N VAL A 19 18.74 -14.85 -12.41
CA VAL A 19 20.05 -14.87 -13.05
C VAL A 19 19.83 -15.06 -14.56
N PRO A 20 20.14 -14.08 -15.39
CA PRO A 20 20.08 -14.32 -16.84
C PRO A 20 21.24 -15.20 -17.27
N SER A 21 21.04 -15.87 -18.41
CA SER A 21 22.06 -16.76 -18.94
C SER A 21 23.29 -15.98 -19.36
N ARG A 22 24.39 -16.71 -19.57
CA ARG A 22 25.61 -16.09 -20.09
CA ARG A 22 25.60 -16.06 -20.07
C ARG A 22 25.34 -15.39 -21.41
N GLU A 23 24.66 -16.07 -22.33
CA GLU A 23 24.35 -15.49 -23.63
C GLU A 23 23.48 -14.25 -23.50
N GLU A 24 22.59 -14.22 -22.52
CA GLU A 24 21.85 -12.99 -22.23
C GLU A 24 22.81 -11.88 -21.83
N ARG A 25 23.71 -12.15 -20.87
CA ARG A 25 24.63 -11.13 -20.39
C ARG A 25 25.55 -10.63 -21.50
N GLU A 26 26.10 -11.55 -22.31
CA GLU A 26 26.98 -11.18 -23.41
C GLU A 26 26.27 -10.24 -24.38
N ALA A 27 25.12 -10.67 -24.90
CA ALA A 27 24.34 -9.83 -25.79
C ALA A 27 23.99 -8.51 -25.12
N ALA A 28 23.46 -8.57 -23.91
CA ALA A 28 23.12 -7.34 -23.19
C ALA A 28 24.33 -6.41 -23.06
N LEU A 29 25.51 -6.97 -22.75
CA LEU A 29 26.68 -6.11 -22.55
C LEU A 29 27.11 -5.43 -23.84
N LYS A 30 27.07 -6.14 -24.97
CA LYS A 30 27.48 -5.46 -26.19
C LYS A 30 26.41 -4.51 -26.69
N GLU A 31 25.13 -4.82 -26.47
CA GLU A 31 24.08 -3.84 -26.76
C GLU A 31 24.26 -2.58 -25.93
N ALA A 32 24.77 -2.72 -24.71
CA ALA A 32 24.99 -1.59 -23.82
C ALA A 32 26.30 -0.86 -24.10
N GLY A 33 26.99 -1.19 -25.20
CA GLY A 33 28.26 -0.54 -25.48
C GLY A 33 29.26 -0.72 -24.36
N TYR A 34 29.32 -1.91 -23.76
CA TYR A 34 30.24 -2.29 -22.69
C TYR A 34 30.16 -1.34 -21.50
N ASN A 35 29.07 -0.60 -21.38
CA ASN A 35 28.82 0.23 -20.21
C ASN A 35 27.63 -0.36 -19.46
N PRO A 36 27.83 -1.01 -18.30
CA PRO A 36 26.67 -1.51 -17.53
C PRO A 36 25.60 -0.48 -17.24
N PHE A 37 25.91 0.83 -17.25
CA PHE A 37 24.89 1.83 -16.98
C PHE A 37 23.76 1.76 -18.00
N LEU A 38 24.07 1.25 -19.19
CA LEU A 38 23.14 1.17 -20.30
C LEU A 38 22.44 -0.16 -20.39
N LEU A 39 22.69 -1.10 -19.43
CA LEU A 39 21.98 -2.36 -19.30
C LEU A 39 20.59 -2.14 -18.70
N PRO A 40 19.57 -2.80 -19.23
CA PRO A 40 18.29 -2.82 -18.52
C PRO A 40 18.44 -3.65 -17.26
N SER A 41 17.66 -3.31 -16.24
CA SER A 41 17.76 -4.07 -14.99
C SER A 41 17.37 -5.53 -15.18
N SER A 42 16.59 -5.84 -16.20
CA SER A 42 16.23 -7.23 -16.44
C SER A 42 17.45 -8.09 -16.78
N ALA A 43 18.55 -7.49 -17.26
CA ALA A 43 19.76 -8.26 -17.56
C ALA A 43 20.69 -8.39 -16.36
N VAL A 44 20.29 -7.86 -15.20
CA VAL A 44 21.12 -7.83 -14.00
C VAL A 44 20.55 -8.79 -12.98
N TYR A 45 21.45 -9.55 -12.33
CA TYR A 45 21.10 -10.36 -11.16
C TYR A 45 21.13 -9.51 -9.90
N ILE A 46 22.27 -9.45 -9.22
CA ILE A 46 22.46 -8.59 -8.06
C ILE A 46 22.98 -7.24 -8.55
N ASP A 47 22.31 -6.16 -8.17
CA ASP A 47 22.65 -4.83 -8.66
C ASP A 47 23.44 -4.09 -7.59
N LEU A 48 24.75 -3.92 -7.86
CA LEU A 48 25.66 -3.18 -7.00
C LEU A 48 26.17 -1.91 -7.67
N LEU A 49 25.40 -1.39 -8.62
CA LEU A 49 25.76 -0.15 -9.28
C LEU A 49 25.76 1.01 -8.28
N THR A 50 24.83 1.01 -7.35
CA THR A 50 24.78 2.15 -6.46
C THR A 50 23.99 1.80 -5.21
N ASP A 51 24.23 2.57 -4.16
CA ASP A 51 23.43 2.44 -2.96
C ASP A 51 22.41 3.57 -2.87
N SER A 52 22.10 4.20 -4.00
CA SER A 52 21.30 5.42 -4.05
C SER A 52 19.89 5.09 -4.55
N GLY A 53 18.89 5.22 -3.69
CA GLY A 53 17.51 5.02 -4.12
C GLY A 53 17.09 3.58 -4.28
N THR A 54 17.95 2.63 -4.00
CA THR A 54 17.60 1.21 -4.12
C THR A 54 17.30 0.58 -2.77
N ASN A 55 17.24 1.36 -1.70
CA ASN A 55 17.09 0.82 -0.36
C ASN A 55 15.71 0.21 -0.15
N ALA A 56 15.64 -0.73 0.77
CA ALA A 56 14.36 -1.28 1.21
C ALA A 56 13.87 -0.47 2.39
N MET A 57 12.63 0.00 2.32
CA MET A 57 12.08 0.80 3.39
C MET A 57 11.42 -0.10 4.43
N SER A 58 11.13 0.47 5.60
CA SER A 58 10.41 -0.27 6.63
C SER A 58 8.91 -0.09 6.48
N ASP A 59 8.15 -0.92 7.21
CA ASP A 59 6.70 -0.77 7.24
C ASP A 59 6.29 0.60 7.78
N HIS A 60 7.04 1.14 8.74
CA HIS A 60 6.72 2.48 9.24
C HIS A 60 6.87 3.53 8.15
N GLN A 61 7.88 3.37 7.28
CA GLN A 61 8.07 4.35 6.21
C GLN A 61 6.94 4.25 5.18
N TRP A 62 6.54 3.03 4.80
CA TRP A 62 5.41 2.91 3.88
C TRP A 62 4.13 3.44 4.51
N ALA A 63 3.96 3.24 5.81
CA ALA A 63 2.79 3.79 6.50
C ALA A 63 2.80 5.31 6.47
N ALA A 64 3.96 5.93 6.66
CA ALA A 64 3.98 7.39 6.61
C ALA A 64 3.68 7.89 5.20
N MET A 65 4.13 7.15 4.19
CA MET A 65 3.79 7.50 2.81
C MET A 65 2.28 7.48 2.60
N ILE A 66 1.60 6.48 3.15
CA ILE A 66 0.16 6.34 2.93
C ILE A 66 -0.58 7.57 3.45
N THR A 67 -0.15 8.09 4.60
CA THR A 67 -0.79 9.28 5.14
C THR A 67 -0.13 10.59 4.69
N GLY A 68 0.77 10.53 3.70
CA GLY A 68 1.46 11.75 3.29
C GLY A 68 0.48 12.82 2.84
N ASP A 69 0.83 14.06 3.12
CA ASP A 69 0.03 15.23 2.75
C ASP A 69 0.52 15.76 1.41
N GLU A 70 -0.29 15.62 0.37
CA GLU A 70 0.12 15.99 -0.98
C GLU A 70 -0.16 17.45 -1.33
N ALA A 71 -0.49 18.30 -0.34
CA ALA A 71 -0.78 19.70 -0.59
C ALA A 71 0.36 20.39 -1.32
N TYR A 72 0.00 21.29 -2.25
CA TYR A 72 1.02 22.03 -2.98
C TYR A 72 1.79 22.98 -2.07
N ALA A 73 1.09 23.73 -1.21
CA ALA A 73 1.75 24.66 -0.29
C ALA A 73 1.44 24.27 1.15
N GLY A 74 2.49 24.14 1.96
CA GLY A 74 2.29 23.99 3.39
C GLY A 74 1.97 22.59 3.86
N SER A 75 2.40 21.56 3.14
CA SER A 75 2.17 20.18 3.56
C SER A 75 2.61 19.94 4.98
N ARG A 76 1.80 19.17 5.73
CA ARG A 76 2.14 18.85 7.11
CA ARG A 76 2.13 18.83 7.11
C ARG A 76 3.53 18.23 7.21
N ASN A 77 3.91 17.42 6.23
CA ASN A 77 5.19 16.72 6.28
C ASN A 77 6.37 17.67 6.09
N TYR A 78 6.15 18.81 5.43
CA TYR A 78 7.22 19.81 5.37
C TYR A 78 7.56 20.31 6.77
N TYR A 79 6.55 20.58 7.60
CA TYR A 79 6.86 21.03 8.96
C TYR A 79 7.46 19.90 9.80
N ASP A 80 7.04 18.66 9.56
CA ASP A 80 7.69 17.53 10.23
C ASP A 80 9.16 17.49 9.86
N LEU A 81 9.45 17.63 8.56
CA LEU A 81 10.83 17.61 8.10
C LEU A 81 11.63 18.77 8.67
N LYS A 82 11.04 19.95 8.69
CA LYS A 82 11.73 21.12 9.24
C LYS A 82 12.05 20.90 10.72
N ASP A 83 11.11 20.35 11.48
CA ASP A 83 11.36 20.04 12.89
C ASP A 83 12.42 18.97 13.03
N LYS A 84 12.41 17.98 12.14
CA LYS A 84 13.39 16.90 12.25
C LYS A 84 14.80 17.44 12.03
N ALA A 85 14.97 18.30 11.01
CA ALA A 85 16.26 18.92 10.75
C ALA A 85 16.72 19.78 11.91
N LYS A 86 15.81 20.48 12.58
CA LYS A 86 16.18 21.22 13.78
C LYS A 86 16.63 20.27 14.87
N GLU A 87 15.90 19.17 15.08
CA GLU A 87 16.28 18.20 16.09
C GLU A 87 17.62 17.56 15.78
N LEU A 88 17.82 17.10 14.54
CA LEU A 88 19.03 16.30 14.28
C LEU A 88 20.26 17.19 14.15
N PHE A 89 20.16 18.25 13.37
CA PHE A 89 21.31 19.06 12.99
C PHE A 89 21.40 20.38 13.74
N ASN A 90 20.30 20.83 14.35
CA ASN A 90 20.19 22.15 14.96
C ASN A 90 20.17 23.27 13.91
N TYR A 91 19.73 22.94 12.71
CA TYR A 91 19.63 23.90 11.62
C TYR A 91 18.21 24.41 11.52
N ASP A 92 18.06 25.72 11.29
CA ASP A 92 16.77 26.40 11.41
C ASP A 92 16.02 26.55 10.10
N TYR A 93 16.65 26.26 8.97
CA TYR A 93 16.03 26.49 7.67
C TYR A 93 16.16 25.23 6.84
N ILE A 94 15.05 24.80 6.23
CA ILE A 94 15.14 23.69 5.27
C ILE A 94 14.50 24.08 3.95
N ILE A 95 15.01 23.49 2.90
CA ILE A 95 14.41 23.49 1.57
C ILE A 95 14.48 22.05 1.07
N PRO A 96 13.36 21.36 0.90
CA PRO A 96 13.41 20.02 0.32
C PRO A 96 13.82 20.10 -1.15
N ALA A 97 14.37 19.00 -1.66
CA ALA A 97 14.78 18.91 -3.04
C ALA A 97 14.51 17.49 -3.52
N HIS A 98 14.42 17.32 -4.84
CA HIS A 98 13.99 16.01 -5.30
C HIS A 98 15.08 14.95 -5.12
N GLN A 99 16.36 15.35 -5.18
CA GLN A 99 17.44 14.44 -4.76
C GLN A 99 18.71 15.26 -4.52
N GLY A 100 19.82 14.56 -4.35
CA GLY A 100 21.05 15.22 -3.94
C GLY A 100 21.49 16.32 -4.89
N ARG A 101 21.52 16.01 -6.19
CA ARG A 101 21.98 16.98 -7.15
C ARG A 101 20.93 18.07 -7.42
N GLY A 102 19.67 17.84 -7.05
CA GLY A 102 18.73 18.95 -6.98
C GLY A 102 19.11 19.95 -5.90
N ALA A 103 19.54 19.45 -4.74
CA ALA A 103 19.94 20.29 -3.62
C ALA A 103 21.19 21.10 -3.94
N GLU A 104 22.14 20.52 -4.69
CA GLU A 104 23.32 21.27 -5.14
C GLU A 104 22.93 22.34 -6.16
N ASN A 105 22.04 22.00 -7.10
CA ASN A 105 21.56 22.98 -8.05
C ASN A 105 20.87 24.15 -7.35
N ILE A 106 20.23 23.92 -6.20
CA ILE A 106 19.63 25.02 -5.47
C ILE A 106 20.70 25.88 -4.81
N LEU A 107 21.68 25.24 -4.17
CA LEU A 107 22.50 25.96 -3.20
C LEU A 107 23.82 26.47 -3.76
N PHE A 108 24.45 25.74 -4.69
CA PHE A 108 25.77 26.16 -5.15
C PHE A 108 25.74 27.44 -5.96
N PRO A 109 24.83 27.62 -6.93
CA PRO A 109 24.80 28.92 -7.63
C PRO A 109 24.49 30.08 -6.70
N VAL A 110 23.68 29.84 -5.68
CA VAL A 110 23.36 30.87 -4.70
C VAL A 110 24.60 31.28 -3.93
N LEU A 111 25.44 30.30 -3.55
CA LEU A 111 26.65 30.63 -2.81
C LEU A 111 27.65 31.36 -3.70
N LEU A 112 27.74 30.97 -4.97
CA LEU A 112 28.58 31.68 -5.91
C LEU A 112 28.17 33.14 -6.01
N LYS A 113 26.89 33.39 -6.28
CA LYS A 113 26.40 34.76 -6.43
C LYS A 113 26.57 35.53 -5.12
N TYR A 114 26.37 34.88 -3.99
CA TYR A 114 26.58 35.53 -2.70
C TYR A 114 28.05 35.90 -2.50
N LYS A 115 28.95 34.98 -2.85
CA LYS A 115 30.38 35.29 -2.76
C LYS A 115 30.76 36.48 -3.63
N GLN A 116 30.09 36.64 -4.76
CA GLN A 116 30.44 37.67 -5.75
C GLN A 116 29.81 39.03 -5.45
N LYS A 117 29.23 39.21 -4.26
CA LYS A 117 28.47 40.44 -3.99
C LYS A 117 29.37 41.66 -4.01
N GLU A 118 30.60 41.53 -3.50
CA GLU A 118 31.50 42.66 -3.38
C GLU A 118 32.51 42.70 -4.52
N GLY A 119 32.14 42.18 -5.69
CA GLY A 119 33.13 42.06 -6.75
C GLY A 119 34.19 41.00 -6.52
N LYS A 120 34.03 40.14 -5.52
CA LYS A 120 34.98 39.07 -5.21
C LYS A 120 34.73 37.88 -6.13
N ALA A 121 35.47 36.79 -5.89
CA ALA A 121 35.31 35.54 -6.63
C ALA A 121 35.40 35.78 -8.14
N LYS A 122 36.50 36.43 -8.53
CA LYS A 122 36.80 36.58 -9.95
C LYS A 122 37.20 35.23 -10.55
N ASN A 123 37.95 34.43 -9.80
CA ASN A 123 38.34 33.08 -10.20
C ASN A 123 37.87 32.15 -9.09
N PRO A 124 36.58 31.82 -9.07
CA PRO A 124 36.02 31.07 -7.95
C PRO A 124 36.42 29.60 -7.97
N VAL A 125 36.57 29.04 -6.78
CA VAL A 125 36.85 27.62 -6.62
C VAL A 125 36.06 27.11 -5.43
N PHE A 126 35.70 25.83 -5.49
CA PHE A 126 35.22 25.08 -4.35
C PHE A 126 36.32 24.14 -3.88
N ILE A 127 36.40 23.92 -2.57
CA ILE A 127 37.36 23.01 -1.97
C ILE A 127 36.60 21.96 -1.18
N SER A 128 36.96 20.69 -1.40
CA SER A 128 36.38 19.59 -0.69
C SER A 128 37.47 18.56 -0.40
N ASN A 129 37.23 17.71 0.59
CA ASN A 129 38.07 16.52 0.70
C ASN A 129 37.95 15.69 -0.57
N PHE A 130 36.74 15.56 -1.12
CA PHE A 130 36.59 15.04 -2.46
C PHE A 130 35.17 15.27 -2.98
N HIS A 131 35.02 16.23 -3.89
CA HIS A 131 33.78 16.42 -4.61
C HIS A 131 33.36 15.14 -5.33
N PHE A 132 32.10 14.75 -5.11
N PHE A 132 32.10 14.74 -5.16
CA PHE A 132 31.45 13.72 -5.91
CA PHE A 132 31.63 13.65 -6.02
C PHE A 132 31.17 14.27 -7.31
C PHE A 132 31.09 14.20 -7.34
N ASP A 133 30.81 13.36 -8.22
N ASP A 133 30.77 13.28 -8.25
CA ASP A 133 30.66 13.71 -9.63
CA ASP A 133 30.62 13.60 -9.67
C ASP A 133 29.63 14.81 -9.85
C ASP A 133 29.61 14.74 -9.90
N THR A 134 28.39 14.60 -9.40
CA THR A 134 27.38 15.65 -9.56
C THR A 134 27.81 16.93 -8.84
N THR A 135 28.46 16.78 -7.68
CA THR A 135 28.89 17.96 -6.93
C THR A 135 29.94 18.73 -7.71
N ALA A 136 30.96 18.02 -8.21
CA ALA A 136 32.00 18.64 -9.03
C ALA A 136 31.41 19.18 -10.33
N ALA A 137 30.50 18.44 -10.95
CA ALA A 137 29.86 18.92 -12.18
C ALA A 137 29.16 20.25 -11.95
N HIS A 138 28.42 20.38 -10.83
CA HIS A 138 27.72 21.65 -10.57
C HIS A 138 28.71 22.77 -10.27
N VAL A 139 29.83 22.47 -9.63
CA VAL A 139 30.89 23.47 -9.48
C VAL A 139 31.36 23.95 -10.86
N GLU A 140 31.77 23.02 -11.71
CA GLU A 140 32.33 23.42 -13.01
C GLU A 140 31.25 23.99 -13.93
N LEU A 141 30.00 23.55 -13.81
CA LEU A 141 28.94 24.13 -14.63
C LEU A 141 28.73 25.61 -14.33
N ASN A 142 28.99 26.04 -13.10
CA ASN A 142 28.85 27.45 -12.76
C ASN A 142 30.14 28.24 -12.95
N GLY A 143 31.01 27.80 -13.87
CA GLY A 143 32.24 28.53 -14.12
C GLY A 143 33.23 28.50 -12.98
N CYS A 144 33.08 27.57 -12.05
CA CYS A 144 34.01 27.49 -10.95
C CYS A 144 35.00 26.36 -11.19
N LYS A 145 35.75 26.01 -10.16
CA LYS A 145 36.77 24.99 -10.23
C LYS A 145 36.67 24.16 -8.95
N ALA A 146 36.56 22.85 -9.09
CA ALA A 146 36.44 21.95 -7.94
C ALA A 146 37.82 21.44 -7.54
N ILE A 147 38.19 21.64 -6.28
CA ILE A 147 39.51 21.25 -5.77
C ILE A 147 39.35 20.19 -4.70
N ASN A 148 40.04 19.06 -4.86
CA ASN A 148 39.92 17.94 -3.93
C ASN A 148 41.20 17.76 -3.16
N ILE A 149 41.11 17.72 -1.84
CA ILE A 149 42.32 17.62 -1.01
C ILE A 149 42.22 16.51 0.04
N VAL A 150 41.77 15.32 -0.36
CA VAL A 150 41.72 14.21 0.59
C VAL A 150 43.12 13.85 1.06
N THR A 151 43.21 13.43 2.33
CA THR A 151 44.47 12.91 2.87
C THR A 151 45.05 11.84 1.96
N GLU A 152 46.36 11.92 1.71
CA GLU A 152 47.00 10.94 0.85
C GLU A 152 47.01 9.54 1.46
N LYS A 153 46.68 9.42 2.76
CA LYS A 153 46.51 8.09 3.33
C LYS A 153 45.42 7.29 2.62
N ALA A 154 44.51 7.97 1.91
CA ALA A 154 43.50 7.26 1.13
C ALA A 154 44.09 6.58 -0.10
N PHE A 155 45.28 6.97 -0.54
CA PHE A 155 45.88 6.40 -1.74
C PHE A 155 46.65 5.12 -1.49
N ASP A 156 46.86 4.77 -0.22
CA ASP A 156 47.53 3.52 0.15
C ASP A 156 46.45 2.55 0.60
N SER A 157 45.97 1.74 -0.33
CA SER A 157 44.71 1.01 -0.13
C SER A 157 44.84 -0.10 0.91
N GLU A 158 45.94 -0.86 0.88
CA GLU A 158 46.01 -1.99 1.79
C GLU A 158 46.47 -1.61 3.18
N THR A 159 46.91 -0.36 3.39
CA THR A 159 47.44 0.08 4.68
C THR A 159 46.32 0.72 5.50
N TYR A 160 46.07 0.17 6.68
CA TYR A 160 44.95 0.63 7.50
C TYR A 160 45.14 2.09 7.91
N ASP A 161 44.03 2.82 7.97
CA ASP A 161 43.98 4.13 8.62
C ASP A 161 42.56 4.39 9.09
N ASP A 162 42.44 5.13 10.20
CA ASP A 162 41.11 5.33 10.79
C ASP A 162 40.25 6.31 10.01
N TRP A 163 40.86 7.28 9.34
CA TRP A 163 40.09 8.37 8.74
C TRP A 163 40.59 8.64 7.31
N LYS A 164 40.39 7.67 6.42
CA LYS A 164 40.86 7.87 5.05
C LYS A 164 40.06 8.91 4.29
N GLY A 165 38.99 9.43 4.88
CA GLY A 165 38.22 10.51 4.30
C GLY A 165 38.65 11.91 4.69
N ASP A 166 39.60 12.05 5.62
CA ASP A 166 40.00 13.36 6.14
C ASP A 166 40.41 14.33 5.03
N PHE A 167 40.17 15.62 5.29
CA PHE A 167 40.85 16.69 4.57
C PHE A 167 42.35 16.60 4.80
N ASP A 168 43.10 17.13 3.85
CA ASP A 168 44.51 17.42 4.07
C ASP A 168 44.57 18.88 4.53
N ILE A 169 44.73 19.07 5.84
CA ILE A 169 44.75 20.43 6.40
C ILE A 169 45.86 21.25 5.75
N LYS A 170 47.02 20.63 5.51
CA LYS A 170 48.13 21.34 4.88
C LYS A 170 47.74 21.81 3.49
N LYS A 171 47.13 20.93 2.68
CA LYS A 171 46.69 21.35 1.36
CA LYS A 171 46.68 21.33 1.36
C LYS A 171 45.57 22.38 1.44
N LEU A 172 44.71 22.30 2.47
CA LEU A 172 43.66 23.31 2.61
C LEU A 172 44.25 24.69 2.77
N LYS A 173 45.19 24.85 3.71
CA LYS A 173 45.85 26.15 3.88
C LYS A 173 46.68 26.53 2.65
N GLU A 174 47.28 25.55 1.97
CA GLU A 174 47.99 25.84 0.73
C GLU A 174 47.04 26.41 -0.32
N ASN A 175 45.82 25.86 -0.42
CA ASN A 175 44.90 26.35 -1.45
C ASN A 175 44.29 27.69 -1.08
N ILE A 176 44.06 27.95 0.22
CA ILE A 176 43.60 29.27 0.64
C ILE A 176 44.66 30.32 0.33
N ALA A 177 45.92 29.97 0.54
CA ALA A 177 47.00 30.89 0.22
C ALA A 177 47.07 31.15 -1.28
N GLN A 178 46.91 30.10 -2.09
CA GLN A 178 47.09 30.23 -3.53
C GLN A 178 45.94 31.03 -4.16
N HIS A 179 44.71 30.61 -3.90
CA HIS A 179 43.55 31.22 -4.53
C HIS A 179 43.04 32.45 -3.80
N GLY A 180 43.30 32.59 -2.51
CA GLY A 180 42.74 33.67 -1.73
C GLY A 180 41.36 33.32 -1.20
N ALA A 181 41.07 33.79 0.02
CA ALA A 181 39.78 33.50 0.65
C ALA A 181 38.60 34.08 -0.14
N ASP A 182 38.84 35.15 -0.90
CA ASP A 182 37.79 35.80 -1.67
C ASP A 182 37.39 35.01 -2.89
N ASN A 183 38.17 34.00 -3.28
CA ASN A 183 37.83 33.09 -4.38
C ASN A 183 37.23 31.77 -3.90
N ILE A 184 37.34 31.45 -2.61
CA ILE A 184 36.78 30.20 -2.10
C ILE A 184 35.30 30.41 -1.86
N VAL A 185 34.47 29.93 -2.79
CA VAL A 185 33.02 30.07 -2.63
C VAL A 185 32.55 29.30 -1.41
N ALA A 186 33.03 28.07 -1.25
CA ALA A 186 32.60 27.21 -0.16
C ALA A 186 33.66 26.14 0.04
N ILE A 187 33.65 25.57 1.24
CA ILE A 187 34.32 24.31 1.53
C ILE A 187 33.23 23.27 1.70
N VAL A 188 33.37 22.16 0.98
CA VAL A 188 32.38 21.10 1.01
C VAL A 188 32.98 19.92 1.78
N SER A 189 32.39 19.59 2.92
CA SER A 189 32.82 18.46 3.73
C SER A 189 31.92 17.28 3.35
N THR A 190 32.47 16.33 2.58
CA THR A 190 31.73 15.15 2.15
C THR A 190 31.86 14.05 3.19
N VAL A 191 30.74 13.67 3.81
CA VAL A 191 30.73 12.66 4.87
C VAL A 191 29.71 11.57 4.52
N THR A 192 30.16 10.31 4.48
CA THR A 192 31.54 9.86 4.39
C THR A 192 32.09 10.37 3.08
N CYS A 193 33.37 10.17 2.82
CA CYS A 193 33.99 10.64 1.58
C CYS A 193 33.85 9.54 0.54
N ASN A 194 32.89 9.72 -0.38
CA ASN A 194 32.52 8.64 -1.30
C ASN A 194 33.67 8.26 -2.21
N SER A 195 34.35 9.25 -2.79
CA SER A 195 35.38 8.94 -3.78
C SER A 195 36.57 8.21 -3.16
N ALA A 196 36.85 8.43 -1.88
CA ALA A 196 37.96 7.74 -1.23
C ALA A 196 37.60 6.32 -0.77
N GLY A 197 36.39 5.85 -1.09
CA GLY A 197 36.00 4.52 -0.67
C GLY A 197 35.01 4.50 0.46
N GLY A 198 34.17 5.53 0.55
CA GLY A 198 33.23 5.62 1.66
C GLY A 198 33.90 5.78 3.00
N GLN A 199 35.03 6.44 3.05
CA GLN A 199 35.84 6.47 4.26
C GLN A 199 35.42 7.63 5.16
N PRO A 200 35.44 7.42 6.48
CA PRO A 200 34.94 8.44 7.40
C PRO A 200 35.88 9.62 7.53
N VAL A 201 35.31 10.73 7.99
CA VAL A 201 36.03 11.93 8.34
C VAL A 201 35.91 12.12 9.85
N SER A 202 37.03 12.36 10.52
CA SER A 202 37.02 12.45 11.96
C SER A 202 36.40 13.76 12.44
N MET A 203 35.91 13.74 13.68
CA MET A 203 35.35 14.95 14.26
C MET A 203 36.38 16.05 14.34
N SER A 204 37.61 15.73 14.73
CA SER A 204 38.61 16.78 14.85
C SER A 204 38.98 17.35 13.47
N ASN A 205 39.01 16.49 12.45
CA ASN A 205 39.21 16.98 11.09
C ASN A 205 38.11 17.96 10.69
N LEU A 206 36.84 17.58 10.91
CA LEU A 206 35.73 18.49 10.62
C LEU A 206 35.86 19.77 11.42
N LYS A 207 36.16 19.65 12.71
CA LYS A 207 36.30 20.82 13.57
C LYS A 207 37.43 21.73 13.07
N GLU A 208 38.58 21.14 12.71
CA GLU A 208 39.72 21.96 12.31
C GLU A 208 39.45 22.65 10.96
N VAL A 209 38.80 21.95 10.03
CA VAL A 209 38.46 22.57 8.75
C VAL A 209 37.54 23.75 8.98
N TYR A 210 36.48 23.54 9.77
CA TYR A 210 35.53 24.61 10.02
C TYR A 210 36.17 25.79 10.73
N GLU A 211 37.06 25.52 11.68
CA GLU A 211 37.74 26.63 12.35
C GLU A 211 38.56 27.45 11.36
N ILE A 212 39.34 26.77 10.52
CA ILE A 212 40.12 27.47 9.50
C ILE A 212 39.20 28.24 8.57
N ALA A 213 38.09 27.63 8.18
CA ALA A 213 37.16 28.30 7.28
C ALA A 213 36.58 29.55 7.93
N LYS A 214 36.25 29.49 9.22
CA LYS A 214 35.67 30.66 9.87
C LYS A 214 36.70 31.77 10.06
N GLN A 215 37.97 31.41 10.27
CA GLN A 215 39.01 32.44 10.34
C GLN A 215 39.01 33.29 9.09
N HIS A 216 38.80 32.68 7.93
CA HIS A 216 38.85 33.40 6.66
C HIS A 216 37.48 33.79 6.12
N GLY A 217 36.41 33.50 6.85
CA GLY A 217 35.09 33.85 6.35
C GLY A 217 34.59 33.02 5.19
N ILE A 218 34.99 31.75 5.10
CA ILE A 218 34.55 30.87 4.02
C ILE A 218 33.36 30.05 4.49
N PHE A 219 32.27 30.06 3.70
CA PHE A 219 31.11 29.24 3.97
C PHE A 219 31.48 27.75 3.89
N VAL A 220 30.88 26.93 4.77
CA VAL A 220 31.11 25.49 4.77
C VAL A 220 29.78 24.76 4.59
N VAL A 221 29.72 23.93 3.55
CA VAL A 221 28.57 23.07 3.30
C VAL A 221 28.98 21.63 3.56
N MET A 222 28.17 20.92 4.33
CA MET A 222 28.38 19.50 4.59
C MET A 222 27.57 18.70 3.55
N ASP A 223 28.24 17.94 2.69
CA ASP A 223 27.57 17.00 1.77
C ASP A 223 27.22 15.74 2.56
N SER A 224 25.93 15.53 2.81
CA SER A 224 25.49 14.71 3.94
C SER A 224 24.83 13.40 3.53
N ALA A 225 25.02 12.96 2.28
CA ALA A 225 24.39 11.73 1.81
C ALA A 225 24.63 10.55 2.76
N ARG A 226 25.83 10.44 3.30
CA ARG A 226 26.14 9.29 4.16
C ARG A 226 26.61 9.74 5.52
N PHE A 227 25.92 10.73 6.10
CA PHE A 227 26.34 11.28 7.37
C PHE A 227 26.20 10.27 8.52
N CYS A 228 25.21 9.36 8.45
CA CYS A 228 25.02 8.41 9.53
C CYS A 228 26.14 7.38 9.57
N GLU A 229 26.53 6.84 8.40
CA GLU A 229 27.68 5.95 8.36
C GLU A 229 28.94 6.65 8.89
N ASN A 230 29.14 7.93 8.54
CA ASN A 230 30.27 8.67 9.09
C ASN A 230 30.15 8.79 10.61
N ALA A 231 28.94 9.00 11.11
CA ALA A 231 28.73 9.15 12.55
C ALA A 231 29.04 7.85 13.29
N TYR A 232 28.61 6.71 12.73
CA TYR A 232 28.96 5.42 13.31
C TYR A 232 30.48 5.26 13.42
N PHE A 233 31.20 5.59 12.34
CA PHE A 233 32.65 5.43 12.38
C PHE A 233 33.28 6.32 13.43
N ILE A 234 32.73 7.51 13.65
CA ILE A 234 33.28 8.36 14.71
C ILE A 234 33.11 7.69 16.07
N LYS A 235 31.90 7.20 16.34
CA LYS A 235 31.65 6.50 17.59
C LYS A 235 32.54 5.27 17.74
N ALA A 236 32.76 4.56 16.64
CA ALA A 236 33.51 3.31 16.68
C ALA A 236 34.99 3.54 16.88
N ARG A 237 35.53 4.64 16.36
CA ARG A 237 36.97 4.85 16.29
C ARG A 237 37.48 6.06 17.06
N ASP A 238 36.65 7.09 17.29
CA ASP A 238 37.08 8.23 18.08
C ASP A 238 36.82 7.99 19.56
N PRO A 239 37.84 7.67 20.37
CA PRO A 239 37.56 7.24 21.76
C PRO A 239 36.84 8.28 22.61
N LYS A 240 36.86 9.55 22.21
CA LYS A 240 36.11 10.58 22.91
C LYS A 240 34.59 10.38 22.79
N TYR A 241 34.13 9.69 21.75
CA TYR A 241 32.71 9.43 21.55
C TYR A 241 32.36 7.96 21.75
N LYS A 242 33.14 7.24 22.55
CA LYS A 242 32.88 5.81 22.75
C LYS A 242 31.48 5.59 23.30
N ASN A 243 31.04 6.43 24.24
CA ASN A 243 29.77 6.24 24.93
C ASN A 243 28.70 7.21 24.46
N ALA A 244 28.88 7.84 23.31
CA ALA A 244 27.93 8.78 22.77
C ALA A 244 26.91 8.06 21.90
N THR A 245 25.67 8.56 21.91
CA THR A 245 24.70 8.05 20.96
C THR A 245 25.05 8.54 19.56
N ILE A 246 24.47 7.87 18.56
CA ILE A 246 24.68 8.28 17.18
C ILE A 246 24.17 9.71 16.96
N LYS A 247 22.99 10.01 17.52
CA LYS A 247 22.45 11.36 17.39
C LYS A 247 23.34 12.39 18.07
N GLU A 248 23.99 12.02 19.18
CA GLU A 248 24.95 12.94 19.78
C GLU A 248 26.11 13.20 18.82
N VAL A 249 26.61 12.14 18.16
CA VAL A 249 27.73 12.31 17.24
C VAL A 249 27.33 13.20 16.08
N ILE A 250 26.11 13.00 15.56
CA ILE A 250 25.61 13.80 14.44
C ILE A 250 25.45 15.26 14.86
N PHE A 251 24.82 15.48 16.02
CA PHE A 251 24.65 16.85 16.50
C PHE A 251 25.97 17.61 16.51
N ASP A 252 27.05 16.95 16.94
CA ASP A 252 28.37 17.60 16.99
C ASP A 252 28.97 17.78 15.61
N MET A 253 28.80 16.79 14.73
CA MET A 253 29.29 16.92 13.37
C MET A 253 28.83 18.23 12.76
N TYR A 254 27.55 18.55 12.91
CA TYR A 254 26.96 19.68 12.19
C TYR A 254 27.17 21.01 12.90
N LYS A 255 27.91 21.04 14.02
CA LYS A 255 28.47 22.31 14.46
C LYS A 255 29.61 22.77 13.56
N TYR A 256 30.12 21.90 12.71
CA TYR A 256 31.26 22.25 11.86
C TYR A 256 30.86 22.46 10.41
N ALA A 257 29.65 22.95 10.18
CA ALA A 257 29.25 23.43 8.86
C ALA A 257 28.27 24.57 9.02
N ASP A 258 28.03 25.27 7.92
CA ASP A 258 27.04 26.35 7.85
C ASP A 258 25.75 25.93 7.16
N ALA A 259 25.81 24.93 6.27
CA ALA A 259 24.64 24.39 5.60
C ALA A 259 24.95 22.95 5.23
N LEU A 260 23.92 22.24 4.77
CA LEU A 260 24.12 20.89 4.26
C LEU A 260 23.30 20.68 3.00
N THR A 261 23.82 19.85 2.11
CA THR A 261 23.05 19.31 1.00
C THR A 261 23.06 17.81 1.19
N MET A 262 21.90 17.18 1.13
CA MET A 262 21.82 15.78 1.44
C MET A 262 21.09 15.05 0.33
N SER A 263 21.69 13.99 -0.19
CA SER A 263 20.92 13.04 -0.98
C SER A 263 20.23 12.10 -0.02
N ALA A 264 18.92 12.25 0.13
CA ALA A 264 18.22 11.38 1.07
C ALA A 264 18.02 9.98 0.53
N LYS A 265 18.49 9.72 -0.68
CA LYS A 265 18.40 8.37 -1.26
C LYS A 265 19.47 7.42 -0.73
N LYS A 266 20.36 7.87 0.18
CA LYS A 266 21.36 6.99 0.79
C LYS A 266 20.96 6.78 2.24
N ASP A 267 21.63 7.44 3.21
CA ASP A 267 21.46 7.07 4.61
C ASP A 267 20.03 7.19 5.14
N PRO A 268 19.17 8.11 4.67
CA PRO A 268 17.77 8.11 5.17
C PRO A 268 16.88 7.04 4.54
N LEU A 269 17.44 6.12 3.77
CA LEU A 269 16.73 4.89 3.40
C LEU A 269 15.53 5.17 2.51
N LEU A 270 15.74 6.00 1.49
CA LEU A 270 14.66 6.35 0.60
C LEU A 270 14.93 5.81 -0.81
N ASN A 271 13.93 5.94 -1.67
CA ASN A 271 14.14 5.67 -3.07
C ASN A 271 14.20 6.93 -3.89
N ILE A 272 13.96 8.08 -3.25
CA ILE A 272 14.01 9.38 -3.91
C ILE A 272 14.01 10.40 -2.78
N GLY A 273 14.47 11.62 -3.07
CA GLY A 273 14.43 12.63 -2.03
C GLY A 273 15.77 13.28 -1.73
N GLY A 274 15.75 14.58 -1.46
CA GLY A 274 16.95 15.34 -1.16
C GLY A 274 16.60 16.47 -0.20
N LEU A 275 17.60 17.22 0.23
CA LEU A 275 17.39 18.21 1.29
C LEU A 275 18.52 19.22 1.35
N VAL A 276 18.15 20.50 1.42
CA VAL A 276 19.05 21.58 1.82
C VAL A 276 18.64 22.01 3.22
N ALA A 277 19.61 22.13 4.11
CA ALA A 277 19.34 22.74 5.40
C ALA A 277 20.39 23.81 5.67
N ILE A 278 19.97 24.91 6.25
CA ILE A 278 20.87 26.02 6.58
C ILE A 278 20.76 26.31 8.07
N ARG A 279 21.91 26.52 8.72
CA ARG A 279 21.94 26.64 10.18
C ARG A 279 21.25 27.92 10.65
N ASP A 280 21.71 29.08 10.18
CA ASP A 280 21.12 30.34 10.64
C ASP A 280 21.22 31.49 9.64
N ASN A 281 21.90 31.31 8.51
CA ASN A 281 22.11 32.40 7.56
C ASN A 281 20.83 32.59 6.73
N GLU A 282 20.02 33.57 7.12
CA GLU A 282 18.69 33.73 6.54
C GLU A 282 18.75 34.29 5.12
N GLU A 283 19.75 35.13 4.82
CA GLU A 283 19.89 35.67 3.47
C GLU A 283 20.15 34.56 2.46
N ILE A 284 21.03 33.62 2.79
CA ILE A 284 21.28 32.51 1.89
C ILE A 284 20.01 31.69 1.73
N PHE A 285 19.35 31.35 2.84
CA PHE A 285 18.10 30.63 2.76
C PHE A 285 17.13 31.31 1.80
N THR A 286 16.97 32.63 1.91
CA THR A 286 16.00 33.32 1.06
C THR A 286 16.38 33.19 -0.42
N LEU A 287 17.66 33.42 -0.74
CA LEU A 287 18.10 33.36 -2.13
C LEU A 287 17.98 31.94 -2.66
N ALA A 288 18.24 30.95 -1.79
CA ALA A 288 18.09 29.56 -2.19
C ALA A 288 16.61 29.20 -2.41
N ARG A 289 15.71 29.79 -1.63
CA ARG A 289 14.28 29.63 -1.94
C ARG A 289 13.94 30.26 -3.28
N GLN A 290 14.58 31.38 -3.60
CA GLN A 290 14.28 32.03 -4.87
CA GLN A 290 14.32 32.05 -4.87
C GLN A 290 14.71 31.16 -6.04
N ARG A 291 15.74 30.34 -5.87
CA ARG A 291 16.21 29.41 -6.90
C ARG A 291 15.47 28.08 -6.87
N CYS A 292 15.04 27.64 -5.68
CA CYS A 292 14.26 26.40 -5.60
C CYS A 292 13.00 26.49 -6.46
N VAL A 293 12.33 27.65 -6.46
CA VAL A 293 11.01 27.75 -7.06
C VAL A 293 11.01 27.45 -8.56
N PRO A 294 11.82 28.09 -9.40
CA PRO A 294 11.83 27.72 -10.82
C PRO A 294 12.51 26.40 -11.12
N MET A 295 13.43 25.91 -10.27
CA MET A 295 14.23 24.75 -10.64
C MET A 295 13.63 23.44 -10.17
N GLU A 296 13.07 23.40 -8.96
CA GLU A 296 12.61 22.16 -8.36
C GLU A 296 11.11 22.11 -8.11
N GLY A 297 10.53 23.22 -7.66
CA GLY A 297 9.16 23.23 -7.18
C GLY A 297 8.99 24.27 -6.09
N PHE A 298 7.76 24.35 -5.58
CA PHE A 298 7.48 25.29 -4.51
C PHE A 298 8.30 24.92 -3.27
N VAL A 299 8.55 25.94 -2.44
CA VAL A 299 9.52 25.80 -1.36
C VAL A 299 9.12 24.78 -0.30
N THR A 300 7.87 24.33 -0.23
CA THR A 300 7.48 23.38 0.81
C THR A 300 7.32 21.96 0.31
N TYR A 301 7.72 21.67 -0.95
CA TYR A 301 7.83 20.29 -1.40
C TYR A 301 9.04 20.02 -2.31
N GLY A 302 9.58 21.02 -2.98
CA GLY A 302 10.88 20.91 -3.61
C GLY A 302 11.02 19.82 -4.64
N GLY A 303 9.96 19.52 -5.37
CA GLY A 303 10.05 18.45 -6.33
C GLY A 303 9.82 17.08 -5.75
N LEU A 304 9.32 17.00 -4.52
CA LEU A 304 8.95 15.73 -3.89
C LEU A 304 7.45 15.63 -3.71
N ALA A 305 6.91 14.43 -3.90
CA ALA A 305 5.57 14.14 -3.41
C ALA A 305 5.57 14.26 -1.88
N GLY A 306 4.43 14.64 -1.32
CA GLY A 306 4.37 14.78 0.13
C GLY A 306 4.66 13.47 0.84
N ARG A 307 4.30 12.37 0.19
CA ARG A 307 4.57 11.05 0.76
C ARG A 307 6.05 10.81 0.87
N ASP A 308 6.85 11.37 -0.05
CA ASP A 308 8.28 11.18 0.04
C ASP A 308 8.88 12.02 1.16
N MET A 309 8.37 13.23 1.38
CA MET A 309 8.78 13.96 2.57
C MET A 309 8.38 13.20 3.83
N ALA A 310 7.27 12.45 3.77
CA ALA A 310 6.85 11.72 4.97
C ALA A 310 7.80 10.54 5.23
N ALA A 311 8.14 9.79 4.17
CA ALA A 311 9.15 8.74 4.27
C ALA A 311 10.48 9.29 4.74
N MET A 312 10.84 10.50 4.32
CA MET A 312 12.12 11.06 4.70
C MET A 312 12.18 11.35 6.19
N VAL A 313 11.07 11.83 6.75
CA VAL A 313 11.06 12.12 8.19
C VAL A 313 11.28 10.85 8.98
N GLN A 314 10.60 9.78 8.58
CA GLN A 314 10.76 8.49 9.23
C GLN A 314 12.13 7.89 8.95
N GLY A 315 12.58 7.93 7.70
CA GLY A 315 13.89 7.38 7.36
C GLY A 315 15.02 8.08 8.10
N LEU A 316 14.90 9.40 8.28
CA LEU A 316 15.91 10.13 9.03
C LEU A 316 16.02 9.64 10.46
N GLU A 317 14.98 8.99 10.98
CA GLU A 317 15.11 8.37 12.29
C GLU A 317 15.77 6.99 12.18
N GLU A 318 15.30 6.15 11.24
CA GLU A 318 15.80 4.78 11.17
C GLU A 318 17.26 4.74 10.75
N GLY A 319 17.68 5.64 9.87
CA GLY A 319 19.06 5.70 9.47
C GLY A 319 20.02 5.93 10.60
N THR A 320 19.56 6.53 11.71
CA THR A 320 20.48 6.82 12.82
C THR A 320 20.55 5.70 13.85
N GLU A 321 19.79 4.61 13.69
CA GLU A 321 19.76 3.58 14.72
C GLU A 321 21.04 2.77 14.69
N GLU A 322 21.74 2.75 15.83
CA GLU A 322 23.06 2.13 15.90
C GLU A 322 23.00 0.63 15.59
N GLU A 323 21.92 -0.04 15.99
CA GLU A 323 21.85 -1.47 15.72
C GLU A 323 21.77 -1.72 14.22
N TYR A 324 21.01 -0.90 13.51
CA TYR A 324 20.96 -1.01 12.05
C TYR A 324 22.31 -0.68 11.43
N LEU A 325 22.93 0.42 11.88
CA LEU A 325 24.22 0.82 11.34
C LEU A 325 25.26 -0.27 11.57
N HIS A 326 25.26 -0.87 12.75
CA HIS A 326 26.19 -1.95 13.06
C HIS A 326 26.03 -3.10 12.05
N TYR A 327 24.79 -3.51 11.80
CA TYR A 327 24.57 -4.56 10.80
C TYR A 327 24.98 -4.10 9.42
N ARG A 328 24.49 -2.92 8.99
CA ARG A 328 24.74 -2.43 7.64
C ARG A 328 26.24 -2.30 7.36
N ILE A 329 26.97 -1.64 8.26
CA ILE A 329 28.39 -1.44 8.03
C ILE A 329 29.13 -2.76 8.18
N GLY A 330 28.59 -3.68 8.98
CA GLY A 330 29.22 -4.96 9.17
C GLY A 330 29.03 -5.90 7.99
N GLN A 331 27.89 -5.80 7.32
CA GLN A 331 27.70 -6.56 6.08
C GLN A 331 28.71 -6.13 5.02
N VAL A 332 28.95 -4.82 4.89
CA VAL A 332 29.98 -4.36 3.99
C VAL A 332 31.34 -4.89 4.42
N LYS A 333 31.64 -4.83 5.73
CA LYS A 333 32.91 -5.38 6.21
C LYS A 333 33.01 -6.86 5.91
N TYR A 334 31.89 -7.59 6.06
CA TYR A 334 31.90 -9.02 5.79
C TYR A 334 32.28 -9.31 4.35
N LEU A 335 31.70 -8.58 3.39
CA LEU A 335 32.09 -8.79 2.00
C LEU A 335 33.57 -8.52 1.81
N GLY A 336 34.06 -7.41 2.39
CA GLY A 336 35.44 -7.03 2.16
C GLY A 336 36.41 -8.04 2.72
N ASP A 337 36.13 -8.54 3.92
CA ASP A 337 36.96 -9.57 4.51
C ASP A 337 36.93 -10.85 3.69
N ARG A 338 35.76 -11.25 3.18
CA ARG A 338 35.73 -12.39 2.27
C ARG A 338 36.71 -12.20 1.13
N LEU A 339 36.73 -10.99 0.55
CA LEU A 339 37.65 -10.71 -0.56
C LEU A 339 39.09 -10.63 -0.05
N ARG A 340 39.31 -9.91 1.05
CA ARG A 340 40.66 -9.72 1.53
C ARG A 340 41.28 -11.05 1.95
N GLU A 341 40.50 -11.91 2.58
CA GLU A 341 40.99 -13.23 2.98
C GLU A 341 41.34 -14.10 1.79
N ALA A 342 40.86 -13.75 0.59
CA ALA A 342 41.19 -14.50 -0.61
C ALA A 342 42.22 -13.80 -1.48
N GLY A 343 42.86 -12.76 -0.98
CA GLY A 343 43.89 -12.09 -1.74
C GLY A 343 43.45 -10.91 -2.58
N ILE A 344 42.16 -10.63 -2.65
CA ILE A 344 41.66 -9.52 -3.48
C ILE A 344 41.95 -8.21 -2.79
N PRO A 345 42.72 -7.30 -3.41
CA PRO A 345 43.07 -6.05 -2.75
C PRO A 345 41.89 -5.09 -2.74
N ILE A 346 41.62 -4.50 -1.58
CA ILE A 346 40.51 -3.57 -1.42
C ILE A 346 40.99 -2.39 -0.60
N GLN A 347 40.24 -1.30 -0.67
CA GLN A 347 40.44 -0.21 0.26
C GLN A 347 40.21 -0.72 1.68
N TYR A 348 41.24 -0.64 2.52
CA TYR A 348 41.20 -1.20 3.87
C TYR A 348 41.40 -0.10 4.90
N PRO A 349 40.51 0.04 5.89
CA PRO A 349 39.30 -0.76 6.14
C PRO A 349 38.19 -0.39 5.19
N THR A 350 37.23 -1.30 5.02
CA THR A 350 36.07 -1.01 4.20
C THR A 350 35.30 0.20 4.74
N GLY A 351 34.61 0.89 3.84
CA GLY A 351 33.86 2.08 4.19
C GLY A 351 32.49 1.74 4.73
N GLY A 352 31.56 2.65 4.56
CA GLY A 352 30.24 2.40 5.13
C GLY A 352 29.27 1.75 4.17
N HIS A 353 29.45 1.97 2.86
CA HIS A 353 28.39 1.64 1.92
C HIS A 353 28.83 0.72 0.78
N ALA A 354 30.11 0.38 0.68
CA ALA A 354 30.57 -0.37 -0.47
C ALA A 354 31.96 -0.92 -0.19
N VAL A 355 32.32 -1.97 -0.93
CA VAL A 355 33.69 -2.47 -0.98
C VAL A 355 34.31 -1.96 -2.27
N PHE A 356 35.47 -1.32 -2.14
CA PHE A 356 36.20 -0.75 -3.27
C PHE A 356 37.36 -1.66 -3.57
N VAL A 357 37.30 -2.35 -4.71
CA VAL A 357 38.35 -3.26 -5.14
C VAL A 357 39.39 -2.47 -5.92
N ASP A 358 40.63 -2.54 -5.48
CA ASP A 358 41.74 -1.81 -6.11
C ASP A 358 42.13 -2.55 -7.38
N CYS A 359 41.73 -2.02 -8.53
CA CYS A 359 42.04 -2.66 -9.80
C CYS A 359 43.39 -2.27 -10.36
N LYS A 360 44.02 -1.21 -9.82
CA LYS A 360 45.42 -0.95 -10.14
C LYS A 360 46.28 -2.18 -9.86
N LYS A 361 46.02 -2.85 -8.74
CA LYS A 361 46.79 -4.03 -8.37
C LYS A 361 46.25 -5.31 -9.01
N LEU A 362 44.99 -5.31 -9.43
CA LEU A 362 44.36 -6.52 -9.91
C LEU A 362 44.60 -6.73 -11.41
N VAL A 363 44.63 -5.66 -12.18
CA VAL A 363 44.86 -5.74 -13.62
C VAL A 363 45.89 -4.68 -14.01
N PRO A 364 47.14 -4.80 -13.54
CA PRO A 364 48.13 -3.73 -13.77
C PRO A 364 48.54 -3.54 -15.23
N GLN A 365 48.25 -4.51 -16.11
CA GLN A 365 48.62 -4.42 -17.51
C GLN A 365 47.74 -3.46 -18.32
N ILE A 366 46.77 -2.81 -17.69
CA ILE A 366 45.92 -1.81 -18.34
C ILE A 366 46.25 -0.45 -17.74
N PRO A 367 46.58 0.56 -18.54
CA PRO A 367 46.74 1.90 -18.00
C PRO A 367 45.41 2.50 -17.61
N GLY A 368 45.46 3.49 -16.70
CA GLY A 368 44.24 4.08 -16.18
C GLY A 368 43.39 4.74 -17.25
N ASP A 369 44.02 5.35 -18.26
CA ASP A 369 43.30 5.97 -19.36
C ASP A 369 42.51 4.96 -20.18
N GLN A 370 42.83 3.67 -20.07
CA GLN A 370 42.07 2.60 -20.71
C GLN A 370 41.11 1.92 -19.73
N PHE A 371 40.91 2.49 -18.55
CA PHE A 371 39.88 2.09 -17.61
C PHE A 371 40.07 0.65 -17.18
N PRO A 372 41.05 0.38 -16.30
CA PRO A 372 41.25 -1.01 -15.85
C PRO A 372 40.09 -1.53 -15.01
N ALA A 373 39.56 -0.70 -14.12
CA ALA A 373 38.46 -1.16 -13.27
C ALA A 373 37.21 -1.49 -14.08
N GLN A 374 36.97 -0.78 -15.18
CA GLN A 374 35.80 -1.09 -16.00
C GLN A 374 35.94 -2.43 -16.71
N ALA A 375 37.16 -2.87 -17.00
CA ALA A 375 37.34 -4.18 -17.58
C ALA A 375 37.03 -5.28 -16.56
N VAL A 376 37.37 -5.05 -15.29
CA VAL A 376 37.05 -6.02 -14.25
C VAL A 376 35.54 -6.10 -14.03
N ILE A 377 34.88 -4.94 -14.02
CA ILE A 377 33.44 -4.88 -13.84
C ILE A 377 32.75 -5.65 -14.95
N ASN A 378 33.14 -5.39 -16.20
CA ASN A 378 32.49 -6.07 -17.32
C ASN A 378 32.71 -7.57 -17.22
N ALA A 379 33.91 -7.99 -16.85
CA ALA A 379 34.18 -9.40 -16.65
C ALA A 379 33.35 -9.99 -15.52
N LEU A 380 33.24 -9.28 -14.40
CA LEU A 380 32.40 -9.77 -13.30
C LEU A 380 30.96 -9.96 -13.76
N TYR A 381 30.42 -8.98 -14.48
CA TYR A 381 29.04 -9.10 -14.95
C TYR A 381 28.85 -10.32 -15.85
N LEU A 382 29.80 -10.56 -16.76
CA LEU A 382 29.64 -11.64 -17.74
C LEU A 382 29.69 -13.01 -17.08
N GLU A 383 30.42 -13.14 -15.98
CA GLU A 383 30.59 -14.41 -15.30
CA GLU A 383 30.58 -14.42 -15.32
C GLU A 383 29.54 -14.65 -14.23
N SER A 384 28.82 -13.61 -13.81
CA SER A 384 27.89 -13.75 -12.69
C SER A 384 26.60 -12.94 -12.79
N GLY A 385 26.53 -11.88 -13.60
CA GLY A 385 25.35 -11.05 -13.61
C GLY A 385 25.32 -9.97 -12.52
N VAL A 386 26.33 -9.92 -11.67
CA VAL A 386 26.47 -8.80 -10.75
C VAL A 386 26.90 -7.57 -11.55
N ARG A 387 26.21 -6.46 -11.34
CA ARG A 387 26.57 -5.19 -11.96
C ARG A 387 27.21 -4.29 -10.90
N ALA A 388 28.44 -3.86 -11.14
CA ALA A 388 29.14 -2.92 -10.27
C ALA A 388 29.50 -1.66 -11.07
N VAL A 389 30.17 -0.71 -10.41
CA VAL A 389 30.41 0.60 -11.01
C VAL A 389 31.86 1.01 -10.82
N GLU A 390 32.37 1.79 -11.77
CA GLU A 390 33.75 2.25 -11.78
C GLU A 390 33.87 3.56 -11.00
N ILE A 391 34.90 3.66 -10.16
CA ILE A 391 35.24 4.89 -9.46
C ILE A 391 36.72 5.16 -9.69
N GLY A 392 37.09 5.47 -10.93
CA GLY A 392 38.47 5.72 -11.29
C GLY A 392 38.58 6.75 -12.39
N SER A 393 39.42 6.48 -13.39
CA SER A 393 39.66 7.46 -14.44
C SER A 393 38.43 7.66 -15.33
N PHE A 394 37.65 6.61 -15.55
CA PHE A 394 36.41 6.74 -16.32
C PHE A 394 35.48 7.77 -15.69
N LEU A 395 35.25 7.65 -14.38
CA LEU A 395 34.37 8.56 -13.66
C LEU A 395 34.96 9.95 -13.43
N LEU A 396 36.28 10.06 -13.23
CA LEU A 396 36.89 11.35 -12.91
C LEU A 396 36.68 12.38 -14.02
N GLY A 397 36.56 11.93 -15.27
CA GLY A 397 36.34 12.84 -16.37
C GLY A 397 37.62 13.57 -16.76
N ARG A 398 37.44 14.64 -17.53
CA ARG A 398 38.53 15.48 -18.03
C ARG A 398 38.56 16.81 -17.30
N ASP A 399 39.66 17.54 -17.49
CA ASP A 399 39.83 18.84 -16.85
C ASP A 399 39.15 19.93 -17.68
N PRO A 400 38.25 20.73 -17.10
CA PRO A 400 37.56 21.75 -17.89
C PRO A 400 38.47 22.81 -18.47
N ALA A 401 39.67 23.00 -17.92
CA ALA A 401 40.58 24.02 -18.43
C ALA A 401 41.39 23.51 -19.61
N THR A 402 41.97 22.31 -19.49
CA THR A 402 42.83 21.75 -20.52
C THR A 402 42.07 20.86 -21.50
N GLY A 403 41.18 20.01 -21.00
CA GLY A 403 40.48 19.06 -21.82
C GLY A 403 41.08 17.66 -21.85
N GLU A 404 42.04 17.38 -20.98
CA GLU A 404 42.68 16.08 -20.92
C GLU A 404 42.22 15.32 -19.67
N GLN A 405 42.55 14.04 -19.63
CA GLN A 405 42.14 13.18 -18.52
C GLN A 405 42.65 13.75 -17.20
N LYS A 406 41.80 13.71 -16.18
CA LYS A 406 42.21 14.12 -14.85
C LYS A 406 43.02 13.00 -14.20
N HIS A 407 44.08 13.38 -13.49
CA HIS A 407 44.95 12.40 -12.86
C HIS A 407 44.19 11.66 -11.78
N ALA A 408 43.99 10.36 -11.98
CA ALA A 408 43.31 9.53 -11.00
C ALA A 408 44.35 8.81 -10.16
N ASP A 409 44.35 9.10 -8.87
CA ASP A 409 45.21 8.40 -7.94
C ASP A 409 44.60 7.10 -7.42
N MET A 410 43.41 6.73 -7.91
CA MET A 410 42.70 5.55 -7.43
C MET A 410 41.89 4.94 -8.58
N GLU A 411 42.07 3.65 -8.83
CA GLU A 411 41.32 2.91 -9.84
C GLU A 411 40.52 1.80 -9.15
N PHE A 412 39.27 2.11 -8.80
CA PHE A 412 38.44 1.24 -7.99
C PHE A 412 37.27 0.70 -8.80
N MET A 413 36.96 -0.57 -8.58
CA MET A 413 35.64 -1.09 -8.87
C MET A 413 34.86 -1.04 -7.57
N ARG A 414 33.68 -0.46 -7.62
CA ARG A 414 32.89 -0.27 -6.41
C ARG A 414 31.76 -1.29 -6.36
N LEU A 415 31.77 -2.13 -5.33
CA LEU A 415 30.68 -3.05 -5.04
C LEU A 415 29.77 -2.33 -4.05
N THR A 416 28.76 -1.65 -4.59
CA THR A 416 27.92 -0.75 -3.79
C THR A 416 26.72 -1.50 -3.24
N ILE A 417 26.51 -1.42 -1.93
CA ILE A 417 25.52 -2.26 -1.26
C ILE A 417 24.33 -1.41 -0.85
N ALA A 418 23.15 -1.72 -1.42
CA ALA A 418 21.91 -1.13 -0.95
C ALA A 418 21.64 -1.50 0.51
N ARG A 419 20.91 -0.62 1.19
CA ARG A 419 20.59 -0.80 2.61
C ARG A 419 19.38 -1.71 2.79
N ARG A 420 19.58 -2.83 3.50
CA ARG A 420 18.52 -3.73 3.92
C ARG A 420 17.88 -4.47 2.75
N VAL A 421 18.66 -4.77 1.71
CA VAL A 421 18.15 -5.34 0.47
C VAL A 421 18.67 -6.74 0.24
N TYR A 422 19.99 -6.95 0.39
CA TYR A 422 20.65 -8.23 0.16
C TYR A 422 21.13 -8.82 1.48
N THR A 423 21.18 -10.14 1.52
CA THR A 423 21.65 -10.87 2.68
C THR A 423 23.13 -11.16 2.57
N ASN A 424 23.70 -11.68 3.67
CA ASN A 424 25.08 -12.10 3.62
C ASN A 424 25.30 -13.23 2.61
N ASP A 425 24.26 -13.99 2.29
CA ASP A 425 24.43 -15.01 1.26
C ASP A 425 24.53 -14.40 -0.13
N HIS A 426 23.83 -13.29 -0.39
CA HIS A 426 24.14 -12.56 -1.61
C HIS A 426 25.59 -12.08 -1.60
N MET A 427 26.04 -11.54 -0.46
CA MET A 427 27.46 -11.21 -0.32
C MET A 427 28.35 -12.39 -0.65
N ASP A 428 28.04 -13.58 -0.12
CA ASP A 428 28.86 -14.74 -0.47
C ASP A 428 28.85 -14.97 -1.97
N TYR A 429 27.70 -14.76 -2.61
CA TYR A 429 27.64 -14.95 -4.06
C TYR A 429 28.55 -13.95 -4.77
N ILE A 430 28.51 -12.67 -4.37
CA ILE A 430 29.39 -11.67 -4.97
C ILE A 430 30.85 -12.06 -4.79
N ALA A 431 31.24 -12.36 -3.55
CA ALA A 431 32.63 -12.70 -3.27
C ALA A 431 33.10 -13.89 -4.10
N ASP A 432 32.33 -14.99 -4.11
CA ASP A 432 32.77 -16.20 -4.81
C ASP A 432 32.89 -15.98 -6.32
N ALA A 433 32.04 -15.11 -6.90
CA ALA A 433 32.11 -14.85 -8.33
C ALA A 433 33.37 -14.07 -8.69
N LEU A 434 33.71 -13.09 -7.86
CA LEU A 434 34.94 -12.32 -8.10
C LEU A 434 36.17 -13.14 -7.76
N ILE A 435 36.13 -13.89 -6.65
CA ILE A 435 37.24 -14.77 -6.30
C ILE A 435 37.49 -15.78 -7.41
N GLY A 436 36.42 -16.32 -7.99
CA GLY A 436 36.57 -17.29 -9.06
C GLY A 436 37.23 -16.75 -10.32
N LEU A 437 37.43 -15.44 -10.41
CA LEU A 437 38.02 -14.82 -11.58
C LEU A 437 39.53 -14.65 -11.47
N LYS A 438 40.16 -15.30 -10.49
CA LYS A 438 41.57 -15.05 -10.23
C LYS A 438 42.42 -15.27 -11.46
N GLU A 439 42.06 -16.24 -12.30
CA GLU A 439 42.91 -16.58 -13.45
C GLU A 439 42.70 -15.61 -14.60
N LYS A 440 41.46 -15.18 -14.83
CA LYS A 440 41.15 -14.35 -15.99
C LYS A 440 41.73 -12.95 -15.91
N PHE A 441 42.00 -12.44 -14.69
CA PHE A 441 42.43 -11.05 -14.53
C PHE A 441 43.61 -10.70 -15.42
N ALA A 442 44.59 -11.61 -15.52
CA ALA A 442 45.81 -11.30 -16.25
C ALA A 442 45.53 -10.98 -17.71
N THR A 443 44.51 -11.62 -18.28
CA THR A 443 44.24 -11.55 -19.72
C THR A 443 43.02 -10.68 -20.03
N LEU A 444 42.88 -9.56 -19.33
CA LEU A 444 41.79 -8.62 -19.59
C LEU A 444 42.32 -7.44 -20.40
N LYS A 445 41.44 -6.91 -21.25
CA LYS A 445 41.78 -5.83 -22.18
C LYS A 445 41.01 -4.56 -21.84
N GLY A 446 41.68 -3.42 -21.97
CA GLY A 446 41.09 -2.12 -21.70
C GLY A 446 40.02 -1.76 -22.72
N LEU A 447 39.59 -0.51 -22.65
CA LEU A 447 38.42 -0.04 -23.38
C LEU A 447 38.66 1.35 -23.96
N GLU A 448 38.03 1.62 -25.11
CA GLU A 448 38.20 2.88 -25.83
C GLU A 448 36.83 3.50 -26.11
N PHE A 449 36.78 4.83 -26.08
CA PHE A 449 35.53 5.54 -26.27
C PHE A 449 34.96 5.32 -27.66
N GLU A 450 33.64 5.14 -27.72
CA GLU A 450 32.84 5.28 -28.94
C GLU A 450 32.02 6.55 -28.95
N TYR A 451 31.49 6.96 -27.80
CA TYR A 451 30.73 8.20 -27.67
C TYR A 451 31.00 8.75 -26.28
N GLU A 452 31.48 9.99 -26.20
CA GLU A 452 31.78 10.60 -24.91
C GLU A 452 31.00 11.90 -24.77
N PRO A 453 30.08 11.98 -23.80
CA PRO A 453 29.47 13.27 -23.49
C PRO A 453 30.48 14.17 -22.81
N PRO A 454 30.32 15.49 -22.92
CA PRO A 454 31.33 16.41 -22.36
C PRO A 454 31.27 16.58 -20.86
N VAL A 455 30.15 16.25 -20.21
CA VAL A 455 30.00 16.38 -18.76
C VAL A 455 29.38 15.09 -18.23
N LEU A 456 29.98 14.54 -17.16
CA LEU A 456 29.58 13.26 -16.60
C LEU A 456 29.50 12.19 -17.69
N ARG A 457 30.66 11.90 -18.28
CA ARG A 457 30.73 11.02 -19.45
C ARG A 457 30.31 9.59 -19.11
N HIS A 458 30.71 9.09 -17.93
CA HIS A 458 30.58 7.67 -17.64
C HIS A 458 29.13 7.18 -17.61
N PHE A 459 28.17 8.08 -17.39
CA PHE A 459 26.78 7.67 -17.26
C PHE A 459 26.23 7.12 -18.58
N THR A 460 26.54 7.76 -19.69
CA THR A 460 25.92 7.39 -20.96
C THR A 460 26.95 7.04 -22.03
N ALA A 461 28.24 6.99 -21.67
CA ALA A 461 29.26 6.72 -22.67
C ALA A 461 29.11 5.28 -23.20
N ARG A 462 29.55 5.07 -24.44
CA ARG A 462 29.62 3.73 -25.00
C ARG A 462 31.07 3.43 -25.32
N LEU A 463 31.49 2.19 -25.02
CA LEU A 463 32.89 1.79 -25.13
C LEU A 463 33.03 0.57 -26.04
N LYS A 464 34.27 0.30 -26.43
CA LYS A 464 34.66 -0.88 -27.18
C LYS A 464 35.97 -1.40 -26.61
N PRO A 465 36.15 -2.72 -26.56
CA PRO A 465 37.42 -3.26 -26.04
C PRO A 465 38.59 -2.82 -26.89
N ILE A 466 39.79 -3.05 -26.36
CA ILE A 466 41.04 -2.79 -27.08
C ILE A 466 41.59 -4.13 -27.53
N GLU A 467 41.71 -4.29 -28.84
CA GLU A 467 42.17 -5.54 -29.48
C GLU A 467 41.33 -6.72 -28.99
N ALA B 2 -27.38 24.55 -13.75
CA ALA B 2 -26.13 23.82 -13.60
C ALA B 2 -26.41 22.33 -13.57
N LYS B 3 -25.59 21.53 -14.25
CA LYS B 3 -25.79 20.09 -14.31
C LYS B 3 -24.68 19.36 -13.55
N ARG B 4 -25.07 18.34 -12.77
CA ARG B 4 -24.15 17.48 -12.05
CA ARG B 4 -24.15 17.48 -12.04
C ARG B 4 -23.96 16.18 -12.82
N ILE B 5 -22.71 15.78 -13.00
CA ILE B 5 -22.35 14.58 -13.74
C ILE B 5 -21.82 13.54 -12.77
N VAL B 6 -22.41 12.35 -12.80
CA VAL B 6 -22.02 11.30 -11.88
C VAL B 6 -20.57 10.86 -12.13
N GLU B 7 -19.88 10.49 -11.06
CA GLU B 7 -18.52 9.97 -11.17
C GLU B 7 -18.50 8.63 -11.89
N PRO B 8 -17.58 8.44 -12.85
CA PRO B 8 -17.39 7.10 -13.45
C PRO B 8 -16.48 6.21 -12.61
N PHE B 9 -16.58 6.29 -11.29
CA PHE B 9 -15.74 5.53 -10.38
C PHE B 9 -16.37 5.60 -8.99
N ARG B 10 -15.87 4.77 -8.08
CA ARG B 10 -16.29 4.90 -6.71
C ARG B 10 -15.07 5.13 -5.83
N ILE B 11 -15.33 5.53 -4.60
CA ILE B 11 -14.27 5.91 -3.69
C ILE B 11 -13.70 4.66 -3.03
N LYS B 12 -12.38 4.56 -3.01
CA LYS B 12 -11.67 3.45 -2.38
C LYS B 12 -10.89 3.87 -1.15
N MET B 13 -10.45 5.12 -1.06
CA MET B 13 -9.77 5.57 0.14
C MET B 13 -10.06 7.04 0.35
N VAL B 14 -10.25 7.44 1.60
CA VAL B 14 -10.59 8.81 1.92
C VAL B 14 -9.51 9.40 2.84
N GLU B 15 -9.53 10.72 2.95
CA GLU B 15 -8.61 11.51 3.75
C GLU B 15 -9.44 12.61 4.41
N LYS B 16 -9.35 12.72 5.72
CA LYS B 16 -10.13 13.72 6.43
C LYS B 16 -9.73 15.14 6.02
N ILE B 17 -10.73 16.04 5.94
CA ILE B 17 -10.49 17.48 5.83
C ILE B 17 -11.25 18.16 6.95
N ARG B 18 -10.92 19.43 7.18
CA ARG B 18 -11.45 20.12 8.35
C ARG B 18 -11.62 21.61 8.02
N VAL B 19 -12.67 22.21 8.56
CA VAL B 19 -12.92 23.64 8.44
C VAL B 19 -12.32 24.32 9.66
N PRO B 20 -11.28 25.15 9.52
CA PRO B 20 -10.77 25.89 10.68
C PRO B 20 -11.72 27.01 11.08
N SER B 21 -11.75 27.31 12.37
CA SER B 21 -12.65 28.36 12.84
C SER B 21 -12.25 29.72 12.27
N ARG B 22 -13.22 30.63 12.22
CA ARG B 22 -12.96 31.96 11.68
CA ARG B 22 -12.96 31.96 11.68
C ARG B 22 -11.74 32.59 12.32
N GLU B 23 -11.60 32.46 13.64
CA GLU B 23 -10.46 33.04 14.33
C GLU B 23 -9.14 32.45 13.81
N GLU B 24 -9.10 31.14 13.60
CA GLU B 24 -7.88 30.51 13.10
C GLU B 24 -7.55 31.02 11.69
N ARG B 25 -8.58 31.27 10.88
CA ARG B 25 -8.29 31.70 9.51
C ARG B 25 -7.72 33.12 9.49
N GLU B 26 -8.19 33.96 10.39
CA GLU B 26 -7.68 35.34 10.45
C GLU B 26 -6.25 35.38 10.97
N ALA B 27 -5.95 34.59 12.01
CA ALA B 27 -4.58 34.48 12.49
C ALA B 27 -3.68 33.90 11.42
N ALA B 28 -4.13 32.83 10.77
CA ALA B 28 -3.30 32.16 9.77
C ALA B 28 -2.96 33.08 8.61
N LEU B 29 -3.92 33.89 8.17
CA LEU B 29 -3.66 34.73 7.00
C LEU B 29 -2.69 35.85 7.35
N LYS B 30 -2.86 36.48 8.51
CA LYS B 30 -1.90 37.46 8.97
C LYS B 30 -0.51 36.86 9.05
N GLU B 31 -0.39 35.68 9.65
CA GLU B 31 0.90 34.99 9.69
C GLU B 31 1.43 34.71 8.29
N ALA B 32 0.53 34.39 7.35
CA ALA B 32 0.96 34.08 5.99
C ALA B 32 1.27 35.34 5.17
N GLY B 33 1.41 36.49 5.81
CA GLY B 33 1.63 37.73 5.09
C GLY B 33 0.56 38.03 4.08
N TYR B 34 -0.69 37.64 4.36
CA TYR B 34 -1.81 37.82 3.43
C TYR B 34 -1.51 37.24 2.06
N ASN B 35 -0.68 36.20 2.02
CA ASN B 35 -0.39 35.42 0.81
C ASN B 35 -0.75 33.98 1.12
N PRO B 36 -1.90 33.48 0.64
CA PRO B 36 -2.30 32.10 0.98
C PRO B 36 -1.27 31.06 0.59
N PHE B 37 -0.31 31.37 -0.29
CA PHE B 37 0.78 30.45 -0.55
C PHE B 37 1.56 30.12 0.71
N LEU B 38 1.61 31.04 1.68
CA LEU B 38 2.35 30.76 2.90
C LEU B 38 1.47 30.18 4.01
N LEU B 39 0.19 29.87 3.71
CA LEU B 39 -0.68 29.18 4.65
C LEU B 39 -0.30 27.70 4.76
N PRO B 40 -0.24 27.15 5.97
CA PRO B 40 -0.13 25.70 6.10
C PRO B 40 -1.43 25.04 5.70
N SER B 41 -1.32 23.86 5.09
CA SER B 41 -2.52 23.13 4.67
C SER B 41 -3.42 22.81 5.84
N SER B 42 -2.86 22.70 7.05
CA SER B 42 -3.66 22.50 8.24
C SER B 42 -4.65 23.63 8.49
N ALA B 43 -4.50 24.76 7.80
CA ALA B 43 -5.40 25.90 7.97
C ALA B 43 -6.29 26.10 6.76
N VAL B 44 -6.34 25.11 5.88
CA VAL B 44 -7.11 25.19 4.65
C VAL B 44 -8.16 24.10 4.70
N TYR B 45 -9.40 24.46 4.41
CA TYR B 45 -10.49 23.50 4.29
C TYR B 45 -10.41 22.78 2.95
N ILE B 46 -11.03 23.35 1.93
CA ILE B 46 -10.90 22.84 0.58
C ILE B 46 -9.81 23.64 -0.10
N ASP B 47 -8.86 22.95 -0.74
CA ASP B 47 -7.69 23.59 -1.31
C ASP B 47 -7.84 23.66 -2.83
N LEU B 48 -7.99 24.87 -3.35
CA LEU B 48 -8.09 25.10 -4.78
C LEU B 48 -6.92 25.92 -5.31
N LEU B 49 -5.76 25.78 -4.68
CA LEU B 49 -4.60 26.54 -5.12
C LEU B 49 -4.12 26.03 -6.46
N THR B 50 -4.23 24.72 -6.70
CA THR B 50 -3.73 24.17 -7.95
C THR B 50 -4.36 22.81 -8.17
N ASP B 51 -4.34 22.38 -9.43
CA ASP B 51 -4.68 21.03 -9.83
C ASP B 51 -3.45 20.19 -10.12
N SER B 52 -2.31 20.57 -9.54
CA SER B 52 -1.03 19.95 -9.85
C SER B 52 -0.57 19.16 -8.64
N GLY B 53 -0.42 17.84 -8.81
CA GLY B 53 0.14 17.02 -7.76
C GLY B 53 -0.81 16.66 -6.64
N THR B 54 -2.03 17.17 -6.67
CA THR B 54 -3.05 16.95 -5.64
C THR B 54 -4.13 15.96 -6.07
N ASN B 55 -3.92 15.24 -7.17
CA ASN B 55 -4.93 14.36 -7.73
C ASN B 55 -5.07 13.09 -6.90
N ALA B 56 -6.25 12.48 -6.98
CA ALA B 56 -6.46 11.16 -6.41
C ALA B 56 -6.13 10.11 -7.46
N MET B 57 -5.26 9.18 -7.08
CA MET B 57 -4.86 8.10 -7.96
C MET B 57 -5.85 6.96 -7.87
N SER B 58 -5.82 6.11 -8.88
CA SER B 58 -6.63 4.90 -8.86
C SER B 58 -5.91 3.78 -8.13
N ASP B 59 -6.64 2.69 -7.87
CA ASP B 59 -6.03 1.51 -7.27
C ASP B 59 -5.02 0.85 -8.23
N HIS B 60 -5.25 0.90 -9.55
CA HIS B 60 -4.25 0.36 -10.46
C HIS B 60 -2.96 1.17 -10.41
N GLN B 61 -3.08 2.47 -10.20
CA GLN B 61 -1.87 3.29 -10.07
C GLN B 61 -1.09 2.93 -8.82
N TRP B 62 -1.77 2.70 -7.71
CA TRP B 62 -1.07 2.28 -6.50
C TRP B 62 -0.48 0.89 -6.65
N ALA B 63 -1.20 -0.03 -7.29
CA ALA B 63 -0.62 -1.36 -7.54
C ALA B 63 0.64 -1.25 -8.38
N ALA B 64 0.63 -0.34 -9.36
CA ALA B 64 1.81 -0.10 -10.19
C ALA B 64 2.98 0.40 -9.34
N MET B 65 2.70 1.27 -8.38
CA MET B 65 3.78 1.76 -7.53
C MET B 65 4.36 0.65 -6.67
N ILE B 66 3.52 -0.29 -6.21
CA ILE B 66 4.00 -1.34 -5.31
C ILE B 66 5.02 -2.23 -6.00
N THR B 67 4.82 -2.47 -7.30
CA THR B 67 5.75 -3.28 -8.09
C THR B 67 6.72 -2.43 -8.91
N GLY B 68 6.81 -1.14 -8.62
CA GLY B 68 7.76 -0.30 -9.34
C GLY B 68 9.18 -0.77 -9.14
N ASP B 69 9.94 -0.77 -10.24
CA ASP B 69 11.35 -1.16 -10.24
C ASP B 69 12.20 0.05 -9.88
N GLU B 70 12.81 0.02 -8.71
CA GLU B 70 13.59 1.14 -8.22
C GLU B 70 15.05 1.11 -8.67
N ALA B 71 15.38 0.28 -9.66
CA ALA B 71 16.74 0.22 -10.21
C ALA B 71 17.25 1.60 -10.65
N TYR B 72 18.49 1.92 -10.26
CA TYR B 72 19.07 3.20 -10.62
C TYR B 72 19.13 3.38 -12.13
N ALA B 73 19.60 2.37 -12.85
CA ALA B 73 19.75 2.43 -14.30
C ALA B 73 18.96 1.29 -14.95
N GLY B 74 18.08 1.64 -15.89
CA GLY B 74 17.40 0.61 -16.65
C GLY B 74 16.15 0.03 -16.00
N SER B 75 15.49 0.81 -15.16
CA SER B 75 14.23 0.37 -14.56
C SER B 75 13.28 -0.10 -15.65
N ARG B 76 12.61 -1.23 -15.42
CA ARG B 76 11.65 -1.69 -16.42
CA ARG B 76 11.65 -1.70 -16.41
C ARG B 76 10.53 -0.69 -16.61
N ASN B 77 10.26 0.17 -15.62
CA ASN B 77 9.21 1.17 -15.80
C ASN B 77 9.63 2.27 -16.77
N TYR B 78 10.91 2.60 -16.83
CA TYR B 78 11.40 3.51 -17.85
C TYR B 78 11.03 3.00 -19.25
N TYR B 79 11.30 1.72 -19.50
CA TYR B 79 11.00 1.17 -20.82
C TYR B 79 9.50 1.12 -21.08
N ASP B 80 8.68 0.87 -20.05
CA ASP B 80 7.23 0.92 -20.27
C ASP B 80 6.79 2.33 -20.60
N LEU B 81 7.33 3.32 -19.87
CA LEU B 81 7.08 4.71 -20.20
C LEU B 81 7.45 5.01 -21.66
N LYS B 82 8.60 4.49 -22.13
CA LYS B 82 9.02 4.82 -23.50
C LYS B 82 8.09 4.18 -24.52
N ASP B 83 7.56 2.99 -24.23
CA ASP B 83 6.57 2.41 -25.12
C ASP B 83 5.27 3.20 -25.09
N LYS B 84 4.92 3.79 -23.94
CA LYS B 84 3.63 4.48 -23.85
C LYS B 84 3.67 5.79 -24.62
N ALA B 85 4.81 6.49 -24.57
CA ALA B 85 4.99 7.69 -25.38
C ALA B 85 4.93 7.35 -26.86
N LYS B 86 5.54 6.23 -27.26
CA LYS B 86 5.46 5.84 -28.66
C LYS B 86 4.03 5.52 -29.05
N GLU B 87 3.22 5.00 -28.12
CA GLU B 87 1.84 4.67 -28.46
C GLU B 87 0.99 5.93 -28.54
N LEU B 88 1.09 6.80 -27.53
CA LEU B 88 0.22 7.97 -27.44
C LEU B 88 0.60 9.02 -28.46
N PHE B 89 1.88 9.36 -28.55
CA PHE B 89 2.32 10.51 -29.34
C PHE B 89 3.00 10.13 -30.64
N ASN B 90 3.44 8.88 -30.78
CA ASN B 90 4.28 8.43 -31.90
C ASN B 90 5.69 9.02 -31.80
N TYR B 91 6.05 9.52 -30.63
CA TYR B 91 7.40 10.02 -30.40
C TYR B 91 8.30 8.87 -29.98
N ASP B 92 9.58 8.97 -30.36
CA ASP B 92 10.53 7.87 -30.25
C ASP B 92 11.51 8.00 -29.09
N TYR B 93 11.59 9.16 -28.43
CA TYR B 93 12.59 9.39 -27.40
C TYR B 93 11.93 10.01 -26.19
N ILE B 94 12.26 9.50 -25.00
CA ILE B 94 11.74 10.06 -23.76
C ILE B 94 12.89 10.33 -22.79
N ILE B 95 12.71 11.35 -21.97
CA ILE B 95 13.55 11.60 -20.82
C ILE B 95 12.60 11.92 -19.68
N PRO B 96 12.54 11.12 -18.62
CA PRO B 96 11.67 11.48 -17.50
C PRO B 96 12.30 12.62 -16.72
N ALA B 97 11.45 13.40 -16.08
CA ALA B 97 11.87 14.53 -15.26
C ALA B 97 11.05 14.51 -13.99
N HIS B 98 11.51 15.25 -12.97
CA HIS B 98 10.77 15.10 -11.72
C HIS B 98 9.43 15.81 -11.77
N GLN B 99 9.32 16.93 -12.49
CA GLN B 99 8.03 17.50 -12.79
C GLN B 99 8.21 18.43 -13.99
N GLY B 100 7.18 19.22 -14.27
CA GLY B 100 7.12 19.96 -15.51
C GLY B 100 8.23 20.97 -15.63
N ARG B 101 8.51 21.72 -14.56
CA ARG B 101 9.58 22.71 -14.67
C ARG B 101 10.95 22.06 -14.72
N GLY B 102 11.06 20.80 -14.31
CA GLY B 102 12.31 20.08 -14.53
C GLY B 102 12.47 19.69 -16.00
N ALA B 103 11.37 19.24 -16.62
CA ALA B 103 11.40 18.95 -18.05
C ALA B 103 11.80 20.16 -18.86
N GLU B 104 11.29 21.34 -18.48
CA GLU B 104 11.61 22.57 -19.19
C GLU B 104 13.07 22.92 -19.01
N ASN B 105 13.60 22.70 -17.81
CA ASN B 105 14.99 23.01 -17.57
C ASN B 105 15.90 22.08 -18.36
N ILE B 106 15.40 20.89 -18.68
CA ILE B 106 16.17 19.98 -19.51
C ILE B 106 16.18 20.45 -20.96
N LEU B 107 15.00 20.75 -21.49
CA LEU B 107 14.87 20.93 -22.92
C LEU B 107 15.17 22.36 -23.38
N PHE B 108 14.68 23.36 -22.63
CA PHE B 108 14.74 24.72 -23.18
C PHE B 108 16.15 25.23 -23.31
N PRO B 109 17.02 25.15 -22.29
CA PRO B 109 18.40 25.62 -22.51
C PRO B 109 19.08 24.87 -23.64
N VAL B 110 18.70 23.62 -23.86
CA VAL B 110 19.27 22.83 -24.95
C VAL B 110 18.84 23.39 -26.29
N LEU B 111 17.57 23.76 -26.44
CA LEU B 111 17.13 24.36 -27.70
C LEU B 111 17.82 25.70 -27.96
N LEU B 112 17.98 26.53 -26.92
CA LEU B 112 18.68 27.79 -27.11
C LEU B 112 20.11 27.54 -27.56
N LYS B 113 20.84 26.75 -26.77
CA LYS B 113 22.26 26.48 -27.06
C LYS B 113 22.43 25.86 -28.45
N TYR B 114 21.50 24.97 -28.83
CA TYR B 114 21.55 24.34 -30.15
C TYR B 114 21.39 25.38 -31.25
N LYS B 115 20.45 26.31 -31.08
CA LYS B 115 20.26 27.33 -32.10
C LYS B 115 21.43 28.30 -32.12
N GLN B 116 22.04 28.55 -30.96
CA GLN B 116 23.17 29.47 -30.92
C GLN B 116 24.39 28.89 -31.63
N LYS B 117 24.55 27.57 -31.62
CA LYS B 117 25.70 26.96 -32.28
C LYS B 117 25.57 27.01 -33.79
N GLU B 118 24.36 27.21 -34.31
CA GLU B 118 24.14 27.45 -35.73
C GLU B 118 24.36 28.91 -36.12
N GLY B 119 24.86 29.74 -35.19
CA GLY B 119 24.98 31.16 -35.43
C GLY B 119 23.67 31.93 -35.38
N LYS B 120 22.64 31.35 -34.82
CA LYS B 120 21.30 31.92 -34.76
C LYS B 120 21.00 32.32 -33.31
N ALA B 121 19.74 32.69 -33.06
CA ALA B 121 19.32 33.05 -31.69
C ALA B 121 20.19 34.17 -31.11
N LYS B 122 20.60 35.11 -31.97
CA LYS B 122 21.45 36.21 -31.51
C LYS B 122 20.71 37.09 -30.51
N ASN B 123 19.41 37.30 -30.72
CA ASN B 123 18.52 38.01 -29.80
C ASN B 123 17.32 37.13 -29.59
N PRO B 124 17.45 36.10 -28.75
CA PRO B 124 16.54 34.95 -28.80
C PRO B 124 15.22 35.19 -28.08
N VAL B 125 14.14 34.70 -28.70
CA VAL B 125 12.79 34.78 -28.14
C VAL B 125 12.13 33.41 -28.27
N PHE B 126 11.19 33.14 -27.36
CA PHE B 126 10.24 32.05 -27.48
C PHE B 126 8.87 32.65 -27.72
N ILE B 127 8.05 31.96 -28.51
CA ILE B 127 6.71 32.41 -28.84
C ILE B 127 5.75 31.31 -28.42
N SER B 128 4.69 31.70 -27.71
CA SER B 128 3.68 30.76 -27.25
C SER B 128 2.33 31.42 -27.34
N ASN B 129 1.27 30.60 -27.44
CA ASN B 129 -0.06 31.14 -27.19
C ASN B 129 -0.12 31.76 -25.80
N PHE B 130 0.43 31.07 -24.81
CA PHE B 130 0.73 31.74 -23.54
C PHE B 130 1.67 30.84 -22.75
N HIS B 131 2.88 31.36 -22.49
CA HIS B 131 3.81 30.70 -21.59
C HIS B 131 3.28 30.72 -20.18
N PHE B 132 3.24 29.56 -19.54
N PHE B 132 3.25 29.58 -19.51
CA PHE B 132 3.01 29.50 -18.11
CA PHE B 132 2.92 29.68 -18.10
C PHE B 132 4.17 30.16 -17.36
C PHE B 132 4.14 30.15 -17.31
N ASP B 133 3.95 30.44 -16.07
N ASP B 133 3.92 30.46 -16.02
CA ASP B 133 4.92 31.20 -15.28
CA ASP B 133 4.90 31.20 -15.23
C ASP B 133 6.28 30.50 -15.21
C ASP B 133 6.26 30.50 -15.17
N THR B 134 6.29 29.21 -14.82
CA THR B 134 7.59 28.52 -14.77
C THR B 134 8.22 28.44 -16.16
N THR B 135 7.39 28.21 -17.19
CA THR B 135 7.89 28.15 -18.56
C THR B 135 8.56 29.46 -18.96
N ALA B 136 7.86 30.58 -18.74
CA ALA B 136 8.43 31.88 -19.06
C ALA B 136 9.63 32.21 -18.18
N ALA B 137 9.63 31.73 -16.93
CA ALA B 137 10.77 32.02 -16.07
C ALA B 137 12.02 31.34 -16.58
N HIS B 138 11.90 30.12 -17.06
CA HIS B 138 13.05 29.47 -17.66
C HIS B 138 13.48 30.18 -18.93
N VAL B 139 12.52 30.59 -19.76
CA VAL B 139 12.86 31.39 -20.94
C VAL B 139 13.69 32.59 -20.52
N GLU B 140 13.22 33.35 -19.53
CA GLU B 140 13.92 34.57 -19.15
C GLU B 140 15.26 34.26 -18.49
N LEU B 141 15.31 33.21 -17.66
CA LEU B 141 16.56 32.84 -16.99
C LEU B 141 17.66 32.54 -17.98
N ASN B 142 17.30 32.05 -19.16
CA ASN B 142 18.31 31.71 -20.14
C ASN B 142 18.62 32.87 -21.06
N GLY B 143 18.08 34.05 -20.76
CA GLY B 143 18.40 35.26 -21.48
C GLY B 143 17.49 35.60 -22.65
N CYS B 144 16.34 34.92 -22.77
CA CYS B 144 15.45 35.10 -23.89
C CYS B 144 14.20 35.86 -23.48
N LYS B 145 13.44 36.28 -24.48
CA LYS B 145 12.16 36.93 -24.27
C LYS B 145 11.03 35.94 -24.50
N ALA B 146 10.01 36.03 -23.64
CA ALA B 146 8.84 35.18 -23.71
C ALA B 146 7.68 35.98 -24.28
N ILE B 147 7.26 35.63 -25.50
CA ILE B 147 6.20 36.35 -26.19
C ILE B 147 4.94 35.49 -26.17
N ASN B 148 3.81 36.10 -25.80
CA ASN B 148 2.52 35.42 -25.73
C ASN B 148 1.59 36.04 -26.76
N ILE B 149 0.96 35.21 -27.57
CA ILE B 149 0.14 35.74 -28.64
C ILE B 149 -1.19 35.01 -28.66
N VAL B 150 -1.86 34.94 -27.51
CA VAL B 150 -3.14 34.23 -27.46
C VAL B 150 -4.19 35.01 -28.24
N THR B 151 -5.17 34.29 -28.78
CA THR B 151 -6.23 34.94 -29.53
C THR B 151 -6.92 35.99 -28.69
N GLU B 152 -7.33 37.09 -29.34
CA GLU B 152 -7.99 38.18 -28.63
C GLU B 152 -9.32 37.78 -28.02
N LYS B 153 -9.96 36.73 -28.55
CA LYS B 153 -11.16 36.18 -27.91
C LYS B 153 -10.91 35.78 -26.46
N ALA B 154 -9.68 35.45 -26.08
CA ALA B 154 -9.42 35.08 -24.69
C ALA B 154 -9.69 36.25 -23.74
N PHE B 155 -9.59 37.49 -24.22
CA PHE B 155 -9.80 38.62 -23.34
C PHE B 155 -11.27 39.00 -23.21
N ASP B 156 -12.13 38.41 -24.04
CA ASP B 156 -13.58 38.66 -24.06
C ASP B 156 -14.26 37.63 -23.18
N SER B 157 -14.22 37.89 -21.87
CA SER B 157 -14.41 36.84 -20.88
C SER B 157 -15.79 36.21 -20.99
N GLU B 158 -16.83 37.05 -21.07
CA GLU B 158 -18.22 36.61 -21.01
C GLU B 158 -18.70 35.98 -22.32
N THR B 159 -17.99 36.21 -23.41
CA THR B 159 -18.49 35.85 -24.74
C THR B 159 -17.99 34.46 -25.10
N TYR B 160 -18.93 33.52 -25.29
CA TYR B 160 -18.53 32.15 -25.60
C TYR B 160 -17.70 32.11 -26.89
N ASP B 161 -16.66 31.28 -26.88
CA ASP B 161 -15.96 30.88 -28.11
C ASP B 161 -15.38 29.49 -27.92
N ASP B 162 -15.36 28.72 -29.01
CA ASP B 162 -14.91 27.33 -28.93
C ASP B 162 -13.44 27.21 -28.53
N TRP B 163 -12.59 28.12 -29.00
CA TRP B 163 -11.14 27.88 -28.94
C TRP B 163 -10.42 29.11 -28.38
N LYS B 164 -10.67 29.44 -27.12
CA LYS B 164 -10.04 30.63 -26.58
C LYS B 164 -8.55 30.45 -26.27
N GLY B 165 -8.01 29.25 -26.46
CA GLY B 165 -6.59 29.06 -26.27
C GLY B 165 -5.76 29.21 -27.52
N ASP B 166 -6.42 29.47 -28.65
CA ASP B 166 -5.75 29.50 -29.94
C ASP B 166 -4.63 30.53 -29.96
N PHE B 167 -3.62 30.24 -30.78
CA PHE B 167 -2.68 31.25 -31.26
C PHE B 167 -3.39 32.28 -32.11
N ASP B 168 -2.97 33.53 -31.98
CA ASP B 168 -3.32 34.57 -32.95
C ASP B 168 -2.35 34.45 -34.12
N ILE B 169 -2.82 33.85 -35.22
CA ILE B 169 -1.93 33.54 -36.35
C ILE B 169 -1.30 34.80 -36.90
N LYS B 170 -2.08 35.89 -36.98
CA LYS B 170 -1.53 37.14 -37.50
C LYS B 170 -0.36 37.62 -36.64
N LYS B 171 -0.50 37.56 -35.32
CA LYS B 171 0.63 37.95 -34.46
C LYS B 171 1.79 36.96 -34.58
N LEU B 172 1.50 35.68 -34.84
CA LEU B 172 2.57 34.72 -35.08
C LEU B 172 3.42 35.15 -36.28
N LYS B 173 2.75 35.51 -37.38
CA LYS B 173 3.48 35.95 -38.56
C LYS B 173 4.20 37.26 -38.30
N GLU B 174 3.53 38.20 -37.61
CA GLU B 174 4.15 39.49 -37.35
C GLU B 174 5.43 39.33 -36.53
N ASN B 175 5.41 38.44 -35.53
CA ASN B 175 6.58 38.29 -34.67
C ASN B 175 7.69 37.57 -35.40
N ILE B 176 7.34 36.55 -36.18
CA ILE B 176 8.36 35.93 -37.04
C ILE B 176 8.99 36.98 -37.94
N ALA B 177 8.17 37.88 -38.49
CA ALA B 177 8.71 38.93 -39.35
C ALA B 177 9.61 39.88 -38.59
N GLN B 178 9.20 40.31 -37.39
CA GLN B 178 9.99 41.31 -36.67
C GLN B 178 11.26 40.73 -36.06
N HIS B 179 11.16 39.57 -35.41
CA HIS B 179 12.36 39.05 -34.79
C HIS B 179 13.19 38.25 -35.76
N GLY B 180 12.59 37.77 -36.85
CA GLY B 180 13.27 36.86 -37.74
C GLY B 180 13.20 35.43 -37.22
N ALA B 181 13.05 34.48 -38.13
CA ALA B 181 13.03 33.06 -37.77
C ALA B 181 14.30 32.63 -37.07
N ASP B 182 15.43 33.29 -37.36
CA ASP B 182 16.68 32.92 -36.69
C ASP B 182 16.64 33.17 -35.19
N ASN B 183 15.84 34.12 -34.73
CA ASN B 183 15.82 34.46 -33.32
C ASN B 183 14.74 33.73 -32.56
N ILE B 184 13.82 33.06 -33.24
CA ILE B 184 12.78 32.29 -32.56
C ILE B 184 13.42 30.97 -32.15
N VAL B 185 13.75 30.83 -30.87
CA VAL B 185 14.36 29.58 -30.41
C VAL B 185 13.38 28.43 -30.55
N ALA B 186 12.11 28.66 -30.22
CA ALA B 186 11.08 27.64 -30.31
C ALA B 186 9.73 28.31 -30.19
N ILE B 187 8.72 27.64 -30.72
CA ILE B 187 7.34 27.96 -30.45
C ILE B 187 6.82 26.94 -29.45
N VAL B 188 6.13 27.42 -28.42
CA VAL B 188 5.58 26.55 -27.39
C VAL B 188 4.07 26.56 -27.53
N SER B 189 3.51 25.40 -27.88
CA SER B 189 2.07 25.21 -27.95
C SER B 189 1.61 24.68 -26.59
N THR B 190 0.99 25.54 -25.79
CA THR B 190 0.47 25.16 -24.47
C THR B 190 -0.96 24.64 -24.63
N VAL B 191 -1.18 23.37 -24.32
CA VAL B 191 -2.47 22.70 -24.47
C VAL B 191 -2.85 22.07 -23.13
N THR B 192 -4.01 22.44 -22.58
CA THR B 192 -4.85 23.58 -22.83
C THR B 192 -4.02 24.79 -22.50
N CYS B 193 -4.52 25.96 -22.82
CA CYS B 193 -3.77 27.18 -22.57
C CYS B 193 -4.10 27.63 -21.16
N ASN B 194 -3.22 27.29 -20.22
CA ASN B 194 -3.50 27.51 -18.81
C ASN B 194 -3.82 28.97 -18.51
N SER B 195 -2.96 29.88 -18.95
CA SER B 195 -3.11 31.27 -18.55
C SER B 195 -4.33 31.95 -19.18
N ALA B 196 -4.87 31.40 -20.28
CA ALA B 196 -6.08 31.96 -20.85
C ALA B 196 -7.34 31.43 -20.19
N GLY B 197 -7.19 30.61 -19.15
CA GLY B 197 -8.32 30.04 -18.47
C GLY B 197 -8.47 28.57 -18.76
N GLY B 198 -7.35 27.89 -18.99
CA GLY B 198 -7.42 26.47 -19.33
C GLY B 198 -8.26 26.20 -20.55
N GLN B 199 -8.16 27.01 -21.51
CA GLN B 199 -9.00 26.99 -22.68
C GLN B 199 -8.31 26.25 -23.83
N PRO B 200 -9.08 25.60 -24.69
CA PRO B 200 -8.51 24.68 -25.66
C PRO B 200 -7.94 25.37 -26.89
N VAL B 201 -6.95 24.70 -27.47
CA VAL B 201 -6.38 25.07 -28.77
C VAL B 201 -6.96 24.12 -29.81
N SER B 202 -7.47 24.67 -30.90
CA SER B 202 -8.09 23.79 -31.87
C SER B 202 -7.03 23.00 -32.62
N MET B 203 -7.47 21.88 -33.21
CA MET B 203 -6.59 21.10 -34.07
C MET B 203 -6.10 21.93 -35.26
N SER B 204 -7.02 22.63 -35.91
CA SER B 204 -6.63 23.41 -37.09
C SER B 204 -5.68 24.52 -36.71
N ASN B 205 -5.84 25.09 -35.52
CA ASN B 205 -4.87 26.09 -35.08
C ASN B 205 -3.51 25.44 -34.88
N LEU B 206 -3.45 24.32 -34.14
CA LEU B 206 -2.17 23.65 -33.93
C LEU B 206 -1.50 23.32 -35.26
N LYS B 207 -2.28 22.84 -36.23
CA LYS B 207 -1.75 22.40 -37.51
C LYS B 207 -1.17 23.57 -38.28
N GLU B 208 -1.92 24.67 -38.37
CA GLU B 208 -1.44 25.86 -39.06
C GLU B 208 -0.22 26.45 -38.36
N VAL B 209 -0.20 26.45 -37.03
CA VAL B 209 0.99 26.93 -36.33
C VAL B 209 2.19 26.08 -36.69
N TYR B 210 2.01 24.76 -36.70
CA TYR B 210 3.13 23.87 -37.00
C TYR B 210 3.61 24.06 -38.44
N GLU B 211 2.67 24.16 -39.40
CA GLU B 211 3.05 24.41 -40.79
C GLU B 211 3.84 25.70 -40.91
N ILE B 212 3.40 26.77 -40.24
CA ILE B 212 4.15 28.02 -40.31
C ILE B 212 5.55 27.84 -39.73
N ALA B 213 5.67 27.10 -38.63
CA ALA B 213 6.98 26.90 -38.04
C ALA B 213 7.89 26.10 -38.96
N LYS B 214 7.39 25.03 -39.58
CA LYS B 214 8.29 24.24 -40.43
C LYS B 214 8.77 25.03 -41.63
N GLN B 215 7.93 25.94 -42.17
CA GLN B 215 8.36 26.81 -43.26
C GLN B 215 9.62 27.59 -42.89
N HIS B 216 9.70 28.04 -41.64
CA HIS B 216 10.81 28.84 -41.14
C HIS B 216 11.86 28.03 -40.38
N GLY B 217 11.73 26.71 -40.35
CA GLY B 217 12.67 25.92 -39.57
C GLY B 217 12.59 26.10 -38.07
N ILE B 218 11.44 26.52 -37.54
CA ILE B 218 11.30 26.78 -36.10
C ILE B 218 10.82 25.53 -35.38
N PHE B 219 11.57 25.12 -34.36
CA PHE B 219 11.22 23.99 -33.52
C PHE B 219 9.95 24.28 -32.72
N VAL B 220 9.06 23.29 -32.63
CA VAL B 220 7.78 23.42 -31.93
C VAL B 220 7.75 22.46 -30.74
N VAL B 221 7.39 22.99 -29.57
CA VAL B 221 7.31 22.21 -28.34
C VAL B 221 5.90 22.31 -27.79
N MET B 222 5.28 21.16 -27.57
CA MET B 222 3.95 21.13 -27.01
C MET B 222 4.08 21.06 -25.50
N ASP B 223 3.70 22.13 -24.81
CA ASP B 223 3.57 22.07 -23.36
C ASP B 223 2.31 21.28 -23.04
N SER B 224 2.48 20.06 -22.56
CA SER B 224 1.40 19.06 -22.59
C SER B 224 0.82 18.75 -21.22
N ALA B 225 1.00 19.62 -20.22
CA ALA B 225 0.41 19.38 -18.90
C ALA B 225 -1.06 18.97 -18.98
N ARG B 226 -1.86 19.65 -19.78
CA ARG B 226 -3.28 19.32 -19.81
C ARG B 226 -3.71 18.87 -21.20
N PHE B 227 -2.92 17.98 -21.82
CA PHE B 227 -3.18 17.65 -23.22
C PHE B 227 -4.46 16.82 -23.37
N CYS B 228 -4.79 16.01 -22.38
CA CYS B 228 -6.02 15.24 -22.43
C CYS B 228 -7.24 16.13 -22.32
N GLU B 229 -7.19 17.13 -21.45
CA GLU B 229 -8.29 18.07 -21.41
C GLU B 229 -8.43 18.76 -22.75
N ASN B 230 -7.31 19.16 -23.37
CA ASN B 230 -7.40 19.74 -24.71
C ASN B 230 -8.01 18.76 -25.70
N ALA B 231 -7.57 17.51 -25.68
CA ALA B 231 -8.08 16.53 -26.64
C ALA B 231 -9.58 16.31 -26.50
N TYR B 232 -10.08 16.30 -25.26
CA TYR B 232 -11.51 16.16 -25.06
C TYR B 232 -12.27 17.31 -25.70
N PHE B 233 -11.79 18.54 -25.47
CA PHE B 233 -12.45 19.69 -26.08
C PHE B 233 -12.43 19.59 -27.61
N ILE B 234 -11.35 19.08 -28.19
CA ILE B 234 -11.31 18.98 -29.65
C ILE B 234 -12.37 17.99 -30.11
N LYS B 235 -12.58 16.92 -29.35
CA LYS B 235 -13.63 15.98 -29.70
C LYS B 235 -15.02 16.60 -29.47
N ALA B 236 -15.16 17.41 -28.43
CA ALA B 236 -16.47 17.96 -28.11
C ALA B 236 -16.89 19.06 -29.07
N ARG B 237 -15.94 19.72 -29.72
CA ARG B 237 -16.25 20.94 -30.45
C ARG B 237 -15.79 20.95 -31.90
N ASP B 238 -14.86 20.10 -32.30
CA ASP B 238 -14.46 20.04 -33.70
C ASP B 238 -15.29 18.94 -34.37
N PRO B 239 -16.17 19.27 -35.29
CA PRO B 239 -16.99 18.22 -35.94
C PRO B 239 -16.16 17.20 -36.70
N LYS B 240 -14.93 17.52 -37.09
CA LYS B 240 -14.08 16.54 -37.78
C LYS B 240 -13.73 15.37 -36.87
N TYR B 241 -13.72 15.57 -35.55
CA TYR B 241 -13.33 14.51 -34.63
C TYR B 241 -14.50 13.99 -33.81
N LYS B 242 -15.73 14.29 -34.23
CA LYS B 242 -16.92 13.96 -33.44
C LYS B 242 -16.98 12.47 -33.11
N ASN B 243 -16.44 11.60 -33.99
CA ASN B 243 -16.53 10.16 -33.79
C ASN B 243 -15.16 9.51 -33.63
N ALA B 244 -14.14 10.30 -33.29
CA ALA B 244 -12.82 9.80 -33.01
C ALA B 244 -12.69 9.46 -31.52
N THR B 245 -11.75 8.58 -31.21
CA THR B 245 -11.42 8.34 -29.81
C THR B 245 -10.52 9.45 -29.30
N ILE B 246 -10.43 9.57 -27.97
CA ILE B 246 -9.52 10.56 -27.37
C ILE B 246 -8.09 10.28 -27.80
N LYS B 247 -7.72 9.00 -27.87
CA LYS B 247 -6.36 8.68 -28.25
C LYS B 247 -6.09 9.09 -29.70
N GLU B 248 -7.08 8.92 -30.58
CA GLU B 248 -6.91 9.37 -31.97
C GLU B 248 -6.76 10.89 -32.03
N VAL B 249 -7.50 11.62 -31.19
CA VAL B 249 -7.33 13.06 -31.12
C VAL B 249 -5.93 13.40 -30.65
N ILE B 250 -5.45 12.71 -29.60
CA ILE B 250 -4.10 12.94 -29.10
C ILE B 250 -3.07 12.61 -30.16
N PHE B 251 -3.23 11.48 -30.83
CA PHE B 251 -2.27 11.07 -31.85
C PHE B 251 -2.16 12.13 -32.95
N ASP B 252 -3.28 12.79 -33.30
CA ASP B 252 -3.24 13.83 -34.31
C ASP B 252 -2.60 15.12 -33.76
N MET B 253 -2.97 15.55 -32.54
CA MET B 253 -2.32 16.72 -31.96
C MET B 253 -0.80 16.64 -32.04
N TYR B 254 -0.22 15.49 -31.73
CA TYR B 254 1.24 15.42 -31.65
C TYR B 254 1.92 15.23 -32.99
N LYS B 255 1.13 15.15 -34.08
CA LYS B 255 1.70 15.43 -35.40
C LYS B 255 2.15 16.88 -35.52
N TYR B 256 1.72 17.77 -34.63
CA TYR B 256 1.98 19.19 -34.85
C TYR B 256 2.91 19.77 -33.81
N ALA B 257 3.84 18.95 -33.28
CA ALA B 257 4.97 19.46 -32.53
C ALA B 257 6.20 18.61 -32.85
N ASP B 258 7.35 19.05 -32.37
CA ASP B 258 8.58 18.29 -32.56
C ASP B 258 9.02 17.58 -31.30
N ALA B 259 8.44 17.97 -30.18
CA ALA B 259 8.77 17.46 -28.86
C ALA B 259 7.68 17.93 -27.92
N LEU B 260 7.73 17.44 -26.70
CA LEU B 260 6.78 17.86 -25.68
C LEU B 260 7.50 17.95 -24.35
N THR B 261 7.09 18.90 -23.53
CA THR B 261 7.43 18.92 -22.11
C THR B 261 6.10 18.80 -21.36
N MET B 262 6.04 17.88 -20.40
CA MET B 262 4.77 17.60 -19.75
C MET B 262 4.94 17.64 -18.24
N SER B 263 4.00 18.28 -17.55
CA SER B 263 3.91 18.09 -16.10
C SER B 263 2.98 16.91 -15.88
N ALA B 264 3.53 15.79 -15.43
CA ALA B 264 2.69 14.62 -15.24
C ALA B 264 1.80 14.75 -14.00
N LYS B 265 1.99 15.80 -13.20
CA LYS B 265 1.18 16.13 -12.04
C LYS B 265 -0.21 16.64 -12.40
N LYS B 266 -0.51 16.81 -13.69
CA LYS B 266 -1.84 17.21 -14.11
C LYS B 266 -2.59 16.02 -14.73
N ASP B 267 -2.78 16.03 -16.05
CA ASP B 267 -3.67 15.05 -16.68
C ASP B 267 -3.27 13.59 -16.46
N PRO B 268 -1.98 13.24 -16.27
CA PRO B 268 -1.65 11.84 -15.93
C PRO B 268 -1.98 11.43 -14.50
N LEU B 269 -2.62 12.33 -13.74
CA LEU B 269 -3.23 11.99 -12.45
C LEU B 269 -2.20 11.58 -11.40
N LEU B 270 -1.09 12.29 -11.35
CA LEU B 270 -0.01 11.97 -10.43
C LEU B 270 0.10 13.02 -9.34
N ASN B 271 0.88 12.70 -8.32
CA ASN B 271 1.28 13.65 -7.30
C ASN B 271 2.68 14.18 -7.52
N ILE B 272 3.42 13.60 -8.46
CA ILE B 272 4.75 14.08 -8.83
C ILE B 272 5.07 13.46 -10.18
N GLY B 273 5.94 14.11 -10.95
CA GLY B 273 6.30 13.56 -12.24
C GLY B 273 6.33 14.51 -13.42
N GLY B 274 7.33 14.35 -14.30
CA GLY B 274 7.41 15.10 -15.53
C GLY B 274 7.91 14.22 -16.66
N LEU B 275 7.91 14.77 -17.88
CA LEU B 275 8.33 14.00 -19.04
C LEU B 275 8.79 14.93 -20.16
N VAL B 276 9.88 14.56 -20.82
CA VAL B 276 10.27 15.12 -22.10
C VAL B 276 10.14 14.02 -23.12
N ALA B 277 9.48 14.29 -24.24
CA ALA B 277 9.48 13.33 -25.34
C ALA B 277 9.79 14.09 -26.61
N ILE B 278 10.55 13.47 -27.49
CA ILE B 278 11.05 14.09 -28.71
C ILE B 278 10.67 13.18 -29.89
N ARG B 279 10.07 13.77 -30.91
CA ARG B 279 9.48 12.96 -31.98
C ARG B 279 10.53 12.10 -32.66
N ASP B 280 11.56 12.73 -33.27
CA ASP B 280 12.59 11.93 -33.91
C ASP B 280 13.93 12.63 -34.10
N ASN B 281 14.14 13.77 -33.43
CA ASN B 281 15.41 14.48 -33.55
C ASN B 281 16.38 13.91 -32.52
N GLU B 282 17.22 12.97 -32.95
CA GLU B 282 18.09 12.28 -32.02
C GLU B 282 19.20 13.18 -31.49
N GLU B 283 19.57 14.23 -32.23
CA GLU B 283 20.60 15.13 -31.72
C GLU B 283 20.10 15.88 -30.49
N ILE B 284 18.93 16.52 -30.60
CA ILE B 284 18.34 17.19 -29.45
C ILE B 284 18.17 16.22 -28.29
N PHE B 285 17.77 14.98 -28.59
CA PHE B 285 17.62 13.96 -27.54
C PHE B 285 18.93 13.73 -26.81
N THR B 286 20.04 13.65 -27.54
CA THR B 286 21.34 13.45 -26.93
C THR B 286 21.72 14.64 -26.05
N LEU B 287 21.56 15.85 -26.58
CA LEU B 287 21.89 17.06 -25.82
C LEU B 287 21.03 17.15 -24.56
N ALA B 288 19.73 16.87 -24.67
CA ALA B 288 18.88 16.90 -23.49
C ALA B 288 19.26 15.80 -22.51
N ARG B 289 19.64 14.61 -23.01
CA ARG B 289 20.10 13.57 -22.09
C ARG B 289 21.34 14.03 -21.33
N GLN B 290 22.22 14.76 -22.01
CA GLN B 290 23.41 15.23 -21.34
C GLN B 290 23.10 16.28 -20.28
N ARG B 291 22.03 17.06 -20.46
CA ARG B 291 21.68 18.06 -19.46
C ARG B 291 20.84 17.46 -18.34
N CYS B 292 20.08 16.41 -18.64
CA CYS B 292 19.32 15.70 -17.62
C CYS B 292 20.23 15.17 -16.50
N VAL B 293 21.37 14.57 -16.86
CA VAL B 293 22.14 13.80 -15.88
C VAL B 293 22.57 14.65 -14.68
N PRO B 294 23.14 15.86 -14.86
CA PRO B 294 23.49 16.67 -13.67
C PRO B 294 22.32 17.40 -13.03
N MET B 295 21.28 17.71 -13.81
CA MET B 295 20.17 18.50 -13.29
C MET B 295 19.15 17.64 -12.56
N GLU B 296 18.66 16.58 -13.21
CA GLU B 296 17.58 15.75 -12.70
C GLU B 296 18.06 14.43 -12.11
N GLY B 297 18.82 13.66 -12.88
CA GLY B 297 19.19 12.32 -12.47
C GLY B 297 19.55 11.52 -13.71
N PHE B 298 19.86 10.25 -13.49
CA PHE B 298 20.22 9.40 -14.62
C PHE B 298 19.07 9.39 -15.63
N VAL B 299 19.41 9.07 -16.87
CA VAL B 299 18.47 9.23 -17.98
C VAL B 299 17.32 8.23 -17.95
N THR B 300 17.38 7.16 -17.14
CA THR B 300 16.25 6.24 -17.11
C THR B 300 15.39 6.42 -15.86
N TYR B 301 15.63 7.45 -15.06
CA TYR B 301 14.64 7.80 -14.05
C TYR B 301 14.45 9.30 -13.89
N GLY B 302 15.41 10.13 -14.29
CA GLY B 302 15.18 11.58 -14.35
C GLY B 302 14.73 12.21 -13.06
N GLY B 303 15.20 11.71 -11.92
CA GLY B 303 14.75 12.28 -10.66
C GLY B 303 13.41 11.79 -10.17
N LEU B 304 12.89 10.71 -10.73
CA LEU B 304 11.70 10.06 -10.22
C LEU B 304 12.08 8.74 -9.56
N ALA B 305 11.37 8.40 -8.48
CA ALA B 305 11.41 7.01 -8.03
C ALA B 305 10.77 6.12 -9.09
N GLY B 306 11.23 4.88 -9.18
CA GLY B 306 10.65 3.95 -10.15
C GLY B 306 9.15 3.76 -9.98
N ARG B 307 8.67 3.82 -8.73
CA ARG B 307 7.23 3.68 -8.52
C ARG B 307 6.48 4.80 -9.20
N ASP B 308 7.07 6.00 -9.21
CA ASP B 308 6.40 7.11 -9.85
C ASP B 308 6.40 6.97 -11.37
N MET B 309 7.43 6.37 -11.96
CA MET B 309 7.33 6.07 -13.39
C MET B 309 6.27 5.00 -13.63
N ALA B 310 6.13 4.05 -12.70
CA ALA B 310 5.06 3.07 -12.80
C ALA B 310 3.69 3.74 -12.76
N ALA B 311 3.49 4.66 -11.83
CA ALA B 311 2.20 5.34 -11.75
C ALA B 311 1.94 6.12 -13.02
N MET B 312 3.00 6.70 -13.60
CA MET B 312 2.83 7.54 -14.78
C MET B 312 2.34 6.72 -15.97
N VAL B 313 2.92 5.54 -16.19
CA VAL B 313 2.45 4.71 -17.29
C VAL B 313 0.96 4.45 -17.17
N GLN B 314 0.52 4.05 -15.98
CA GLN B 314 -0.90 3.79 -15.78
C GLN B 314 -1.70 5.09 -15.90
N GLY B 315 -1.17 6.18 -15.35
CA GLY B 315 -1.91 7.44 -15.33
C GLY B 315 -2.17 8.00 -16.71
N LEU B 316 -1.17 7.89 -17.60
CA LEU B 316 -1.36 8.32 -18.97
C LEU B 316 -2.48 7.56 -19.65
N GLU B 317 -2.73 6.32 -19.24
CA GLU B 317 -3.85 5.60 -19.84
C GLU B 317 -5.18 6.07 -19.27
N GLU B 318 -5.24 6.28 -17.95
CA GLU B 318 -6.49 6.70 -17.32
C GLU B 318 -6.81 8.15 -17.66
N GLY B 319 -5.78 9.00 -17.77
CA GLY B 319 -5.97 10.39 -18.13
C GLY B 319 -6.69 10.60 -19.43
N THR B 320 -6.70 9.61 -20.33
CA THR B 320 -7.29 9.73 -21.66
C THR B 320 -8.69 9.12 -21.77
N GLU B 321 -9.25 8.58 -20.70
CA GLU B 321 -10.52 7.86 -20.83
C GLU B 321 -11.66 8.87 -20.90
N GLU B 322 -12.48 8.73 -21.95
CA GLU B 322 -13.42 9.80 -22.30
C GLU B 322 -14.46 10.02 -21.20
N GLU B 323 -14.97 8.95 -20.62
CA GLU B 323 -15.96 9.08 -19.56
C GLU B 323 -15.39 9.75 -18.31
N TYR B 324 -14.11 9.49 -18.00
CA TYR B 324 -13.48 10.25 -16.93
C TYR B 324 -13.42 11.73 -17.30
N LEU B 325 -12.89 12.06 -18.50
CA LEU B 325 -12.72 13.46 -18.89
C LEU B 325 -14.05 14.19 -18.93
N HIS B 326 -15.10 13.53 -19.45
CA HIS B 326 -16.43 14.12 -19.45
C HIS B 326 -16.84 14.49 -18.02
N TYR B 327 -16.63 13.59 -17.07
CA TYR B 327 -16.96 13.87 -15.67
C TYR B 327 -16.11 15.01 -15.14
N ARG B 328 -14.80 14.98 -15.40
CA ARG B 328 -13.87 15.96 -14.84
C ARG B 328 -14.19 17.35 -15.33
N ILE B 329 -14.26 17.51 -16.66
CA ILE B 329 -14.52 18.80 -17.25
C ILE B 329 -15.93 19.26 -16.92
N GLY B 330 -16.85 18.30 -16.77
CA GLY B 330 -18.21 18.61 -16.37
C GLY B 330 -18.33 19.09 -14.93
N GLN B 331 -17.49 18.59 -14.04
CA GLN B 331 -17.46 19.14 -12.69
C GLN B 331 -17.01 20.60 -12.70
N VAL B 332 -15.94 20.91 -13.44
CA VAL B 332 -15.49 22.30 -13.58
C VAL B 332 -16.63 23.17 -14.12
N LYS B 333 -17.26 22.73 -15.21
CA LYS B 333 -18.39 23.46 -15.77
C LYS B 333 -19.49 23.67 -14.74
N TYR B 334 -19.75 22.65 -13.92
CA TYR B 334 -20.80 22.77 -12.91
C TYR B 334 -20.49 23.92 -11.97
N LEU B 335 -19.28 23.93 -11.40
CA LEU B 335 -18.84 25.05 -10.57
C LEU B 335 -19.00 26.38 -11.30
N GLY B 336 -18.51 26.46 -12.54
CA GLY B 336 -18.65 27.71 -13.27
C GLY B 336 -20.10 28.11 -13.47
N ASP B 337 -20.94 27.15 -13.85
CA ASP B 337 -22.37 27.44 -14.00
C ASP B 337 -23.01 27.90 -12.70
N ARG B 338 -22.64 27.32 -11.56
CA ARG B 338 -23.20 27.81 -10.30
C ARG B 338 -22.87 29.29 -10.11
N LEU B 339 -21.68 29.72 -10.50
CA LEU B 339 -21.27 31.11 -10.28
C LEU B 339 -21.87 32.03 -11.33
N ARG B 340 -21.89 31.57 -12.57
CA ARG B 340 -22.48 32.35 -13.66
C ARG B 340 -23.98 32.56 -13.43
N GLU B 341 -24.67 31.57 -12.87
CA GLU B 341 -26.09 31.73 -12.53
C GLU B 341 -26.29 32.94 -11.62
N ALA B 342 -25.38 33.16 -10.68
CA ALA B 342 -25.53 34.19 -9.67
C ALA B 342 -24.92 35.53 -10.07
N GLY B 343 -24.49 35.69 -11.33
CA GLY B 343 -23.95 36.95 -11.80
C GLY B 343 -22.46 37.14 -11.62
N ILE B 344 -21.73 36.13 -11.13
CA ILE B 344 -20.27 36.24 -11.02
C ILE B 344 -19.67 36.12 -12.42
N PRO B 345 -18.95 37.13 -12.91
CA PRO B 345 -18.34 37.02 -14.24
C PRO B 345 -17.18 36.03 -14.24
N ILE B 346 -17.27 35.01 -15.11
CA ILE B 346 -16.22 34.00 -15.28
C ILE B 346 -15.78 33.99 -16.73
N GLN B 347 -14.58 33.47 -16.97
CA GLN B 347 -14.16 33.14 -18.34
C GLN B 347 -15.08 32.05 -18.88
N TYR B 348 -15.81 32.35 -19.94
CA TYR B 348 -16.86 31.45 -20.41
C TYR B 348 -16.61 31.07 -21.86
N PRO B 349 -16.63 29.77 -22.21
CA PRO B 349 -16.89 28.60 -21.35
C PRO B 349 -15.77 28.26 -20.38
N THR B 350 -16.06 27.48 -19.35
CA THR B 350 -15.02 27.07 -18.43
C THR B 350 -14.00 26.18 -19.13
N GLY B 351 -12.75 26.28 -18.65
CA GLY B 351 -11.66 25.48 -19.15
C GLY B 351 -11.69 24.10 -18.54
N GLY B 352 -10.63 23.34 -18.82
CA GLY B 352 -10.61 21.96 -18.39
C GLY B 352 -10.42 21.77 -16.90
N HIS B 353 -9.71 22.68 -16.24
CA HIS B 353 -9.23 22.38 -14.90
C HIS B 353 -9.63 23.38 -13.83
N ALA B 354 -10.39 24.42 -14.15
CA ALA B 354 -10.52 25.51 -13.21
C ALA B 354 -11.56 26.48 -13.72
N VAL B 355 -12.17 27.18 -12.77
CA VAL B 355 -13.02 28.32 -13.07
C VAL B 355 -12.19 29.57 -12.85
N PHE B 356 -12.21 30.49 -13.81
CA PHE B 356 -11.47 31.75 -13.69
C PHE B 356 -12.49 32.85 -13.48
N VAL B 357 -12.47 33.45 -12.30
CA VAL B 357 -13.40 34.52 -11.95
C VAL B 357 -12.76 35.84 -12.34
N ASP B 358 -13.36 36.51 -13.31
CA ASP B 358 -12.83 37.76 -13.85
C ASP B 358 -12.98 38.85 -12.81
N CYS B 359 -11.88 39.18 -12.13
CA CYS B 359 -11.97 40.19 -11.09
C CYS B 359 -11.89 41.62 -11.64
N LYS B 360 -11.56 41.82 -12.92
CA LYS B 360 -11.70 43.16 -13.49
C LYS B 360 -13.18 43.59 -13.51
N LYS B 361 -14.09 42.66 -13.80
CA LYS B 361 -15.52 42.95 -13.82
C LYS B 361 -16.19 42.77 -12.48
N LEU B 362 -15.59 41.98 -11.58
CA LEU B 362 -16.16 41.75 -10.25
C LEU B 362 -15.84 42.89 -9.29
N VAL B 363 -14.58 43.31 -9.27
CA VAL B 363 -14.13 44.36 -8.36
C VAL B 363 -13.41 45.42 -9.17
N PRO B 364 -14.12 46.23 -9.96
CA PRO B 364 -13.44 47.22 -10.82
C PRO B 364 -12.76 48.33 -10.05
N GLN B 365 -13.09 48.53 -8.77
CA GLN B 365 -12.55 49.68 -8.05
C GLN B 365 -11.07 49.53 -7.75
N ILE B 366 -10.58 48.31 -7.55
CA ILE B 366 -9.17 48.10 -7.22
C ILE B 366 -8.34 48.24 -8.50
N PRO B 367 -7.27 49.03 -8.48
CA PRO B 367 -6.40 49.14 -9.66
C PRO B 367 -5.71 47.81 -9.97
N GLY B 368 -5.38 47.63 -11.25
CA GLY B 368 -4.64 46.45 -11.66
C GLY B 368 -3.32 46.28 -10.92
N ASP B 369 -2.64 47.39 -10.61
CA ASP B 369 -1.38 47.37 -9.87
C ASP B 369 -1.56 47.16 -8.38
N GLN B 370 -2.79 47.07 -7.89
CA GLN B 370 -3.07 46.71 -6.50
C GLN B 370 -3.61 45.28 -6.36
N PHE B 371 -3.56 44.49 -7.43
CA PHE B 371 -3.92 43.08 -7.44
C PHE B 371 -5.34 42.87 -6.91
N PRO B 372 -6.36 43.14 -7.72
CA PRO B 372 -7.73 43.00 -7.22
C PRO B 372 -8.12 41.56 -6.93
N ALA B 373 -7.71 40.63 -7.79
CA ALA B 373 -8.12 39.24 -7.61
C ALA B 373 -7.62 38.69 -6.28
N GLN B 374 -6.43 39.11 -5.86
CA GLN B 374 -5.94 38.64 -4.57
C GLN B 374 -6.80 39.15 -3.43
N ALA B 375 -7.30 40.38 -3.52
CA ALA B 375 -8.23 40.88 -2.51
C ALA B 375 -9.45 39.96 -2.40
N VAL B 376 -9.93 39.46 -3.54
CA VAL B 376 -11.09 38.56 -3.49
C VAL B 376 -10.69 37.23 -2.87
N ILE B 377 -9.50 36.74 -3.25
CA ILE B 377 -9.03 35.45 -2.76
C ILE B 377 -8.94 35.44 -1.23
N ASN B 378 -8.21 36.41 -0.67
CA ASN B 378 -8.12 36.50 0.78
C ASN B 378 -9.51 36.61 1.41
N ALA B 379 -10.39 37.42 0.82
CA ALA B 379 -11.75 37.53 1.35
C ALA B 379 -12.47 36.17 1.30
N LEU B 380 -12.30 35.43 0.21
CA LEU B 380 -12.91 34.10 0.15
C LEU B 380 -12.34 33.18 1.21
N TYR B 381 -11.03 33.29 1.49
CA TYR B 381 -10.43 32.38 2.46
C TYR B 381 -10.91 32.66 3.86
N LEU B 382 -10.89 33.94 4.29
CA LEU B 382 -11.39 34.26 5.61
C LEU B 382 -12.87 33.91 5.76
N GLU B 383 -13.62 33.96 4.66
CA GLU B 383 -15.05 33.67 4.73
C GLU B 383 -15.35 32.19 4.78
N SER B 384 -14.49 31.34 4.21
CA SER B 384 -14.86 29.94 4.04
C SER B 384 -13.75 28.95 4.29
N GLY B 385 -12.50 29.37 4.44
CA GLY B 385 -11.40 28.43 4.45
C GLY B 385 -11.07 27.82 3.10
N VAL B 386 -11.71 28.26 2.01
CA VAL B 386 -11.26 27.83 0.69
C VAL B 386 -10.06 28.68 0.28
N ARG B 387 -9.03 28.04 -0.27
CA ARG B 387 -7.83 28.71 -0.75
C ARG B 387 -7.79 28.64 -2.26
N ALA B 388 -7.74 29.81 -2.92
CA ALA B 388 -7.60 29.93 -4.36
C ALA B 388 -6.29 30.64 -4.69
N VAL B 389 -6.06 30.92 -5.99
CA VAL B 389 -4.81 31.51 -6.46
C VAL B 389 -5.11 32.60 -7.50
N GLU B 390 -4.23 33.60 -7.56
CA GLU B 390 -4.40 34.71 -8.48
C GLU B 390 -3.75 34.40 -9.83
N ILE B 391 -4.42 34.81 -10.90
CA ILE B 391 -3.87 34.72 -12.25
C ILE B 391 -4.05 36.09 -12.88
N GLY B 392 -3.30 37.07 -12.40
CA GLY B 392 -3.42 38.43 -12.87
C GLY B 392 -2.08 39.14 -12.86
N SER B 393 -2.04 40.33 -12.25
CA SER B 393 -0.83 41.15 -12.26
C SER B 393 0.20 40.66 -11.25
N PHE B 394 -0.27 40.23 -10.08
CA PHE B 394 0.58 39.54 -9.12
C PHE B 394 1.37 38.44 -9.79
N LEU B 395 0.68 37.59 -10.56
CA LEU B 395 1.31 36.46 -11.25
C LEU B 395 2.27 36.92 -12.34
N LEU B 396 1.85 37.87 -13.18
CA LEU B 396 2.67 38.28 -14.33
C LEU B 396 4.01 38.84 -13.90
N GLY B 397 4.10 39.37 -12.68
CA GLY B 397 5.38 39.83 -12.19
C GLY B 397 5.79 41.11 -12.90
N ARG B 398 7.07 41.20 -13.22
CA ARG B 398 7.63 42.40 -13.83
C ARG B 398 8.32 42.05 -15.14
N ASP B 399 8.36 43.04 -16.03
CA ASP B 399 8.96 42.89 -17.36
C ASP B 399 10.48 42.88 -17.24
N PRO B 400 11.17 41.87 -17.77
CA PRO B 400 12.64 41.90 -17.76
C PRO B 400 13.16 43.07 -18.58
N ALA B 401 14.32 43.59 -18.15
CA ALA B 401 15.01 44.73 -18.76
C ALA B 401 14.30 46.06 -18.49
N THR B 402 13.04 46.02 -18.05
CA THR B 402 12.29 47.22 -17.68
C THR B 402 12.05 47.35 -16.18
N GLY B 403 12.02 46.23 -15.45
CA GLY B 403 11.66 46.26 -14.05
C GLY B 403 10.27 46.80 -13.81
N GLU B 404 9.35 46.55 -14.74
CA GLU B 404 8.04 47.17 -14.75
C GLU B 404 6.96 46.10 -14.77
N GLN B 405 5.83 46.39 -14.11
CA GLN B 405 4.66 45.53 -14.16
C GLN B 405 4.29 45.21 -15.60
N LYS B 406 4.31 43.93 -15.95
CA LYS B 406 3.89 43.53 -17.29
C LYS B 406 2.42 43.88 -17.52
N HIS B 407 2.08 44.23 -18.76
CA HIS B 407 0.70 44.56 -19.08
C HIS B 407 -0.18 43.33 -18.88
N ALA B 408 -1.12 43.43 -17.94
CA ALA B 408 -2.04 42.35 -17.61
C ALA B 408 -3.36 42.58 -18.33
N ASP B 409 -3.58 41.85 -19.42
CA ASP B 409 -4.86 41.91 -20.10
C ASP B 409 -5.98 41.25 -19.30
N MET B 410 -5.63 40.48 -18.27
CA MET B 410 -6.61 39.73 -17.52
C MET B 410 -6.31 39.82 -16.03
N GLU B 411 -7.37 39.88 -15.22
CA GLU B 411 -7.29 39.72 -13.78
C GLU B 411 -8.23 38.59 -13.41
N PHE B 412 -7.69 37.53 -12.86
CA PHE B 412 -8.45 36.31 -12.61
C PHE B 412 -8.19 35.80 -11.21
N MET B 413 -9.23 35.24 -10.59
CA MET B 413 -9.04 34.36 -9.45
C MET B 413 -9.31 32.94 -9.95
N ARG B 414 -8.33 32.05 -9.79
CA ARG B 414 -8.43 30.70 -10.31
C ARG B 414 -8.92 29.74 -9.22
N LEU B 415 -10.11 29.18 -9.40
CA LEU B 415 -10.62 28.12 -8.54
C LEU B 415 -10.17 26.80 -9.15
N THR B 416 -9.02 26.31 -8.72
CA THR B 416 -8.37 25.18 -9.38
C THR B 416 -8.82 23.87 -8.75
N ILE B 417 -9.21 22.91 -9.59
CA ILE B 417 -9.91 21.71 -9.13
C ILE B 417 -9.01 20.50 -9.39
N ALA B 418 -8.53 19.87 -8.31
CA ALA B 418 -7.79 18.61 -8.41
C ALA B 418 -8.67 17.50 -9.00
N ARG B 419 -8.03 16.51 -9.63
CA ARG B 419 -8.75 15.46 -10.34
C ARG B 419 -9.15 14.32 -9.41
N ARG B 420 -10.46 14.01 -9.40
CA ARG B 420 -11.06 12.91 -8.66
C ARG B 420 -10.91 13.08 -7.15
N VAL B 421 -10.92 14.31 -6.65
CA VAL B 421 -10.66 14.57 -5.24
C VAL B 421 -11.89 15.12 -4.53
N TYR B 422 -12.63 16.01 -5.18
CA TYR B 422 -13.78 16.63 -4.55
C TYR B 422 -15.05 16.27 -5.30
N THR B 423 -16.16 16.23 -4.58
CA THR B 423 -17.48 15.96 -5.14
C THR B 423 -18.17 17.27 -5.52
N ASN B 424 -19.25 17.13 -6.28
CA ASN B 424 -20.08 18.27 -6.64
C ASN B 424 -20.65 18.96 -5.41
N ASP B 425 -20.78 18.24 -4.30
CA ASP B 425 -21.19 18.91 -3.06
C ASP B 425 -20.07 19.77 -2.50
N HIS B 426 -18.82 19.38 -2.70
CA HIS B 426 -17.75 20.33 -2.42
C HIS B 426 -17.87 21.53 -3.33
N MET B 427 -18.21 21.32 -4.61
CA MET B 427 -18.35 22.45 -5.52
C MET B 427 -19.42 23.42 -5.03
N ASP B 428 -20.49 22.90 -4.41
CA ASP B 428 -21.56 23.77 -3.92
C ASP B 428 -21.10 24.62 -2.76
N TYR B 429 -20.30 24.04 -1.86
CA TYR B 429 -19.69 24.82 -0.78
C TYR B 429 -18.89 25.99 -1.34
N ILE B 430 -18.03 25.73 -2.33
CA ILE B 430 -17.19 26.78 -2.91
C ILE B 430 -18.07 27.88 -3.49
N ALA B 431 -19.05 27.48 -4.30
CA ALA B 431 -19.93 28.43 -4.97
C ALA B 431 -20.72 29.26 -3.98
N ASP B 432 -21.28 28.60 -2.97
CA ASP B 432 -22.07 29.28 -1.96
C ASP B 432 -21.23 30.31 -1.19
N ALA B 433 -19.98 29.98 -0.88
CA ALA B 433 -19.14 30.92 -0.15
C ALA B 433 -18.80 32.13 -1.00
N LEU B 434 -18.57 31.93 -2.30
CA LEU B 434 -18.23 33.07 -3.16
C LEU B 434 -19.45 33.94 -3.39
N ILE B 435 -20.60 33.33 -3.68
CA ILE B 435 -21.83 34.07 -3.90
C ILE B 435 -22.18 34.91 -2.68
N GLY B 436 -21.92 34.40 -1.48
CA GLY B 436 -22.29 35.11 -0.27
C GLY B 436 -21.59 36.45 -0.10
N LEU B 437 -20.49 36.67 -0.80
CA LEU B 437 -19.74 37.92 -0.68
C LEU B 437 -20.21 38.99 -1.65
N LYS B 438 -21.42 38.84 -2.21
CA LYS B 438 -21.88 39.74 -3.28
C LYS B 438 -21.81 41.19 -2.84
N GLU B 439 -22.28 41.48 -1.62
CA GLU B 439 -22.34 42.86 -1.19
C GLU B 439 -20.99 43.41 -0.75
N LYS B 440 -20.03 42.54 -0.46
CA LYS B 440 -18.75 43.01 0.03
C LYS B 440 -17.73 43.24 -1.08
N PHE B 441 -18.09 42.90 -2.33
CA PHE B 441 -17.16 43.07 -3.45
C PHE B 441 -16.87 44.54 -3.73
N ALA B 442 -17.86 45.42 -3.55
CA ALA B 442 -17.65 46.84 -3.83
C ALA B 442 -16.80 47.54 -2.79
N THR B 443 -16.51 46.90 -1.66
CA THR B 443 -15.83 47.55 -0.55
C THR B 443 -14.48 46.90 -0.26
N LEU B 444 -13.81 46.39 -1.29
CA LEU B 444 -12.53 45.71 -1.14
C LEU B 444 -11.41 46.57 -1.71
N LYS B 445 -10.21 46.42 -1.13
CA LYS B 445 -9.04 47.21 -1.47
C LYS B 445 -7.88 46.29 -1.83
N GLY B 446 -6.87 46.87 -2.48
CA GLY B 446 -5.70 46.12 -2.89
C GLY B 446 -4.76 45.84 -1.74
N LEU B 447 -3.53 45.48 -2.10
CA LEU B 447 -2.50 45.16 -1.14
C LEU B 447 -1.17 45.74 -1.62
N GLU B 448 -0.24 45.91 -0.68
CA GLU B 448 1.09 46.44 -0.97
C GLU B 448 2.15 45.36 -0.76
N PHE B 449 3.18 45.40 -1.60
CA PHE B 449 4.32 44.49 -1.44
C PHE B 449 5.04 44.77 -0.13
N GLU B 450 5.68 43.73 0.40
CA GLU B 450 6.48 43.86 1.61
C GLU B 450 7.83 43.22 1.36
N TYR B 451 7.81 41.99 0.85
CA TYR B 451 8.99 41.31 0.35
C TYR B 451 8.68 40.79 -1.04
N GLU B 452 9.34 41.36 -2.06
CA GLU B 452 9.06 40.99 -3.44
C GLU B 452 10.21 40.21 -4.04
N PRO B 453 10.03 38.92 -4.34
CA PRO B 453 11.07 38.15 -5.04
C PRO B 453 11.22 38.64 -6.48
N PRO B 454 12.45 38.67 -6.99
CA PRO B 454 12.66 39.20 -8.35
C PRO B 454 12.16 38.30 -9.46
N VAL B 455 12.02 36.99 -9.21
CA VAL B 455 11.49 36.05 -10.19
C VAL B 455 10.46 35.19 -9.49
N LEU B 456 9.30 35.00 -10.13
CA LEU B 456 8.17 34.27 -9.57
C LEU B 456 7.83 34.80 -8.17
N ARG B 457 7.39 36.08 -8.16
CA ARG B 457 7.17 36.79 -6.91
C ARG B 457 5.95 36.24 -6.15
N HIS B 458 4.89 35.87 -6.86
CA HIS B 458 3.63 35.52 -6.21
C HIS B 458 3.75 34.30 -5.30
N PHE B 459 4.80 33.49 -5.47
CA PHE B 459 4.93 32.25 -4.69
C PHE B 459 5.28 32.54 -3.23
N THR B 460 6.28 33.39 -2.97
CA THR B 460 6.72 33.61 -1.61
C THR B 460 6.60 35.07 -1.17
N ALA B 461 5.99 35.93 -2.00
CA ALA B 461 5.88 37.33 -1.63
C ALA B 461 4.99 37.47 -0.40
N ARG B 462 5.38 38.37 0.50
CA ARG B 462 4.54 38.73 1.63
C ARG B 462 3.92 40.10 1.37
N LEU B 463 2.65 40.23 1.69
CA LEU B 463 1.86 41.39 1.36
C LEU B 463 1.33 42.04 2.64
N LYS B 464 0.62 43.15 2.46
CA LYS B 464 0.04 43.92 3.54
C LYS B 464 -1.11 44.72 2.94
N PRO B 465 -2.25 44.81 3.62
CA PRO B 465 -3.39 45.54 3.06
C PRO B 465 -3.05 46.99 2.74
N ILE B 466 -3.91 47.62 1.93
CA ILE B 466 -3.76 49.04 1.65
C ILE B 466 -3.91 49.85 2.93
N GLU B 467 -5.04 49.70 3.61
CA GLU B 467 -5.26 50.34 4.89
C GLU B 467 -6.45 49.70 5.60
N ALA C 2 26.73 -28.12 6.57
CA ALA C 2 25.50 -27.37 6.45
C ALA C 2 25.65 -26.31 5.37
N LYS C 3 24.72 -26.31 4.40
CA LYS C 3 24.86 -25.52 3.18
C LYS C 3 23.87 -24.35 3.21
N ARG C 4 24.40 -23.13 3.12
CA ARG C 4 23.56 -21.94 3.00
CA ARG C 4 23.56 -21.94 3.00
C ARG C 4 23.18 -21.75 1.54
N ILE C 5 21.88 -21.67 1.27
CA ILE C 5 21.38 -21.44 -0.08
C ILE C 5 20.90 -20.00 -0.18
N VAL C 6 21.33 -19.31 -1.23
CA VAL C 6 21.03 -17.90 -1.40
C VAL C 6 19.57 -17.71 -1.80
N GLU C 7 19.02 -16.55 -1.41
CA GLU C 7 17.63 -16.21 -1.70
C GLU C 7 17.41 -15.95 -3.19
N PRO C 8 16.38 -16.53 -3.80
CA PRO C 8 16.01 -16.13 -5.17
C PRO C 8 15.13 -14.90 -5.16
N PHE C 9 15.42 -13.96 -4.27
CA PHE C 9 14.69 -12.70 -4.18
C PHE C 9 15.56 -11.74 -3.40
N ARG C 10 15.13 -10.49 -3.35
CA ARG C 10 15.77 -9.52 -2.48
C ARG C 10 14.70 -8.82 -1.66
N ILE C 11 15.13 -8.11 -0.62
CA ILE C 11 14.20 -7.54 0.32
C ILE C 11 13.64 -6.23 -0.24
N LYS C 12 12.31 -6.09 -0.20
CA LYS C 12 11.67 -4.83 -0.54
CA LYS C 12 11.68 -4.83 -0.55
C LYS C 12 11.16 -4.07 0.67
N MET C 13 10.82 -4.76 1.76
CA MET C 13 10.32 -4.07 2.94
C MET C 13 10.69 -4.83 4.20
N VAL C 14 11.03 -4.08 5.25
CA VAL C 14 11.50 -4.66 6.50
C VAL C 14 10.57 -4.28 7.64
N GLU C 15 10.55 -5.16 8.65
CA GLU C 15 9.85 -4.95 9.92
C GLU C 15 10.88 -5.16 11.02
N LYS C 16 10.99 -4.22 11.94
CA LYS C 16 12.01 -4.28 12.98
C LYS C 16 11.66 -5.31 14.05
N ILE C 17 12.69 -6.01 14.54
CA ILE C 17 12.58 -6.89 15.69
C ILE C 17 13.61 -6.46 16.74
N ARG C 18 13.55 -7.10 17.90
CA ARG C 18 14.49 -6.76 18.95
C ARG C 18 14.52 -7.90 19.96
N VAL C 19 15.66 -8.05 20.61
CA VAL C 19 15.88 -9.11 21.60
C VAL C 19 15.48 -8.52 22.97
N PRO C 20 14.41 -9.00 23.60
CA PRO C 20 14.08 -8.54 24.94
C PRO C 20 15.15 -8.96 25.92
N SER C 21 15.49 -8.07 26.85
CA SER C 21 16.47 -8.39 27.87
C SER C 21 16.04 -9.63 28.66
N ARG C 22 17.03 -10.28 29.26
CA ARG C 22 16.77 -11.50 30.03
CA ARG C 22 16.77 -11.50 30.02
C ARG C 22 15.68 -11.29 31.08
N GLU C 23 15.70 -10.13 31.77
CA GLU C 23 14.69 -9.88 32.79
C GLU C 23 13.31 -9.82 32.18
N GLU C 24 13.16 -9.14 31.03
CA GLU C 24 11.86 -9.11 30.38
C GLU C 24 11.41 -10.52 30.03
N ARG C 25 12.32 -11.34 29.48
CA ARG C 25 11.99 -12.71 29.16
C ARG C 25 11.51 -13.48 30.39
N GLU C 26 12.21 -13.32 31.51
CA GLU C 26 11.77 -13.94 32.75
C GLU C 26 10.40 -13.42 33.16
N ALA C 27 10.23 -12.10 33.22
CA ALA C 27 8.94 -11.54 33.58
C ALA C 27 7.87 -12.01 32.62
N ALA C 28 8.15 -11.95 31.32
CA ALA C 28 7.16 -12.36 30.33
C ALA C 28 6.74 -13.81 30.54
N LEU C 29 7.72 -14.69 30.79
CA LEU C 29 7.39 -16.11 30.90
C LEU C 29 6.62 -16.40 32.17
N LYS C 30 6.98 -15.73 33.27
CA LYS C 30 6.22 -15.87 34.51
C LYS C 30 4.79 -15.36 34.32
N GLU C 31 4.64 -14.17 33.74
CA GLU C 31 3.29 -13.65 33.49
C GLU C 31 2.54 -14.53 32.51
N ALA C 32 3.22 -15.03 31.48
CA ALA C 32 2.61 -15.98 30.55
C ALA C 32 2.41 -17.35 31.18
N GLY C 33 2.74 -17.50 32.47
CA GLY C 33 2.60 -18.80 33.12
C GLY C 33 3.48 -19.87 32.54
N TYR C 34 4.69 -19.50 32.10
CA TYR C 34 5.62 -20.45 31.50
C TYR C 34 4.98 -21.20 30.33
N ASN C 35 4.06 -20.56 29.63
CA ASN C 35 3.53 -21.10 28.37
C ASN C 35 3.77 -20.07 27.28
N PRO C 36 4.68 -20.33 26.33
CA PRO C 36 4.98 -19.32 25.30
C PRO C 36 3.82 -19.00 24.39
N PHE C 37 2.82 -19.89 24.26
CA PHE C 37 1.61 -19.55 23.53
C PHE C 37 0.88 -18.34 24.12
N LEU C 38 1.20 -17.97 25.36
CA LEU C 38 0.59 -16.83 26.03
C LEU C 38 1.55 -15.65 26.14
N LEU C 39 2.67 -15.66 25.41
CA LEU C 39 3.54 -14.50 25.40
C LEU C 39 3.06 -13.49 24.37
N PRO C 40 3.08 -12.20 24.70
CA PRO C 40 2.90 -11.18 23.67
C PRO C 40 4.10 -11.20 22.74
N SER C 41 3.84 -11.00 21.46
CA SER C 41 4.92 -10.99 20.48
C SER C 41 5.96 -9.92 20.80
N SER C 42 5.56 -8.86 21.50
CA SER C 42 6.54 -7.84 21.87
C SER C 42 7.66 -8.42 22.73
N ALA C 43 7.43 -9.56 23.39
CA ALA C 43 8.44 -10.23 24.21
C ALA C 43 9.22 -11.27 23.44
N VAL C 44 9.05 -11.33 22.12
CA VAL C 44 9.61 -12.39 21.29
C VAL C 44 10.53 -11.75 20.27
N TYR C 45 11.73 -12.32 20.12
CA TYR C 45 12.68 -11.93 19.09
C TYR C 45 12.37 -12.62 17.78
N ILE C 46 12.74 -13.88 17.65
CA ILE C 46 12.51 -14.67 16.46
C ILE C 46 11.40 -15.68 16.78
N ASP C 47 10.27 -15.55 16.10
CA ASP C 47 9.07 -16.33 16.42
C ASP C 47 9.06 -17.59 15.56
N LEU C 48 9.25 -18.75 16.21
CA LEU C 48 9.18 -20.04 15.53
C LEU C 48 7.93 -20.82 15.93
N LEU C 49 6.93 -20.13 16.45
CA LEU C 49 5.72 -20.80 16.93
C LEU C 49 5.03 -21.54 15.80
N THR C 50 4.95 -20.93 14.62
CA THR C 50 4.28 -21.56 13.49
C THR C 50 4.82 -21.00 12.17
N ASP C 51 4.55 -21.71 11.08
CA ASP C 51 4.75 -21.19 9.74
C ASP C 51 3.44 -20.78 9.10
N SER C 52 2.39 -20.69 9.89
CA SER C 52 1.05 -20.40 9.39
C SER C 52 0.76 -18.91 9.57
N GLY C 53 0.59 -18.19 8.46
CA GLY C 53 0.09 -16.83 8.51
C GLY C 53 1.14 -15.78 8.79
N THR C 54 2.40 -16.16 8.94
CA THR C 54 3.47 -15.24 9.28
C THR C 54 4.40 -14.98 8.10
N ASN C 55 4.07 -15.49 6.92
CA ASN C 55 4.91 -15.40 5.72
C ASN C 55 5.04 -13.96 5.25
N ALA C 56 6.16 -13.69 4.56
CA ALA C 56 6.34 -12.40 3.88
C ALA C 56 5.85 -12.51 2.45
N MET C 57 4.96 -11.61 2.08
CA MET C 57 4.42 -11.59 0.73
C MET C 57 5.34 -10.84 -0.21
N SER C 58 5.10 -11.03 -1.50
CA SER C 58 5.86 -10.36 -2.56
C SER C 58 5.17 -9.08 -2.97
N ASP C 59 5.92 -8.19 -3.63
CA ASP C 59 5.29 -6.97 -4.13
C ASP C 59 4.12 -7.28 -5.08
N HIS C 60 4.20 -8.36 -5.86
CA HIS C 60 3.05 -8.67 -6.71
C HIS C 60 1.83 -9.05 -5.89
N GLN C 61 2.04 -9.71 -4.75
CA GLN C 61 0.92 -10.05 -3.91
C GLN C 61 0.29 -8.82 -3.28
N TRP C 62 1.12 -7.88 -2.81
CA TRP C 62 0.55 -6.65 -2.26
C TRP C 62 -0.17 -5.84 -3.33
N ALA C 63 0.37 -5.83 -4.55
CA ALA C 63 -0.29 -5.12 -5.64
C ALA C 63 -1.60 -5.79 -5.99
N ALA C 64 -1.65 -7.12 -5.93
CA ALA C 64 -2.93 -7.80 -6.11
C ALA C 64 -3.92 -7.40 -5.03
N MET C 65 -3.45 -7.19 -3.80
CA MET C 65 -4.39 -6.83 -2.74
C MET C 65 -5.01 -5.47 -3.00
N ILE C 66 -4.22 -4.52 -3.55
CA ILE C 66 -4.70 -3.14 -3.72
C ILE C 66 -5.82 -3.08 -4.76
N THR C 67 -5.76 -3.92 -5.78
CA THR C 67 -6.83 -3.93 -6.76
C THR C 67 -7.89 -4.97 -6.45
N GLY C 68 -7.79 -5.64 -5.31
CA GLY C 68 -8.81 -6.57 -4.84
C GLY C 68 -10.23 -6.06 -4.99
N ASP C 69 -11.14 -6.93 -5.40
CA ASP C 69 -12.54 -6.58 -5.63
C ASP C 69 -13.31 -6.97 -4.38
N GLU C 70 -13.73 -5.97 -3.60
CA GLU C 70 -14.35 -6.22 -2.31
C GLU C 70 -15.84 -6.52 -2.39
N ALA C 71 -16.37 -6.84 -3.57
CA ALA C 71 -17.82 -6.98 -3.71
C ALA C 71 -18.32 -8.17 -2.91
N TYR C 72 -19.47 -7.99 -2.27
CA TYR C 72 -20.04 -9.07 -1.46
C TYR C 72 -20.31 -10.31 -2.30
N ALA C 73 -20.80 -10.15 -3.53
CA ALA C 73 -21.13 -11.31 -4.36
C ALA C 73 -20.50 -11.17 -5.73
N GLY C 74 -19.80 -12.20 -6.17
CA GLY C 74 -19.28 -12.21 -7.54
C GLY C 74 -17.99 -11.45 -7.74
N SER C 75 -17.15 -11.36 -6.71
CA SER C 75 -15.88 -10.66 -6.81
C SER C 75 -15.06 -11.22 -7.96
N ARG C 76 -14.47 -10.32 -8.76
CA ARG C 76 -13.56 -10.75 -9.83
CA ARG C 76 -13.57 -10.77 -9.83
C ARG C 76 -12.52 -11.74 -9.31
N ASN C 77 -12.07 -11.57 -8.07
CA ASN C 77 -11.01 -12.43 -7.59
C ASN C 77 -11.50 -13.84 -7.30
N TYR C 78 -12.79 -14.01 -6.99
CA TYR C 78 -13.33 -15.36 -6.86
C TYR C 78 -13.19 -16.11 -8.19
N TYR C 79 -13.62 -15.50 -9.28
CA TYR C 79 -13.47 -16.16 -10.58
C TYR C 79 -12.02 -16.39 -10.95
N ASP C 80 -11.09 -15.52 -10.52
CA ASP C 80 -9.68 -15.79 -10.77
C ASP C 80 -9.22 -17.01 -10.01
N LEU C 81 -9.65 -17.10 -8.76
CA LEU C 81 -9.31 -18.24 -7.90
C LEU C 81 -9.89 -19.52 -8.46
N LYS C 82 -11.13 -19.47 -8.97
CA LYS C 82 -11.73 -20.66 -9.56
C LYS C 82 -10.92 -21.12 -10.77
N ASP C 83 -10.50 -20.18 -11.63
CA ASP C 83 -9.68 -20.55 -12.77
C ASP C 83 -8.30 -21.03 -12.34
N LYS C 84 -7.79 -20.51 -11.23
CA LYS C 84 -6.49 -20.98 -10.77
C LYS C 84 -6.58 -22.44 -10.31
N ALA C 85 -7.58 -22.76 -9.49
CA ALA C 85 -7.73 -24.14 -9.02
C ALA C 85 -7.97 -25.09 -10.18
N LYS C 86 -8.70 -24.63 -11.21
CA LYS C 86 -8.81 -25.44 -12.41
C LYS C 86 -7.43 -25.70 -13.02
N GLU C 87 -6.57 -24.67 -13.07
CA GLU C 87 -5.27 -24.83 -13.71
C GLU C 87 -4.33 -25.70 -12.87
N LEU C 88 -4.22 -25.40 -11.56
CA LEU C 88 -3.28 -26.14 -10.73
C LEU C 88 -3.74 -27.57 -10.51
N PHE C 89 -4.99 -27.74 -10.08
CA PHE C 89 -5.44 -29.04 -9.61
C PHE C 89 -6.29 -29.78 -10.61
N ASN C 90 -6.79 -29.09 -11.65
CA ASN C 90 -7.79 -29.65 -12.54
C ASN C 90 -9.11 -29.90 -11.81
N TYR C 91 -9.40 -29.15 -10.74
CA TYR C 91 -10.65 -29.29 -10.01
C TYR C 91 -11.63 -28.21 -10.48
N ASP C 92 -12.91 -28.59 -10.59
CA ASP C 92 -13.91 -27.76 -11.25
C ASP C 92 -14.67 -26.83 -10.31
N TYR C 93 -14.62 -27.05 -8.99
CA TYR C 93 -15.42 -26.28 -8.05
C TYR C 93 -14.55 -25.80 -6.91
N ILE C 94 -14.76 -24.56 -6.47
CA ILE C 94 -14.03 -24.02 -5.32
C ILE C 94 -15.00 -23.38 -4.35
N ILE C 95 -14.60 -23.34 -3.09
CA ILE C 95 -15.27 -22.52 -2.08
C ILE C 95 -14.15 -21.90 -1.25
N PRO C 96 -13.95 -20.58 -1.29
CA PRO C 96 -12.96 -19.96 -0.43
C PRO C 96 -13.39 -20.05 1.03
N ALA C 97 -12.41 -19.96 1.92
CA ALA C 97 -12.66 -20.09 3.35
C ALA C 97 -11.67 -19.21 4.10
N HIS C 98 -11.99 -18.87 5.35
CA HIS C 98 -11.16 -17.87 6.00
C HIS C 98 -9.81 -18.44 6.40
N GLN C 99 -9.74 -19.73 6.71
CA GLN C 99 -8.46 -20.43 6.83
C GLN C 99 -8.72 -21.93 6.80
N GLY C 100 -7.69 -22.71 7.09
CA GLY C 100 -7.77 -24.14 6.88
C GLY C 100 -8.84 -24.80 7.72
N ARG C 101 -8.93 -24.45 8.99
CA ARG C 101 -9.95 -25.06 9.83
C ARG C 101 -11.36 -24.60 9.44
N GLY C 102 -11.48 -23.45 8.77
CA GLY C 102 -12.77 -23.09 8.20
C GLY C 102 -13.13 -23.99 7.04
N ALA C 103 -12.16 -24.28 6.18
CA ALA C 103 -12.35 -25.23 5.09
C ALA C 103 -12.78 -26.60 5.62
N GLU C 104 -12.16 -27.05 6.72
CA GLU C 104 -12.51 -28.33 7.34
C GLU C 104 -13.93 -28.28 7.87
N ASN C 105 -14.30 -27.19 8.52
CA ASN C 105 -15.65 -27.05 9.03
C ASN C 105 -16.68 -27.07 7.91
N ILE C 106 -16.33 -26.56 6.75
CA ILE C 106 -17.27 -26.58 5.63
C ILE C 106 -17.48 -28.00 5.13
N LEU C 107 -16.38 -28.70 4.84
CA LEU C 107 -16.43 -29.92 4.06
C LEU C 107 -16.64 -31.18 4.88
N PHE C 108 -16.01 -31.30 6.05
CA PHE C 108 -16.08 -32.58 6.76
C PHE C 108 -17.49 -32.93 7.20
N PRO C 109 -18.25 -32.03 7.83
CA PRO C 109 -19.62 -32.42 8.20
C PRO C 109 -20.48 -32.73 6.99
N VAL C 110 -20.19 -32.11 5.85
CA VAL C 110 -20.88 -32.45 4.62
C VAL C 110 -20.61 -33.90 4.25
N LEU C 111 -19.34 -34.31 4.35
CA LEU C 111 -18.94 -35.65 3.93
C LEU C 111 -19.61 -36.72 4.78
N LEU C 112 -19.72 -36.47 6.08
CA LEU C 112 -20.39 -37.42 6.94
C LEU C 112 -21.88 -37.50 6.61
N LYS C 113 -22.52 -36.34 6.40
CA LYS C 113 -23.95 -36.32 6.13
C LYS C 113 -24.25 -37.00 4.80
N TYR C 114 -23.40 -36.78 3.79
CA TYR C 114 -23.58 -37.39 2.48
C TYR C 114 -23.45 -38.92 2.56
N LYS C 115 -22.49 -39.40 3.34
CA LYS C 115 -22.33 -40.85 3.49
C LYS C 115 -23.50 -41.45 4.26
N GLN C 116 -24.01 -40.72 5.26
CA GLN C 116 -25.17 -41.18 6.02
C GLN C 116 -26.41 -41.28 5.15
N LYS C 117 -26.59 -40.34 4.22
CA LYS C 117 -27.83 -40.30 3.43
C LYS C 117 -27.99 -41.55 2.58
N GLU C 118 -26.91 -42.30 2.36
CA GLU C 118 -27.01 -43.59 1.68
C GLU C 118 -27.38 -44.73 2.62
N GLY C 119 -27.41 -44.49 3.93
CA GLY C 119 -27.60 -45.56 4.90
C GLY C 119 -26.34 -46.17 5.46
N LYS C 120 -25.21 -45.46 5.34
CA LYS C 120 -23.88 -45.91 5.76
C LYS C 120 -23.36 -44.96 6.85
N ALA C 121 -22.10 -45.18 7.25
CA ALA C 121 -21.45 -44.36 8.29
C ALA C 121 -22.22 -44.42 9.61
N LYS C 122 -22.68 -45.62 9.97
CA LYS C 122 -23.32 -45.82 11.27
C LYS C 122 -22.29 -45.82 12.42
N ASN C 123 -21.05 -46.23 12.13
CA ASN C 123 -19.93 -46.13 13.06
CA ASN C 123 -19.93 -46.13 13.06
C ASN C 123 -18.81 -45.40 12.33
N PRO C 124 -18.97 -44.10 12.12
CA PRO C 124 -18.12 -43.40 11.15
C PRO C 124 -16.72 -43.13 11.64
N VAL C 125 -15.77 -43.18 10.71
CA VAL C 125 -14.37 -42.88 10.98
C VAL C 125 -13.77 -42.21 9.75
N PHE C 126 -12.72 -41.43 10.01
CA PHE C 126 -11.85 -40.86 9.00
C PHE C 126 -10.49 -41.51 9.15
N ILE C 127 -9.82 -41.77 8.02
CA ILE C 127 -8.51 -42.40 8.02
C ILE C 127 -7.53 -41.50 7.30
N SER C 128 -6.41 -41.23 7.95
CA SER C 128 -5.41 -40.33 7.41
C SER C 128 -4.03 -40.93 7.63
N ASN C 129 -3.08 -40.51 6.79
CA ASN C 129 -1.70 -40.79 7.15
C ASN C 129 -1.40 -40.12 8.49
N PHE C 130 -1.86 -38.88 8.67
CA PHE C 130 -1.98 -38.34 10.03
C PHE C 130 -2.88 -37.10 10.00
N HIS C 131 -3.97 -37.16 10.76
CA HIS C 131 -4.82 -35.99 10.97
C HIS C 131 -4.07 -34.93 11.76
N PHE C 132 -3.95 -33.73 11.18
CA PHE C 132 -3.56 -32.56 11.96
C PHE C 132 -4.57 -32.30 13.09
N ASP C 133 -4.19 -31.42 14.02
CA ASP C 133 -4.94 -31.25 15.26
C ASP C 133 -6.35 -30.72 15.00
N THR C 134 -6.47 -29.61 14.27
CA THR C 134 -7.81 -29.07 13.99
C THR C 134 -8.61 -30.05 13.16
N THR C 135 -7.97 -30.67 12.16
CA THR C 135 -8.59 -31.72 11.37
C THR C 135 -9.22 -32.78 12.27
N ALA C 136 -8.39 -33.46 13.06
CA ALA C 136 -8.89 -34.45 14.00
C ALA C 136 -9.98 -33.88 14.90
N ALA C 137 -9.84 -32.62 15.30
CA ALA C 137 -10.83 -32.01 16.18
C ALA C 137 -12.18 -31.90 15.49
N HIS C 138 -12.17 -31.50 14.22
CA HIS C 138 -13.43 -31.42 13.48
C HIS C 138 -14.02 -32.81 13.25
N VAL C 139 -13.16 -33.80 12.97
CA VAL C 139 -13.65 -35.16 12.84
C VAL C 139 -14.34 -35.60 14.12
N GLU C 140 -13.67 -35.40 15.26
CA GLU C 140 -14.25 -35.86 16.52
C GLU C 140 -15.47 -35.02 16.92
N LEU C 141 -15.52 -33.77 16.48
CA LEU C 141 -16.68 -32.93 16.82
C LEU C 141 -17.93 -33.38 16.10
N ASN C 142 -17.79 -34.08 14.98
CA ASN C 142 -18.93 -34.65 14.28
C ASN C 142 -19.13 -36.13 14.60
N GLY C 143 -18.71 -36.58 15.78
CA GLY C 143 -19.02 -37.92 16.23
C GLY C 143 -18.25 -39.05 15.59
N CYS C 144 -17.19 -38.76 14.84
CA CYS C 144 -16.42 -39.79 14.16
C CYS C 144 -15.08 -39.99 14.84
N LYS C 145 -14.48 -41.13 14.54
CA LYS C 145 -13.14 -41.45 15.03
C LYS C 145 -12.11 -41.10 13.96
N ALA C 146 -11.01 -40.49 14.39
CA ALA C 146 -9.91 -40.12 13.50
C ALA C 146 -8.80 -41.14 13.68
N ILE C 147 -8.51 -41.90 12.64
CA ILE C 147 -7.49 -42.94 12.68
C ILE C 147 -6.27 -42.46 11.90
N ASN C 148 -5.09 -42.62 12.48
CA ASN C 148 -3.83 -42.25 11.86
C ASN C 148 -3.03 -43.52 11.59
N ILE C 149 -2.53 -43.65 10.37
CA ILE C 149 -1.81 -44.86 10.01
C ILE C 149 -0.54 -44.53 9.22
N VAL C 150 0.25 -43.57 9.72
CA VAL C 150 1.49 -43.22 9.05
C VAL C 150 2.47 -44.41 9.07
N THR C 151 3.32 -44.49 8.04
CA THR C 151 4.35 -45.53 7.98
C THR C 151 5.14 -45.57 9.29
N GLU C 152 5.54 -46.78 9.69
CA GLU C 152 6.29 -46.92 10.92
C GLU C 152 7.65 -46.26 10.84
N LYS C 153 8.17 -46.02 9.64
CA LYS C 153 9.48 -45.38 9.52
C LYS C 153 9.47 -43.97 10.09
N ALA C 154 8.30 -43.36 10.28
CA ALA C 154 8.24 -42.02 10.84
C ALA C 154 8.60 -42.02 12.32
N PHE C 155 8.58 -43.18 12.95
CA PHE C 155 8.84 -43.30 14.37
C PHE C 155 10.31 -43.54 14.67
N ASP C 156 11.12 -43.85 13.66
CA ASP C 156 12.56 -43.96 13.84
C ASP C 156 13.15 -42.61 13.45
N SER C 157 13.31 -41.76 14.46
CA SER C 157 13.55 -40.34 14.26
C SER C 157 14.80 -40.08 13.43
N GLU C 158 15.90 -40.74 13.77
CA GLU C 158 17.17 -40.39 13.17
C GLU C 158 17.54 -41.25 11.96
N THR C 159 16.76 -42.27 11.66
CA THR C 159 17.02 -43.09 10.47
C THR C 159 16.39 -42.45 9.26
N TYR C 160 17.21 -42.10 8.27
CA TYR C 160 16.67 -41.49 7.05
C TYR C 160 15.69 -42.43 6.34
N ASP C 161 14.61 -41.84 5.84
CA ASP C 161 13.74 -42.48 4.87
C ASP C 161 13.21 -41.42 3.92
N ASP C 162 12.99 -41.82 2.66
CA ASP C 162 12.53 -40.88 1.64
C ASP C 162 11.17 -40.28 1.98
N TRP C 163 10.29 -41.07 2.58
CA TRP C 163 8.86 -40.75 2.63
C TRP C 163 8.31 -41.05 4.02
N LYS C 164 8.80 -40.35 5.03
CA LYS C 164 8.27 -40.65 6.35
C LYS C 164 6.82 -40.17 6.52
N GLY C 165 6.23 -39.49 5.54
CA GLY C 165 4.82 -39.14 5.65
C GLY C 165 3.85 -40.12 5.01
N ASP C 166 4.35 -41.19 4.38
CA ASP C 166 3.54 -42.13 3.63
C ASP C 166 2.45 -42.77 4.51
N PHE C 167 1.38 -43.24 3.85
CA PHE C 167 0.44 -44.12 4.52
C PHE C 167 1.07 -45.49 4.75
N ASP C 168 0.77 -46.11 5.88
CA ASP C 168 1.01 -47.54 6.03
C ASP C 168 -0.08 -48.26 5.22
N ILE C 169 0.29 -48.81 4.06
CA ILE C 169 -0.71 -49.40 3.16
C ILE C 169 -1.35 -50.64 3.78
N LYS C 170 -0.58 -51.45 4.51
CA LYS C 170 -1.16 -52.63 5.15
C LYS C 170 -2.20 -52.24 6.19
N LYS C 171 -1.91 -51.23 7.01
CA LYS C 171 -2.88 -50.76 7.98
C LYS C 171 -4.10 -50.17 7.28
N LEU C 172 -3.90 -49.48 6.16
CA LEU C 172 -5.02 -48.94 5.42
C LEU C 172 -5.98 -50.04 5.02
N LYS C 173 -5.46 -51.11 4.41
CA LYS C 173 -6.34 -52.19 4.00
C LYS C 173 -6.96 -52.86 5.21
N GLU C 174 -6.17 -53.03 6.28
CA GLU C 174 -6.65 -53.62 7.53
C GLU C 174 -7.75 -52.80 8.18
N ASN C 175 -7.67 -51.47 8.08
CA ASN C 175 -8.75 -50.66 8.63
C ASN C 175 -9.97 -50.68 7.73
N ILE C 176 -9.78 -50.76 6.41
CA ILE C 176 -10.95 -50.88 5.54
C ILE C 176 -11.63 -52.22 5.82
N ALA C 177 -10.85 -53.24 6.16
CA ALA C 177 -11.44 -54.55 6.43
C ALA C 177 -12.13 -54.59 7.78
N GLN C 178 -11.59 -53.90 8.80
CA GLN C 178 -12.15 -54.01 10.14
C GLN C 178 -13.38 -53.13 10.31
N HIS C 179 -13.29 -51.86 9.92
CA HIS C 179 -14.39 -50.92 10.07
C HIS C 179 -15.42 -51.03 8.95
N GLY C 180 -15.00 -51.49 7.77
CA GLY C 180 -15.89 -51.58 6.62
C GLY C 180 -15.89 -50.31 5.79
N ALA C 181 -15.94 -50.45 4.46
CA ALA C 181 -15.94 -49.29 3.56
C ALA C 181 -17.12 -48.36 3.83
N ASP C 182 -18.25 -48.90 4.24
CA ASP C 182 -19.43 -48.11 4.51
C ASP C 182 -19.24 -47.16 5.69
N ASN C 183 -18.29 -47.45 6.58
CA ASN C 183 -18.06 -46.64 7.76
C ASN C 183 -16.94 -45.63 7.59
N ILE C 184 -16.17 -45.72 6.50
CA ILE C 184 -15.07 -44.79 6.25
C ILE C 184 -15.67 -43.58 5.53
N VAL C 185 -15.87 -42.49 6.28
CA VAL C 185 -16.43 -41.30 5.67
C VAL C 185 -15.50 -40.78 4.58
N ALA C 186 -14.22 -40.64 4.92
CA ALA C 186 -13.25 -40.15 3.96
C ALA C 186 -11.87 -40.62 4.37
N ILE C 187 -10.98 -40.66 3.38
CA ILE C 187 -9.56 -40.79 3.63
C ILE C 187 -8.94 -39.41 3.42
N VAL C 188 -8.13 -38.97 4.38
CA VAL C 188 -7.49 -37.66 4.32
C VAL C 188 -5.99 -37.87 4.11
N SER C 189 -5.51 -37.54 2.92
CA SER C 189 -4.08 -37.55 2.63
C SER C 189 -3.49 -36.21 3.02
N THR C 190 -2.65 -36.19 4.05
CA THR C 190 -2.05 -34.93 4.52
C THR C 190 -0.70 -34.76 3.85
N VAL C 191 -0.57 -33.74 2.99
CA VAL C 191 0.68 -33.51 2.25
C VAL C 191 1.18 -32.08 2.50
N THR C 192 2.43 -31.94 2.96
CA THR C 192 3.26 -32.94 3.58
C THR C 192 2.55 -33.34 4.87
N CYS C 193 3.05 -34.37 5.53
CA CYS C 193 2.40 -34.90 6.73
C CYS C 193 2.97 -34.15 7.93
N ASN C 194 2.25 -33.10 8.35
CA ASN C 194 2.72 -32.18 9.40
C ASN C 194 3.08 -32.93 10.69
N SER C 195 2.19 -33.78 11.17
CA SER C 195 2.39 -34.41 12.46
C SER C 195 3.51 -35.44 12.44
N ALA C 196 3.95 -35.88 11.27
CA ALA C 196 5.15 -36.67 11.17
C ALA C 196 6.42 -35.83 11.07
N GLY C 197 6.32 -34.50 11.14
CA GLY C 197 7.49 -33.67 10.92
C GLY C 197 7.60 -33.09 9.52
N GLY C 198 6.47 -32.69 8.94
CA GLY C 198 6.47 -32.13 7.60
C GLY C 198 7.11 -33.03 6.57
N GLN C 199 6.95 -34.35 6.71
CA GLN C 199 7.60 -35.37 5.88
C GLN C 199 6.73 -35.69 4.65
N PRO C 200 7.34 -35.77 3.47
CA PRO C 200 6.57 -35.96 2.25
C PRO C 200 5.90 -37.33 2.16
N VAL C 201 4.84 -37.35 1.34
CA VAL C 201 4.19 -38.57 0.88
C VAL C 201 4.58 -38.79 -0.58
N SER C 202 5.09 -39.98 -0.90
CA SER C 202 5.46 -40.27 -2.28
C SER C 202 4.25 -40.24 -3.21
N MET C 203 4.51 -40.03 -4.50
CA MET C 203 3.43 -40.09 -5.48
C MET C 203 2.81 -41.47 -5.54
N SER C 204 3.65 -42.52 -5.52
CA SER C 204 3.09 -43.86 -5.64
C SER C 204 2.25 -44.20 -4.42
N ASN C 205 2.58 -43.64 -3.26
CA ASN C 205 1.74 -43.86 -2.09
C ASN C 205 0.38 -43.18 -2.25
N LEU C 206 0.37 -41.89 -2.60
CA LEU C 206 -0.89 -41.20 -2.91
C LEU C 206 -1.68 -41.99 -3.92
N LYS C 207 -1.01 -42.44 -4.99
CA LYS C 207 -1.69 -43.19 -6.03
C LYS C 207 -2.29 -44.49 -5.48
N GLU C 208 -1.54 -45.22 -4.65
CA GLU C 208 -2.04 -46.50 -4.17
C GLU C 208 -3.19 -46.32 -3.19
N VAL C 209 -3.07 -45.35 -2.28
CA VAL C 209 -4.18 -45.02 -1.40
C VAL C 209 -5.42 -44.71 -2.21
N TYR C 210 -5.26 -43.89 -3.26
CA TYR C 210 -6.42 -43.50 -4.06
C TYR C 210 -7.01 -44.72 -4.77
N GLU C 211 -6.16 -45.61 -5.27
CA GLU C 211 -6.65 -46.79 -5.97
C GLU C 211 -7.45 -47.69 -5.04
N ILE C 212 -6.92 -47.93 -3.85
CA ILE C 212 -7.64 -48.75 -2.86
C ILE C 212 -8.97 -48.08 -2.51
N ALA C 213 -8.99 -46.75 -2.45
CA ALA C 213 -10.20 -46.06 -2.02
C ALA C 213 -11.27 -46.06 -3.12
N LYS C 214 -10.87 -46.01 -4.40
CA LYS C 214 -11.87 -46.07 -5.48
C LYS C 214 -12.43 -47.46 -5.65
N GLN C 215 -11.65 -48.49 -5.30
CA GLN C 215 -12.20 -49.85 -5.27
C GLN C 215 -13.30 -49.94 -4.24
N HIS C 216 -13.10 -49.34 -3.07
CA HIS C 216 -14.06 -49.45 -1.99
C HIS C 216 -15.07 -48.32 -1.97
N GLY C 217 -15.05 -47.42 -2.95
CA GLY C 217 -15.99 -46.32 -2.98
C GLY C 217 -15.77 -45.25 -1.93
N ILE C 218 -14.51 -45.00 -1.53
CA ILE C 218 -14.22 -44.11 -0.42
C ILE C 218 -13.75 -42.76 -0.94
N PHE C 219 -14.36 -41.70 -0.44
CA PHE C 219 -13.96 -40.34 -0.78
C PHE C 219 -12.57 -40.05 -0.24
N VAL C 220 -11.78 -39.32 -1.02
CA VAL C 220 -10.42 -38.95 -0.63
C VAL C 220 -10.31 -37.43 -0.64
N VAL C 221 -9.92 -36.87 0.49
CA VAL C 221 -9.65 -35.45 0.66
C VAL C 221 -8.14 -35.27 0.78
N MET C 222 -7.59 -34.29 0.08
CA MET C 222 -6.17 -33.95 0.19
C MET C 222 -6.03 -32.72 1.09
N ASP C 223 -5.52 -32.92 2.31
CA ASP C 223 -5.19 -31.78 3.17
C ASP C 223 -3.93 -31.13 2.60
N SER C 224 -4.08 -29.93 2.02
CA SER C 224 -3.07 -29.42 1.11
C SER C 224 -2.32 -28.21 1.65
N ALA C 225 -2.38 -27.94 2.96
CA ALA C 225 -1.65 -26.79 3.52
C ALA C 225 -0.24 -26.69 2.96
N ARG C 226 0.49 -27.80 2.90
CA ARG C 226 1.85 -27.75 2.40
C ARG C 226 2.05 -28.63 1.17
N PHE C 227 1.16 -28.49 0.18
CA PHE C 227 1.25 -29.35 -1.01
C PHE C 227 2.46 -29.01 -1.88
N CYS C 228 2.94 -27.77 -1.83
CA CYS C 228 4.07 -27.39 -2.68
C CYS C 228 5.35 -28.05 -2.18
N GLU C 229 5.58 -27.97 -0.87
CA GLU C 229 6.71 -28.65 -0.29
C GLU C 229 6.66 -30.15 -0.58
N ASN C 230 5.46 -30.74 -0.58
CA ASN C 230 5.38 -32.15 -0.90
C ASN C 230 5.75 -32.42 -2.35
N ALA C 231 5.29 -31.55 -3.26
CA ALA C 231 5.64 -31.68 -4.67
C ALA C 231 7.13 -31.51 -4.90
N TYR C 232 7.77 -30.61 -4.16
CA TYR C 232 9.21 -30.45 -4.34
C TYR C 232 9.94 -31.72 -3.94
N PHE C 233 9.53 -32.33 -2.84
CA PHE C 233 10.15 -33.56 -2.36
C PHE C 233 9.91 -34.69 -3.31
N ILE C 234 8.73 -34.75 -3.92
CA ILE C 234 8.53 -35.76 -4.95
C ILE C 234 9.50 -35.52 -6.10
N LYS C 235 9.66 -34.27 -6.51
CA LYS C 235 10.60 -34.03 -7.60
C LYS C 235 12.03 -34.31 -7.19
N ALA C 236 12.39 -34.04 -5.92
CA ALA C 236 13.74 -34.30 -5.43
C ALA C 236 14.04 -35.80 -5.31
N ARG C 237 13.06 -36.59 -4.86
CA ARG C 237 13.33 -37.95 -4.43
C ARG C 237 12.73 -39.05 -5.31
N ASP C 238 11.83 -38.72 -6.23
CA ASP C 238 11.27 -39.74 -7.11
C ASP C 238 11.89 -39.58 -8.48
N PRO C 239 12.68 -40.55 -8.96
CA PRO C 239 13.38 -40.34 -10.24
C PRO C 239 12.44 -40.17 -11.42
N LYS C 240 11.24 -40.74 -11.37
CA LYS C 240 10.27 -40.59 -12.44
C LYS C 240 9.92 -39.12 -12.68
N TYR C 241 9.96 -38.28 -11.64
CA TYR C 241 9.65 -36.87 -11.78
C TYR C 241 10.90 -36.00 -11.80
N LYS C 242 12.04 -36.61 -12.13
CA LYS C 242 13.31 -35.89 -12.11
C LYS C 242 13.27 -34.66 -13.01
N ASN C 243 12.68 -34.78 -14.19
CA ASN C 243 12.65 -33.69 -15.15
C ASN C 243 11.27 -33.06 -15.28
N ALA C 244 10.39 -33.30 -14.34
CA ALA C 244 9.08 -32.66 -14.37
C ALA C 244 9.16 -31.29 -13.69
N THR C 245 8.21 -30.43 -14.02
CA THR C 245 8.09 -29.16 -13.32
C THR C 245 7.31 -29.36 -12.04
N ILE C 246 7.43 -28.42 -11.10
CA ILE C 246 6.63 -28.52 -9.89
C ILE C 246 5.15 -28.63 -10.23
N LYS C 247 4.69 -27.82 -11.19
CA LYS C 247 3.26 -27.81 -11.48
C LYS C 247 2.79 -29.14 -12.07
N GLU C 248 3.63 -29.79 -12.86
CA GLU C 248 3.28 -31.13 -13.34
C GLU C 248 3.19 -32.13 -12.20
N VAL C 249 4.14 -32.09 -11.26
CA VAL C 249 4.04 -32.93 -10.07
C VAL C 249 2.75 -32.64 -9.33
N ILE C 250 2.37 -31.36 -9.23
CA ILE C 250 1.14 -31.03 -8.54
C ILE C 250 -0.06 -31.56 -9.30
N PHE C 251 -0.09 -31.30 -10.61
CA PHE C 251 -1.16 -31.82 -11.44
C PHE C 251 -1.32 -33.32 -11.24
N ASP C 252 -0.21 -34.04 -11.09
CA ASP C 252 -0.30 -35.48 -10.90
C ASP C 252 -0.81 -35.84 -9.50
N MET C 253 -0.31 -35.17 -8.45
CA MET C 253 -0.78 -35.46 -7.09
C MET C 253 -2.29 -35.43 -7.00
N TYR C 254 -2.91 -34.41 -7.60
CA TYR C 254 -4.34 -34.22 -7.39
C TYR C 254 -5.20 -35.11 -8.27
N LYS C 255 -4.59 -35.97 -9.10
CA LYS C 255 -5.36 -37.08 -9.64
C LYS C 255 -5.75 -38.06 -8.56
N TYR C 256 -5.08 -38.05 -7.40
CA TYR C 256 -5.29 -39.07 -6.40
C TYR C 256 -6.07 -38.53 -5.21
N ALA C 257 -6.95 -37.57 -5.46
CA ALA C 257 -7.92 -37.14 -4.47
C ALA C 257 -9.19 -36.71 -5.20
N ASP C 258 -10.28 -36.69 -4.46
CA ASP C 258 -11.55 -36.20 -4.99
C ASP C 258 -11.84 -34.75 -4.60
N ALA C 259 -11.13 -34.21 -3.60
CA ALA C 259 -11.35 -32.85 -3.11
C ALA C 259 -10.12 -32.44 -2.31
N LEU C 260 -10.05 -31.18 -1.95
CA LEU C 260 -8.96 -30.71 -1.11
C LEU C 260 -9.49 -29.68 -0.14
N THR C 261 -8.83 -29.62 1.01
CA THR C 261 -8.98 -28.54 1.96
C THR C 261 -7.59 -27.96 2.14
N MET C 262 -7.49 -26.66 2.28
CA MET C 262 -6.17 -26.05 2.34
CA MET C 262 -6.15 -26.11 2.43
C MET C 262 -6.18 -24.84 3.26
N SER C 263 -5.15 -24.71 4.07
CA SER C 263 -4.83 -23.48 4.76
C SER C 263 -3.95 -22.71 3.81
N ALA C 264 -4.46 -21.61 3.25
CA ALA C 264 -3.61 -20.86 2.35
C ALA C 264 -2.60 -20.03 3.12
N LYS C 265 -2.63 -20.07 4.46
CA LYS C 265 -1.65 -19.43 5.32
C LYS C 265 -0.30 -20.15 5.29
N LYS C 266 -0.20 -21.28 4.58
CA LYS C 266 1.05 -22.01 4.48
C LYS C 266 1.67 -21.80 3.08
N ASP C 267 1.71 -22.85 2.25
CA ASP C 267 2.43 -22.76 0.99
C ASP C 267 1.98 -21.66 0.04
N PRO C 268 0.70 -21.23 -0.03
CA PRO C 268 0.37 -20.06 -0.87
C PRO C 268 0.86 -18.73 -0.33
N LEU C 269 1.63 -18.71 0.77
CA LEU C 269 2.38 -17.53 1.21
C LEU C 269 1.48 -16.38 1.62
N LEU C 270 0.52 -16.65 2.52
CA LEU C 270 -0.41 -15.63 2.95
C LEU C 270 -0.36 -15.44 4.46
N ASN C 271 -1.04 -14.39 4.92
CA ASN C 271 -1.26 -14.19 6.34
C ASN C 271 -2.65 -14.64 6.78
N ILE C 272 -3.54 -14.92 5.83
CA ILE C 272 -4.89 -15.37 6.13
C ILE C 272 -5.42 -16.02 4.86
N GLY C 273 -6.37 -16.94 5.00
CA GLY C 273 -6.98 -17.53 3.82
C GLY C 273 -7.03 -19.04 3.82
N GLY C 274 -8.10 -19.58 3.23
CA GLY C 274 -8.23 -21.02 3.13
C GLY C 274 -9.00 -21.39 1.88
N LEU C 275 -9.00 -22.68 1.53
CA LEU C 275 -9.73 -23.05 0.31
C LEU C 275 -10.27 -24.47 0.36
N VAL C 276 -11.50 -24.64 -0.11
CA VAL C 276 -12.07 -25.94 -0.48
C VAL C 276 -12.10 -26.02 -2.00
N ALA C 277 -11.63 -27.12 -2.56
CA ALA C 277 -11.85 -27.37 -3.98
C ALA C 277 -12.36 -28.79 -4.14
N ILE C 278 -13.21 -28.99 -5.14
CA ILE C 278 -13.82 -30.29 -5.38
C ILE C 278 -13.60 -30.65 -6.85
N ARG C 279 -13.18 -31.90 -7.09
CA ARG C 279 -12.80 -32.31 -8.44
C ARG C 279 -13.99 -32.25 -9.39
N ASP C 280 -15.04 -33.04 -9.14
CA ASP C 280 -16.18 -33.08 -10.06
C ASP C 280 -17.51 -33.40 -9.39
N ASN C 281 -17.55 -33.65 -8.08
CA ASN C 281 -18.79 -34.03 -7.40
C ASN C 281 -19.60 -32.77 -7.09
N GLU C 282 -20.56 -32.46 -7.97
CA GLU C 282 -21.35 -31.23 -7.80
C GLU C 282 -22.26 -31.30 -6.57
N GLU C 283 -22.81 -32.48 -6.24
CA GLU C 283 -23.70 -32.59 -5.10
C GLU C 283 -22.98 -32.29 -3.79
N ILE C 284 -21.78 -32.84 -3.62
CA ILE C 284 -20.95 -32.50 -2.46
CA ILE C 284 -20.97 -32.49 -2.45
C ILE C 284 -20.63 -31.01 -2.46
N PHE C 285 -20.39 -30.45 -3.64
CA PHE C 285 -20.12 -29.03 -3.74
C PHE C 285 -21.33 -28.23 -3.33
N THR C 286 -22.52 -28.63 -3.79
CA THR C 286 -23.73 -27.90 -3.41
C THR C 286 -23.96 -27.98 -1.91
N LEU C 287 -23.74 -29.15 -1.32
CA LEU C 287 -23.92 -29.27 0.12
C LEU C 287 -22.88 -28.45 0.90
N ALA C 288 -21.65 -28.37 0.37
CA ALA C 288 -20.62 -27.58 1.04
C ALA C 288 -20.96 -26.10 1.02
N ARG C 289 -21.45 -25.60 -0.11
CA ARG C 289 -21.88 -24.21 -0.19
C ARG C 289 -22.97 -23.91 0.83
N GLN C 290 -23.93 -24.83 0.97
CA GLN C 290 -25.02 -24.67 1.93
C GLN C 290 -24.49 -24.55 3.36
N ARG C 291 -23.35 -25.15 3.66
CA ARG C 291 -22.75 -24.99 4.98
C ARG C 291 -21.85 -23.76 5.06
N CYS C 292 -21.23 -23.38 3.95
CA CYS C 292 -20.35 -22.21 3.94
C CYS C 292 -21.09 -20.94 4.35
N VAL C 293 -22.33 -20.77 3.90
CA VAL C 293 -23.01 -19.48 4.08
C VAL C 293 -23.22 -19.12 5.54
N PRO C 294 -23.73 -19.99 6.42
CA PRO C 294 -23.83 -19.61 7.83
C PRO C 294 -22.52 -19.65 8.60
N MET C 295 -21.52 -20.40 8.16
CA MET C 295 -20.34 -20.55 9.00
C MET C 295 -19.24 -19.56 8.64
N GLU C 296 -19.07 -19.24 7.36
CA GLU C 296 -17.94 -18.44 6.89
C GLU C 296 -18.36 -17.15 6.21
N GLY C 297 -19.32 -17.20 5.31
CA GLY C 297 -19.73 -16.04 4.54
C GLY C 297 -20.29 -16.50 3.21
N PHE C 298 -20.60 -15.55 2.35
CA PHE C 298 -21.19 -15.91 1.07
C PHE C 298 -20.18 -16.72 0.24
N VAL C 299 -20.72 -17.57 -0.64
CA VAL C 299 -19.91 -18.59 -1.30
C VAL C 299 -18.85 -18.03 -2.24
N THR C 300 -18.91 -16.74 -2.61
CA THR C 300 -17.86 -16.17 -3.44
C THR C 300 -16.84 -15.34 -2.65
N TYR C 301 -16.83 -15.42 -1.31
CA TYR C 301 -15.69 -14.84 -0.58
C TYR C 301 -15.33 -15.65 0.66
N GLY C 302 -16.29 -16.41 1.19
CA GLY C 302 -15.97 -17.40 2.22
C GLY C 302 -15.31 -16.84 3.48
N GLY C 303 -15.69 -15.65 3.89
CA GLY C 303 -15.04 -15.08 5.05
C GLY C 303 -13.71 -14.42 4.78
N LEU C 304 -13.30 -14.29 3.53
CA LEU C 304 -12.13 -13.53 3.17
C LEU C 304 -12.52 -12.18 2.57
N ALA C 305 -11.69 -11.17 2.85
CA ALA C 305 -11.75 -9.96 2.05
C ALA C 305 -11.34 -10.29 0.63
N GLY C 306 -11.81 -9.48 -0.31
CA GLY C 306 -11.42 -9.66 -1.69
C GLY C 306 -9.93 -9.55 -1.92
N ARG C 307 -9.28 -8.61 -1.23
CA ARG C 307 -7.83 -8.49 -1.37
C ARG C 307 -7.13 -9.79 -1.02
N ASP C 308 -7.69 -10.56 -0.09
CA ASP C 308 -7.03 -11.81 0.30
C ASP C 308 -7.23 -12.91 -0.73
N MET C 309 -8.36 -12.93 -1.45
CA MET C 309 -8.48 -13.88 -2.55
C MET C 309 -7.50 -13.52 -3.67
N ALA C 310 -7.33 -12.22 -3.94
CA ALA C 310 -6.40 -11.81 -4.97
C ALA C 310 -4.97 -12.16 -4.58
N ALA C 311 -4.61 -11.94 -3.31
CA ALA C 311 -3.31 -12.41 -2.83
C ALA C 311 -3.17 -13.92 -3.04
N MET C 312 -4.22 -14.67 -2.73
CA MET C 312 -4.14 -16.13 -2.81
C MET C 312 -3.93 -16.58 -4.24
N VAL C 313 -4.57 -15.91 -5.20
CA VAL C 313 -4.35 -16.25 -6.60
C VAL C 313 -2.88 -16.05 -6.96
N GLN C 314 -2.30 -14.95 -6.47
CA GLN C 314 -0.89 -14.71 -6.78
C GLN C 314 0.00 -15.70 -6.02
N GLY C 315 -0.31 -15.94 -4.74
CA GLY C 315 0.53 -16.81 -3.94
C GLY C 315 0.52 -18.25 -4.38
N LEU C 316 -0.64 -18.74 -4.84
CA LEU C 316 -0.69 -20.07 -5.46
C LEU C 316 0.30 -20.19 -6.61
N GLU C 317 0.52 -19.11 -7.36
CA GLU C 317 1.53 -19.18 -8.41
C GLU C 317 2.93 -19.17 -7.82
N GLU C 318 3.20 -18.21 -6.91
CA GLU C 318 4.53 -18.05 -6.34
C GLU C 318 4.95 -19.23 -5.48
N GLY C 319 3.99 -19.87 -4.80
CA GLY C 319 4.32 -21.04 -3.99
C GLY C 319 4.74 -22.27 -4.77
N THR C 320 4.53 -22.28 -6.09
CA THR C 320 4.99 -23.40 -6.91
C THR C 320 6.33 -23.14 -7.58
N GLU C 321 6.98 -22.01 -7.31
CA GLU C 321 8.21 -21.69 -8.02
C GLU C 321 9.37 -22.51 -7.45
N GLU C 322 10.03 -23.30 -8.32
CA GLU C 322 10.98 -24.30 -7.85
C GLU C 322 12.18 -23.65 -7.14
N GLU C 323 12.68 -22.53 -7.68
CA GLU C 323 13.81 -21.85 -7.06
C GLU C 323 13.45 -21.37 -5.66
N TYR C 324 12.22 -20.87 -5.48
CA TYR C 324 11.75 -20.52 -4.16
C TYR C 324 11.69 -21.76 -3.25
N LEU C 325 11.13 -22.87 -3.74
CA LEU C 325 10.96 -24.04 -2.89
C LEU C 325 12.33 -24.62 -2.49
N HIS C 326 13.25 -24.72 -3.46
CA HIS C 326 14.62 -25.16 -3.19
C HIS C 326 15.27 -24.29 -2.11
N TYR C 327 15.12 -22.97 -2.20
CA TYR C 327 15.62 -22.10 -1.14
C TYR C 327 14.91 -22.38 0.19
N ARG C 328 13.58 -22.33 0.19
CA ARG C 328 12.82 -22.48 1.43
C ARG C 328 13.14 -23.79 2.13
N ILE C 329 13.00 -24.90 1.40
CA ILE C 329 13.27 -26.20 2.01
C ILE C 329 14.74 -26.34 2.37
N GLY C 330 15.63 -25.70 1.61
CA GLY C 330 17.04 -25.75 1.92
C GLY C 330 17.41 -25.00 3.20
N GLN C 331 16.73 -23.90 3.49
CA GLN C 331 16.97 -23.18 4.74
C GLN C 331 16.58 -24.02 5.95
N VAL C 332 15.45 -24.73 5.88
CA VAL C 332 15.07 -25.62 6.99
C VAL C 332 16.10 -26.73 7.14
N LYS C 333 16.50 -27.33 6.01
CA LYS C 333 17.55 -28.34 6.03
C LYS C 333 18.83 -27.80 6.65
N TYR C 334 19.14 -26.54 6.36
CA TYR C 334 20.36 -25.93 6.86
C TYR C 334 20.32 -25.84 8.38
N LEU C 335 19.20 -25.39 8.94
CA LEU C 335 19.03 -25.32 10.39
C LEU C 335 19.17 -26.69 11.02
N GLY C 336 18.50 -27.68 10.44
CA GLY C 336 18.64 -29.04 10.93
C GLY C 336 20.07 -29.54 10.88
N ASP C 337 20.80 -29.20 9.81
CA ASP C 337 22.17 -29.68 9.71
C ASP C 337 23.06 -29.01 10.74
N ARG C 338 22.86 -27.71 10.99
CA ARG C 338 23.59 -27.07 12.09
C ARG C 338 23.38 -27.84 13.39
N LEU C 339 22.13 -28.17 13.70
CA LEU C 339 21.83 -28.89 14.93
C LEU C 339 22.36 -30.31 14.86
N ARG C 340 22.07 -31.02 13.76
CA ARG C 340 22.51 -32.40 13.65
C ARG C 340 24.03 -32.51 13.70
N GLU C 341 24.75 -31.58 13.05
CA GLU C 341 26.20 -31.60 13.09
C GLU C 341 26.76 -31.31 14.49
N ALA C 342 25.99 -30.64 15.35
CA ALA C 342 26.40 -30.38 16.72
C ALA C 342 25.88 -31.41 17.73
N GLY C 343 25.35 -32.55 17.28
CA GLY C 343 24.91 -33.57 18.18
C GLY C 343 23.48 -33.45 18.66
N ILE C 344 22.73 -32.49 18.17
CA ILE C 344 21.35 -32.28 18.58
C ILE C 344 20.44 -33.21 17.81
N PRO C 345 19.75 -34.15 18.47
CA PRO C 345 18.93 -35.12 17.73
C PRO C 345 17.72 -34.44 17.11
N ILE C 346 17.50 -34.74 15.83
CA ILE C 346 16.37 -34.19 15.11
C ILE C 346 15.71 -35.29 14.32
N GLN C 347 14.47 -35.02 13.90
CA GLN C 347 13.79 -35.83 12.90
C GLN C 347 14.54 -35.69 11.59
N TYR C 348 15.11 -36.79 11.12
CA TYR C 348 15.95 -36.77 9.94
C TYR C 348 15.35 -37.66 8.86
N PRO C 349 15.24 -37.17 7.62
CA PRO C 349 15.63 -35.83 7.14
C PRO C 349 14.64 -34.76 7.57
N THR C 350 15.05 -33.49 7.55
CA THR C 350 14.14 -32.40 7.92
C THR C 350 12.99 -32.31 6.92
N GLY C 351 11.83 -31.93 7.43
CA GLY C 351 10.66 -31.77 6.61
C GLY C 351 10.69 -30.48 5.81
N GLY C 352 9.53 -30.11 5.28
CA GLY C 352 9.51 -28.96 4.40
C GLY C 352 9.45 -27.63 5.11
N HIS C 353 9.02 -27.60 6.36
CA HIS C 353 8.72 -26.32 6.99
C HIS C 353 9.25 -26.18 8.40
N ALA C 354 9.91 -27.20 8.95
CA ALA C 354 10.26 -27.16 10.36
C ALA C 354 11.34 -28.17 10.65
N VAL C 355 12.19 -27.84 11.60
CA VAL C 355 13.06 -28.81 12.25
C VAL C 355 12.36 -29.25 13.52
N PHE C 356 12.34 -30.56 13.75
CA PHE C 356 11.75 -31.16 14.93
C PHE C 356 12.88 -31.73 15.77
N VAL C 357 13.02 -31.25 17.01
CA VAL C 357 14.10 -31.66 17.89
C VAL C 357 13.54 -32.68 18.88
N ASP C 358 14.22 -33.82 19.01
CA ASP C 358 13.79 -34.87 19.93
C ASP C 358 14.33 -34.56 21.32
N CYS C 359 13.45 -34.09 22.20
CA CYS C 359 13.90 -33.62 23.50
C CYS C 359 14.04 -34.71 24.55
N LYS C 360 13.37 -35.86 24.38
CA LYS C 360 13.54 -36.94 25.33
C LYS C 360 15.02 -37.30 25.48
N LYS C 361 15.78 -37.16 24.39
CA LYS C 361 17.22 -37.39 24.45
C LYS C 361 17.98 -36.22 25.06
N LEU C 362 17.39 -35.03 25.09
CA LEU C 362 18.09 -33.88 25.65
C LEU C 362 17.83 -33.68 27.13
N VAL C 363 16.63 -34.00 27.60
CA VAL C 363 16.31 -33.90 29.02
C VAL C 363 15.89 -35.28 29.49
N PRO C 364 16.86 -36.15 29.81
CA PRO C 364 16.52 -37.53 30.18
C PRO C 364 15.77 -37.59 31.50
N GLN C 365 16.31 -36.93 32.52
CA GLN C 365 15.73 -37.01 33.85
C GLN C 365 14.47 -36.18 34.00
N ILE C 366 13.98 -35.58 32.92
CA ILE C 366 12.65 -34.96 32.88
C ILE C 366 11.70 -35.96 32.23
N PRO C 367 10.81 -36.60 32.98
CA PRO C 367 9.86 -37.55 32.38
C PRO C 367 8.82 -36.83 31.53
N GLY C 368 7.93 -37.59 30.88
CA GLY C 368 6.98 -36.99 29.94
C GLY C 368 5.95 -36.10 30.61
N ASP C 369 5.43 -36.50 31.77
CA ASP C 369 4.42 -35.71 32.46
C ASP C 369 4.97 -34.41 33.03
N GLN C 370 6.29 -34.25 33.10
CA GLN C 370 6.93 -33.01 33.51
C GLN C 370 7.37 -32.18 32.32
N PHE C 371 6.86 -32.49 31.12
CA PHE C 371 6.94 -31.66 29.92
C PHE C 371 8.38 -31.47 29.44
N PRO C 372 9.04 -32.55 29.00
CA PRO C 372 10.45 -32.43 28.62
C PRO C 372 10.66 -31.47 27.46
N ALA C 373 9.82 -31.54 26.42
CA ALA C 373 10.00 -30.66 25.28
C ALA C 373 9.64 -29.23 25.64
N GLN C 374 8.59 -29.04 26.43
CA GLN C 374 8.26 -27.69 26.84
C GLN C 374 9.34 -27.10 27.75
N ALA C 375 10.05 -27.94 28.49
CA ALA C 375 11.14 -27.44 29.32
C ALA C 375 12.26 -26.89 28.47
N VAL C 376 12.63 -27.60 27.40
CA VAL C 376 13.66 -27.12 26.50
C VAL C 376 13.22 -25.82 25.85
N ILE C 377 11.96 -25.79 25.41
CA ILE C 377 11.42 -24.58 24.78
C ILE C 377 11.51 -23.40 25.73
N ASN C 378 11.06 -23.60 26.97
CA ASN C 378 11.10 -22.51 27.94
C ASN C 378 12.51 -22.05 28.18
N ALA C 379 13.42 -23.00 28.37
CA ALA C 379 14.82 -22.64 28.55
C ALA C 379 15.34 -21.89 27.34
N LEU C 380 15.00 -22.38 26.15
CA LEU C 380 15.46 -21.72 24.93
C LEU C 380 14.97 -20.29 24.83
N TYR C 381 13.72 -20.03 25.22
CA TYR C 381 13.23 -18.67 25.13
C TYR C 381 13.96 -17.76 26.09
N LEU C 382 14.06 -18.18 27.37
CA LEU C 382 14.78 -17.39 28.37
C LEU C 382 16.18 -17.05 27.91
N GLU C 383 16.85 -17.98 27.21
CA GLU C 383 18.25 -17.82 26.85
C GLU C 383 18.44 -17.02 25.58
N SER C 384 17.41 -16.92 24.73
CA SER C 384 17.58 -16.35 23.39
C SER C 384 16.42 -15.49 22.93
N GLY C 385 15.24 -15.54 23.55
CA GLY C 385 14.09 -14.83 23.05
C GLY C 385 13.41 -15.44 21.84
N VAL C 386 13.83 -16.63 21.39
CA VAL C 386 13.16 -17.34 20.31
CA VAL C 386 13.13 -17.29 20.30
C VAL C 386 12.03 -18.17 20.90
N ARG C 387 10.86 -18.13 20.27
CA ARG C 387 9.70 -18.87 20.74
C ARG C 387 9.49 -20.07 19.83
N ALA C 388 9.55 -21.28 20.40
CA ALA C 388 9.24 -22.48 19.64
C ALA C 388 7.98 -23.13 20.20
N VAL C 389 7.53 -24.20 19.54
CA VAL C 389 6.28 -24.83 19.96
C VAL C 389 6.53 -26.29 20.33
N GLU C 390 5.66 -26.83 21.18
CA GLU C 390 5.80 -28.18 21.70
C GLU C 390 4.93 -29.13 20.90
N ILE C 391 5.49 -30.30 20.59
CA ILE C 391 4.70 -31.38 20.02
C ILE C 391 5.03 -32.64 20.79
N GLY C 392 4.47 -32.77 22.00
CA GLY C 392 4.79 -33.84 22.93
C GLY C 392 3.70 -34.05 23.96
N SER C 393 4.08 -34.27 25.22
CA SER C 393 3.12 -34.64 26.25
C SER C 393 2.36 -33.45 26.83
N PHE C 394 2.87 -32.23 26.64
CA PHE C 394 2.10 -31.05 27.03
C PHE C 394 0.98 -30.77 26.05
N LEU C 395 1.24 -30.97 24.76
CA LEU C 395 0.19 -30.87 23.77
C LEU C 395 -0.76 -32.05 23.85
N LEU C 396 -0.25 -33.24 24.16
CA LEU C 396 -1.07 -34.45 24.05
C LEU C 396 -2.27 -34.42 25.01
N GLY C 397 -2.07 -33.92 26.23
CA GLY C 397 -3.17 -33.76 27.16
C GLY C 397 -3.46 -35.01 27.99
N ARG C 398 -4.65 -35.02 28.59
CA ARG C 398 -5.08 -36.02 29.57
C ARG C 398 -5.86 -37.15 28.90
N ASP C 399 -5.68 -38.36 29.42
CA ASP C 399 -6.49 -39.49 28.98
C ASP C 399 -7.95 -39.22 29.35
N PRO C 400 -8.90 -39.73 28.55
CA PRO C 400 -10.31 -39.50 28.83
C PRO C 400 -10.75 -40.13 30.14
N ALA C 401 -11.24 -39.30 31.06
CA ALA C 401 -11.67 -39.70 32.41
C ALA C 401 -10.57 -40.39 33.20
N THR C 402 -9.32 -39.96 33.00
CA THR C 402 -8.20 -40.48 33.76
C THR C 402 -7.17 -39.39 34.02
N GLY C 403 -5.99 -39.53 33.43
CA GLY C 403 -4.91 -38.61 33.69
C GLY C 403 -4.02 -38.45 32.48
N GLU C 404 -2.81 -37.93 32.69
CA GLU C 404 -1.94 -37.53 31.60
C GLU C 404 -1.74 -38.61 30.55
N GLN C 405 -2.27 -38.39 29.33
CA GLN C 405 -2.02 -39.27 28.18
C GLN C 405 -0.61 -39.13 27.66
N LYS C 406 0.37 -39.02 28.55
CA LYS C 406 1.78 -38.85 28.20
C LYS C 406 2.33 -40.00 27.37
N HIS C 407 1.47 -40.87 26.85
CA HIS C 407 1.89 -41.80 25.81
C HIS C 407 2.39 -41.00 24.62
N ALA C 408 3.35 -40.10 24.88
CA ALA C 408 3.95 -39.29 23.85
C ALA C 408 4.78 -40.22 22.98
N ASP C 409 4.21 -40.57 21.83
CA ASP C 409 4.97 -41.34 20.85
C ASP C 409 6.20 -40.58 20.39
N MET C 410 6.14 -39.25 20.39
CA MET C 410 7.27 -38.39 20.08
C MET C 410 7.26 -37.20 21.05
N GLU C 411 8.43 -36.86 21.59
CA GLU C 411 8.60 -35.64 22.39
C GLU C 411 9.46 -34.68 21.56
N PHE C 412 8.80 -33.85 20.75
CA PHE C 412 9.44 -32.98 19.79
C PHE C 412 9.31 -31.51 20.21
N MET C 413 10.36 -30.75 19.95
CA MET C 413 10.27 -29.30 19.88
C MET C 413 10.27 -28.91 18.42
N ARG C 414 9.25 -28.20 17.97
CA ARG C 414 9.16 -27.81 16.58
C ARG C 414 9.64 -26.37 16.40
N LEU C 415 10.75 -26.23 15.68
CA LEU C 415 11.26 -24.95 15.20
C LEU C 415 10.64 -24.74 13.83
N THR C 416 9.51 -24.03 13.82
CA THR C 416 8.73 -23.78 12.63
C THR C 416 9.20 -22.49 11.97
N ILE C 417 9.44 -22.55 10.67
CA ILE C 417 10.08 -21.47 9.91
C ILE C 417 9.06 -20.86 8.95
N ALA C 418 8.68 -19.60 9.20
CA ALA C 418 7.86 -18.84 8.26
C ALA C 418 8.58 -18.65 6.93
N ARG C 419 7.82 -18.48 5.85
CA ARG C 419 8.41 -18.40 4.52
C ARG C 419 8.87 -16.96 4.21
N ARG C 420 10.14 -16.84 3.85
CA ARG C 420 10.73 -15.62 3.28
C ARG C 420 10.89 -14.51 4.31
N VAL C 421 10.96 -14.85 5.58
CA VAL C 421 10.93 -13.88 6.66
C VAL C 421 12.28 -13.72 7.34
N TYR C 422 12.95 -14.82 7.60
CA TYR C 422 14.20 -14.86 8.34
C TYR C 422 15.33 -15.30 7.42
N THR C 423 16.52 -14.80 7.70
CA THR C 423 17.66 -15.16 6.88
C THR C 423 18.41 -16.35 7.47
N ASN C 424 19.34 -16.90 6.69
CA ASN C 424 20.21 -17.92 7.22
C ASN C 424 21.01 -17.42 8.42
N ASP C 425 21.19 -16.11 8.60
CA ASP C 425 21.85 -15.63 9.81
C ASP C 425 20.92 -15.63 11.02
N HIS C 426 19.61 -15.51 10.80
CA HIS C 426 18.69 -15.82 11.89
C HIS C 426 18.75 -17.31 12.22
N MET C 427 18.85 -18.16 11.20
CA MET C 427 19.02 -19.59 11.45
C MET C 427 20.24 -19.86 12.31
N ASP C 428 21.33 -19.11 12.10
CA ASP C 428 22.52 -19.33 12.91
C ASP C 428 22.26 -18.97 14.36
N TYR C 429 21.56 -17.86 14.59
CA TYR C 429 21.23 -17.44 15.94
C TYR C 429 20.46 -18.54 16.66
N ILE C 430 19.43 -19.10 16.02
CA ILE C 430 18.65 -20.18 16.63
C ILE C 430 19.55 -21.35 16.98
N ALA C 431 20.32 -21.84 16.00
CA ALA C 431 21.17 -23.00 16.23
C ALA C 431 22.19 -22.73 17.32
N ASP C 432 22.85 -21.56 17.27
CA ASP C 432 23.88 -21.30 18.28
C ASP C 432 23.26 -21.20 19.67
N ALA C 433 22.03 -20.66 19.75
CA ALA C 433 21.35 -20.58 21.03
C ALA C 433 21.08 -21.97 21.60
N LEU C 434 20.44 -22.82 20.80
CA LEU C 434 20.11 -24.18 21.24
C LEU C 434 21.36 -25.00 21.51
N ILE C 435 22.32 -24.98 20.58
CA ILE C 435 23.60 -25.66 20.82
C ILE C 435 24.24 -25.13 22.09
N GLY C 436 24.15 -23.82 22.33
CA GLY C 436 24.66 -23.24 23.56
C GLY C 436 23.96 -23.73 24.82
N LEU C 437 22.84 -24.43 24.69
CA LEU C 437 22.14 -24.97 25.85
C LEU C 437 22.61 -26.37 26.24
N LYS C 438 23.64 -26.91 25.58
CA LYS C 438 24.09 -28.24 25.99
C LYS C 438 24.67 -28.22 27.40
N GLU C 439 25.24 -27.10 27.81
CA GLU C 439 25.74 -27.00 29.17
C GLU C 439 24.61 -27.03 30.19
N LYS C 440 23.63 -26.14 30.03
CA LYS C 440 22.54 -26.02 30.99
C LYS C 440 21.46 -27.08 30.82
N PHE C 441 21.59 -27.99 29.86
CA PHE C 441 20.66 -29.12 29.79
C PHE C 441 20.71 -29.95 31.07
N ALA C 442 21.88 -30.01 31.71
CA ALA C 442 22.06 -30.79 32.92
C ALA C 442 21.27 -30.25 34.11
N THR C 443 20.90 -28.96 34.10
CA THR C 443 19.99 -28.46 35.13
C THR C 443 18.73 -29.30 35.18
N LEU C 444 18.25 -29.77 34.01
CA LEU C 444 17.16 -30.74 33.90
C LEU C 444 15.90 -30.24 34.60
N LYS C 445 15.68 -28.93 34.63
CA LYS C 445 14.59 -28.36 35.41
C LYS C 445 13.25 -28.71 34.76
N GLY C 446 12.52 -29.64 35.36
CA GLY C 446 11.22 -30.00 34.88
C GLY C 446 10.22 -28.86 35.03
N LEU C 447 8.98 -29.15 34.67
CA LEU C 447 7.90 -28.17 34.73
C LEU C 447 6.70 -28.79 35.40
N GLU C 448 6.07 -28.00 36.28
CA GLU C 448 4.90 -28.42 37.01
C GLU C 448 3.81 -27.37 36.81
N PHE C 449 2.57 -27.83 36.70
CA PHE C 449 1.43 -26.95 36.51
C PHE C 449 1.27 -25.97 37.67
N GLU C 450 0.56 -24.88 37.39
CA GLU C 450 0.01 -23.99 38.42
C GLU C 450 -1.42 -23.57 38.09
N TYR C 451 -1.88 -23.80 36.86
CA TYR C 451 -3.23 -23.51 36.41
C TYR C 451 -3.45 -24.36 35.16
N GLU C 452 -4.66 -24.92 35.01
CA GLU C 452 -4.85 -25.82 33.88
C GLU C 452 -6.27 -25.76 33.33
N PRO C 453 -6.44 -25.80 32.02
CA PRO C 453 -7.77 -25.93 31.45
C PRO C 453 -8.12 -27.38 31.24
N PRO C 454 -9.42 -27.71 31.19
CA PRO C 454 -9.81 -29.11 30.99
C PRO C 454 -9.64 -29.59 29.57
N VAL C 455 -9.46 -28.68 28.61
CA VAL C 455 -9.28 -29.05 27.22
C VAL C 455 -8.51 -27.93 26.54
N LEU C 456 -7.76 -28.27 25.48
CA LEU C 456 -6.92 -27.33 24.75
C LEU C 456 -5.94 -26.64 25.70
N ARG C 457 -5.29 -27.45 26.53
CA ARG C 457 -4.42 -26.90 27.57
C ARG C 457 -3.24 -26.16 26.98
N HIS C 458 -2.59 -26.75 25.96
CA HIS C 458 -1.38 -26.17 25.37
C HIS C 458 -1.62 -24.76 24.86
N PHE C 459 -2.80 -24.53 24.24
CA PHE C 459 -3.13 -23.21 23.72
C PHE C 459 -3.27 -22.18 24.82
N THR C 460 -3.63 -22.59 26.05
CA THR C 460 -3.75 -21.64 27.15
C THR C 460 -3.74 -22.29 28.53
N ALA C 461 -2.63 -22.88 28.95
CA ALA C 461 -2.44 -23.36 30.33
C ALA C 461 -1.34 -22.55 31.01
N ARG C 462 -1.03 -22.94 32.24
CA ARG C 462 -0.05 -22.24 33.06
CA ARG C 462 -0.03 -22.25 33.04
C ARG C 462 0.72 -23.25 33.89
N LEU C 463 1.97 -22.92 34.21
CA LEU C 463 2.80 -23.84 34.97
C LEU C 463 3.96 -23.09 35.60
N LYS C 464 4.79 -23.84 36.34
CA LYS C 464 5.91 -23.32 37.11
C LYS C 464 7.02 -24.36 37.07
N PRO C 465 8.28 -23.95 37.09
CA PRO C 465 9.37 -24.94 37.25
C PRO C 465 9.23 -25.65 38.59
N ILE C 466 9.62 -26.93 38.60
CA ILE C 466 9.41 -27.79 39.75
C ILE C 466 10.71 -27.96 40.53
N ALA D 2 -34.99 17.31 -1.31
CA ALA D 2 -34.03 16.64 -0.44
C ALA D 2 -32.80 17.53 -0.21
N LYS D 3 -31.99 17.18 0.79
CA LYS D 3 -30.84 17.98 1.22
C LYS D 3 -29.56 17.18 1.09
N ARG D 4 -28.59 17.72 0.34
CA ARG D 4 -27.31 17.07 0.14
CA ARG D 4 -27.30 17.07 0.14
C ARG D 4 -26.33 17.55 1.21
N ILE D 5 -25.66 16.62 1.88
CA ILE D 5 -24.70 16.95 2.93
C ILE D 5 -23.30 16.64 2.41
N VAL D 6 -22.39 17.61 2.56
CA VAL D 6 -21.08 17.51 1.93
C VAL D 6 -20.19 16.54 2.69
N GLU D 7 -19.35 15.83 1.95
CA GLU D 7 -18.48 14.84 2.57
C GLU D 7 -17.51 15.54 3.52
N PRO D 8 -17.33 15.02 4.76
CA PRO D 8 -16.29 15.57 5.64
C PRO D 8 -14.92 14.97 5.37
N PHE D 9 -14.65 14.69 4.11
CA PHE D 9 -13.39 14.11 3.69
C PHE D 9 -13.23 14.40 2.21
N ARG D 10 -12.05 14.09 1.70
CA ARG D 10 -11.80 14.13 0.28
CA ARG D 10 -11.77 14.13 0.28
C ARG D 10 -11.33 12.76 -0.17
N ILE D 11 -11.36 12.56 -1.49
CA ILE D 11 -11.08 11.24 -2.04
C ILE D 11 -9.57 11.10 -2.20
N LYS D 12 -9.04 9.96 -1.75
CA LYS D 12 -7.61 9.72 -1.93
C LYS D 12 -7.32 8.58 -2.88
N MET D 13 -8.27 7.70 -3.13
CA MET D 13 -8.06 6.63 -4.09
C MET D 13 -9.40 6.23 -4.66
N VAL D 14 -9.43 5.98 -5.97
CA VAL D 14 -10.66 5.66 -6.65
C VAL D 14 -10.54 4.30 -7.34
N GLU D 15 -11.70 3.71 -7.63
CA GLU D 15 -11.82 2.44 -8.33
C GLU D 15 -12.85 2.60 -9.42
N LYS D 16 -12.49 2.22 -10.65
CA LYS D 16 -13.40 2.41 -11.79
C LYS D 16 -14.65 1.55 -11.64
N ILE D 17 -15.80 2.11 -12.03
CA ILE D 17 -17.01 1.32 -12.20
C ILE D 17 -17.52 1.55 -13.62
N ARG D 18 -18.37 0.63 -14.07
CA ARG D 18 -18.81 0.59 -15.46
C ARG D 18 -20.29 0.29 -15.51
N VAL D 19 -20.99 0.91 -16.45
CA VAL D 19 -22.39 0.59 -16.72
C VAL D 19 -22.42 -0.46 -17.83
N PRO D 20 -22.75 -1.71 -17.54
CA PRO D 20 -22.91 -2.69 -18.62
C PRO D 20 -24.20 -2.43 -19.38
N SER D 21 -24.18 -2.79 -20.66
CA SER D 21 -25.29 -2.53 -21.57
C SER D 21 -26.54 -3.30 -21.14
N ARG D 22 -27.68 -2.88 -21.68
CA ARG D 22 -28.91 -3.59 -21.40
C ARG D 22 -28.81 -5.06 -21.84
N GLU D 23 -28.20 -5.29 -23.01
CA GLU D 23 -28.05 -6.66 -23.51
C GLU D 23 -27.22 -7.52 -22.56
N GLU D 24 -26.18 -6.94 -21.95
CA GLU D 24 -25.41 -7.67 -20.96
C GLU D 24 -26.23 -7.97 -19.71
N ARG D 25 -27.00 -6.98 -19.24
CA ARG D 25 -27.84 -7.19 -18.06
C ARG D 25 -28.85 -8.29 -18.31
N GLU D 26 -29.46 -8.31 -19.50
CA GLU D 26 -30.42 -9.34 -19.84
C GLU D 26 -29.78 -10.72 -19.76
N ALA D 27 -28.66 -10.91 -20.48
CA ALA D 27 -27.97 -12.19 -20.43
C ALA D 27 -27.48 -12.50 -19.02
N ALA D 28 -26.97 -11.50 -18.31
CA ALA D 28 -26.40 -11.75 -16.99
C ALA D 28 -27.47 -12.19 -16.00
N LEU D 29 -28.61 -11.50 -15.96
CA LEU D 29 -29.64 -11.87 -15.00
C LEU D 29 -30.18 -13.27 -15.30
N LYS D 30 -30.35 -13.59 -16.58
CA LYS D 30 -30.85 -14.91 -16.95
C LYS D 30 -29.92 -16.02 -16.49
N GLU D 31 -28.62 -15.86 -16.74
CA GLU D 31 -27.68 -16.87 -16.27
C GLU D 31 -27.69 -16.96 -14.75
N ALA D 32 -27.99 -15.86 -14.05
CA ALA D 32 -27.93 -15.86 -12.60
C ALA D 32 -29.20 -16.42 -11.95
N GLY D 33 -30.03 -17.12 -12.72
CA GLY D 33 -31.27 -17.67 -12.18
C GLY D 33 -32.21 -16.62 -11.64
N TYR D 34 -32.29 -15.48 -12.34
CA TYR D 34 -33.05 -14.31 -11.90
C TYR D 34 -32.84 -13.99 -10.41
N ASN D 35 -31.59 -14.18 -9.93
CA ASN D 35 -31.23 -13.91 -8.55
C ASN D 35 -29.93 -13.09 -8.57
N PRO D 36 -30.01 -11.79 -8.34
CA PRO D 36 -28.80 -10.95 -8.45
C PRO D 36 -27.65 -11.39 -7.55
N PHE D 37 -27.89 -12.20 -6.53
CA PHE D 37 -26.78 -12.73 -5.74
C PHE D 37 -25.82 -13.55 -6.59
N LEU D 38 -26.28 -14.08 -7.71
CA LEU D 38 -25.42 -14.88 -8.55
C LEU D 38 -24.89 -14.09 -9.75
N LEU D 39 -25.15 -12.77 -9.81
CA LEU D 39 -24.50 -11.92 -10.81
C LEU D 39 -23.03 -11.71 -10.45
N PRO D 40 -22.10 -11.83 -11.40
CA PRO D 40 -20.72 -11.39 -11.15
C PRO D 40 -20.67 -9.88 -11.00
N SER D 41 -19.73 -9.39 -10.19
CA SER D 41 -19.66 -7.94 -9.96
C SER D 41 -19.40 -7.18 -11.26
N SER D 42 -18.74 -7.82 -12.23
CA SER D 42 -18.51 -7.16 -13.50
C SER D 42 -19.79 -6.85 -14.23
N ALA D 43 -20.94 -7.38 -13.79
CA ALA D 43 -22.22 -7.07 -14.39
C ALA D 43 -22.99 -6.02 -13.61
N VAL D 44 -22.40 -5.42 -12.59
CA VAL D 44 -23.08 -4.47 -11.73
C VAL D 44 -22.44 -3.10 -11.89
N TYR D 45 -23.28 -2.07 -12.04
CA TYR D 45 -22.75 -0.71 -12.06
C TYR D 45 -22.56 -0.19 -10.65
N ILE D 46 -23.66 0.07 -9.95
CA ILE D 46 -23.64 0.51 -8.56
C ILE D 46 -24.19 -0.64 -7.73
N ASP D 47 -23.44 -1.05 -6.71
CA ASP D 47 -23.77 -2.27 -5.98
C ASP D 47 -24.39 -1.88 -4.64
N LEU D 48 -25.71 -1.95 -4.55
CA LEU D 48 -26.39 -1.71 -3.29
C LEU D 48 -26.84 -3.00 -2.63
N LEU D 49 -26.16 -4.11 -2.94
CA LEU D 49 -26.48 -5.40 -2.34
C LEU D 49 -26.34 -5.34 -0.83
N THR D 50 -25.29 -4.68 -0.33
CA THR D 50 -25.02 -4.67 1.11
C THR D 50 -24.04 -3.57 1.48
N ASP D 51 -24.13 -3.09 2.72
CA ASP D 51 -23.13 -2.22 3.33
C ASP D 51 -22.09 -3.00 4.12
N SER D 52 -21.96 -4.30 3.85
CA SER D 52 -21.12 -5.16 4.67
C SER D 52 -19.83 -5.44 3.93
N GLY D 53 -18.72 -4.89 4.43
CA GLY D 53 -17.42 -5.21 3.87
C GLY D 53 -17.09 -4.52 2.57
N THR D 54 -17.95 -3.62 2.11
CA THR D 54 -17.72 -2.91 0.86
C THR D 54 -17.27 -1.48 1.09
N ASN D 55 -17.00 -1.12 2.34
CA ASN D 55 -16.71 0.27 2.69
C ASN D 55 -15.35 0.71 2.18
N ALA D 56 -15.21 2.02 2.04
CA ALA D 56 -13.92 2.66 1.76
C ALA D 56 -13.26 3.02 3.09
N MET D 57 -12.00 2.62 3.23
CA MET D 57 -11.22 2.91 4.42
C MET D 57 -10.51 4.25 4.28
N SER D 58 -10.00 4.74 5.40
CA SER D 58 -9.22 5.96 5.39
C SER D 58 -7.75 5.65 5.15
N ASP D 59 -6.99 6.69 4.79
CA ASP D 59 -5.55 6.52 4.71
C ASP D 59 -4.98 6.03 6.03
N HIS D 60 -5.50 6.55 7.15
CA HIS D 60 -5.03 6.06 8.46
C HIS D 60 -5.32 4.58 8.67
N GLN D 61 -6.42 4.07 8.15
CA GLN D 61 -6.66 2.64 8.30
C GLN D 61 -5.68 1.83 7.46
N TRP D 62 -5.36 2.31 6.26
CA TRP D 62 -4.35 1.60 5.47
C TRP D 62 -2.98 1.72 6.11
N ALA D 63 -2.66 2.87 6.71
CA ALA D 63 -1.38 2.97 7.38
C ALA D 63 -1.29 1.94 8.50
N ALA D 64 -2.38 1.77 9.27
CA ALA D 64 -2.40 0.75 10.31
C ALA D 64 -2.25 -0.65 9.74
N MET D 65 -2.91 -0.94 8.62
CA MET D 65 -2.75 -2.26 8.01
C MET D 65 -1.27 -2.54 7.71
N ILE D 66 -0.54 -1.52 7.24
CA ILE D 66 0.84 -1.73 6.79
C ILE D 66 1.73 -2.16 7.95
N THR D 67 1.53 -1.59 9.13
CA THR D 67 2.35 -1.96 10.28
C THR D 67 1.69 -3.03 11.14
N GLY D 68 0.64 -3.65 10.63
CA GLY D 68 0.01 -4.73 11.38
C GLY D 68 1.00 -5.83 11.75
N ASP D 69 0.79 -6.40 12.94
CA ASP D 69 1.61 -7.48 13.48
C ASP D 69 0.95 -8.81 13.14
N GLU D 70 1.62 -9.61 12.34
CA GLU D 70 1.01 -10.86 11.87
C GLU D 70 1.28 -12.04 12.79
N ALA D 71 1.81 -11.81 14.00
CA ALA D 71 2.14 -12.89 14.91
C ALA D 71 0.93 -13.80 15.13
N TYR D 72 1.20 -15.10 15.25
CA TYR D 72 0.13 -16.07 15.46
C TYR D 72 -0.47 -15.92 16.86
N ALA D 73 0.38 -15.75 17.87
CA ALA D 73 -0.04 -15.54 19.25
C ALA D 73 0.49 -14.21 19.76
N GLY D 74 -0.41 -13.38 20.30
CA GLY D 74 0.03 -12.19 20.99
C GLY D 74 0.34 -11.01 20.09
N SER D 75 -0.29 -10.97 18.91
CA SER D 75 -0.17 -9.82 18.02
C SER D 75 -0.37 -8.52 18.78
N ARG D 76 0.49 -7.54 18.48
CA ARG D 76 0.36 -6.22 19.09
C ARG D 76 -1.05 -5.67 18.87
N ASN D 77 -1.63 -5.91 17.70
CA ASN D 77 -2.94 -5.36 17.40
C ASN D 77 -4.05 -5.99 18.21
N TYR D 78 -3.87 -7.24 18.67
CA TYR D 78 -4.87 -7.82 19.56
C TYR D 78 -4.96 -7.01 20.86
N TYR D 79 -3.83 -6.59 21.41
CA TYR D 79 -3.90 -5.84 22.66
C TYR D 79 -4.45 -4.43 22.45
N ASP D 80 -4.19 -3.82 21.29
CA ASP D 80 -4.81 -2.54 20.96
C ASP D 80 -6.33 -2.69 20.86
N LEU D 81 -6.78 -3.78 20.24
CA LEU D 81 -8.21 -4.03 20.10
C LEU D 81 -8.85 -4.25 21.46
N LYS D 82 -8.17 -4.99 22.34
CA LYS D 82 -8.70 -5.21 23.67
C LYS D 82 -8.82 -3.90 24.45
N ASP D 83 -7.79 -3.03 24.37
CA ASP D 83 -7.91 -1.72 25.01
C ASP D 83 -9.03 -0.90 24.38
N LYS D 84 -9.21 -1.00 23.06
CA LYS D 84 -10.25 -0.22 22.41
C LYS D 84 -11.63 -0.61 22.95
N ALA D 85 -11.89 -1.92 23.00
CA ALA D 85 -13.17 -2.39 23.53
C ALA D 85 -13.37 -1.89 24.96
N LYS D 86 -12.31 -1.87 25.74
CA LYS D 86 -12.45 -1.37 27.11
C LYS D 86 -12.80 0.11 27.12
N GLU D 87 -12.21 0.89 26.20
CA GLU D 87 -12.47 2.33 26.15
C GLU D 87 -13.89 2.63 25.67
N LEU D 88 -14.28 2.03 24.54
CA LEU D 88 -15.59 2.29 23.95
C LEU D 88 -16.73 1.70 24.77
N PHE D 89 -16.60 0.44 25.17
CA PHE D 89 -17.75 -0.27 25.74
C PHE D 89 -17.60 -0.57 27.22
N ASN D 90 -16.40 -0.47 27.77
CA ASN D 90 -16.10 -0.84 29.14
C ASN D 90 -16.24 -2.35 29.37
N TYR D 91 -15.95 -3.16 28.34
CA TYR D 91 -15.98 -4.61 28.46
C TYR D 91 -14.56 -5.14 28.59
N ASP D 92 -14.37 -6.14 29.46
CA ASP D 92 -13.04 -6.56 29.85
C ASP D 92 -12.45 -7.69 29.00
N TYR D 93 -13.25 -8.38 28.19
CA TYR D 93 -12.75 -9.53 27.43
C TYR D 93 -13.12 -9.36 25.97
N ILE D 94 -12.20 -9.74 25.07
CA ILE D 94 -12.52 -9.77 23.64
C ILE D 94 -12.05 -11.08 23.05
N ILE D 95 -12.76 -11.52 22.02
CA ILE D 95 -12.28 -12.58 21.14
C ILE D 95 -12.53 -12.09 19.72
N PRO D 96 -11.50 -11.82 18.91
CA PRO D 96 -11.75 -11.45 17.52
C PRO D 96 -12.34 -12.63 16.76
N ALA D 97 -13.05 -12.31 15.69
CA ALA D 97 -13.65 -13.32 14.82
C ALA D 97 -13.53 -12.83 13.39
N HIS D 98 -13.56 -13.76 12.43
CA HIS D 98 -13.32 -13.33 11.05
C HIS D 98 -14.46 -12.44 10.53
N GLN D 99 -15.69 -12.63 10.99
CA GLN D 99 -16.75 -11.66 10.73
C GLN D 99 -17.92 -11.90 11.68
N GLY D 100 -19.07 -11.30 11.38
CA GLY D 100 -20.17 -11.29 12.33
C GLY D 100 -20.68 -12.69 12.62
N ARG D 101 -20.88 -13.50 11.58
CA ARG D 101 -21.42 -14.82 11.84
C ARG D 101 -20.38 -15.74 12.47
N GLY D 102 -19.11 -15.44 12.31
CA GLY D 102 -18.10 -16.14 13.10
C GLY D 102 -18.26 -15.85 14.59
N ALA D 103 -18.48 -14.59 14.94
CA ALA D 103 -18.70 -14.25 16.34
C ALA D 103 -19.93 -14.96 16.89
N GLU D 104 -21.02 -15.01 16.11
CA GLU D 104 -22.23 -15.70 16.55
C GLU D 104 -21.97 -17.19 16.74
N ASN D 105 -21.22 -17.80 15.82
CA ASN D 105 -20.86 -19.21 15.96
C ASN D 105 -19.94 -19.44 17.15
N ILE D 106 -19.21 -18.42 17.59
CA ILE D 106 -18.41 -18.59 18.81
C ILE D 106 -19.29 -18.54 20.04
N LEU D 107 -20.20 -17.57 20.09
CA LEU D 107 -20.83 -17.20 21.35
C LEU D 107 -22.15 -17.91 21.59
N PHE D 108 -23.00 -18.05 20.57
CA PHE D 108 -24.35 -18.58 20.81
C PHE D 108 -24.33 -20.03 21.27
N PRO D 109 -23.57 -20.94 20.65
CA PRO D 109 -23.49 -22.30 21.22
C PRO D 109 -22.96 -22.32 22.64
N VAL D 110 -22.08 -21.38 22.98
CA VAL D 110 -21.57 -21.30 24.34
C VAL D 110 -22.67 -20.85 25.29
N LEU D 111 -23.48 -19.87 24.88
CA LEU D 111 -24.59 -19.45 25.73
C LEU D 111 -25.62 -20.56 25.94
N LEU D 112 -25.86 -21.39 24.92
CA LEU D 112 -26.83 -22.47 25.10
C LEU D 112 -26.33 -23.50 26.11
N LYS D 113 -25.12 -24.02 25.92
CA LYS D 113 -24.66 -25.05 26.85
C LYS D 113 -24.52 -24.49 28.26
N TYR D 114 -24.13 -23.23 28.39
CA TYR D 114 -24.08 -22.60 29.71
C TYR D 114 -25.46 -22.57 30.35
N LYS D 115 -26.49 -22.26 29.56
CA LYS D 115 -27.84 -22.25 30.11
C LYS D 115 -28.29 -23.66 30.48
N GLN D 116 -27.83 -24.69 29.76
CA GLN D 116 -28.27 -26.04 30.05
C GLN D 116 -27.63 -26.60 31.31
N LYS D 117 -26.56 -25.98 31.81
CA LYS D 117 -25.74 -26.58 32.84
C LYS D 117 -26.48 -26.76 34.15
N GLU D 118 -27.65 -26.13 34.31
CA GLU D 118 -28.43 -26.24 35.54
C GLU D 118 -29.65 -27.15 35.36
N GLY D 119 -29.67 -27.96 34.30
CA GLY D 119 -30.88 -28.67 33.94
C GLY D 119 -31.93 -27.82 33.27
N LYS D 120 -31.58 -26.61 32.83
CA LYS D 120 -32.48 -25.64 32.22
C LYS D 120 -32.42 -25.74 30.69
N ALA D 121 -32.98 -24.74 30.01
CA ALA D 121 -32.93 -24.62 28.55
C ALA D 121 -33.43 -25.88 27.87
N LYS D 122 -34.43 -26.54 28.46
CA LYS D 122 -34.91 -27.80 27.90
C LYS D 122 -35.69 -27.59 26.61
N ASN D 123 -36.40 -26.46 26.49
CA ASN D 123 -36.99 -25.99 25.24
C ASN D 123 -36.47 -24.58 24.98
N PRO D 124 -35.28 -24.47 24.40
CA PRO D 124 -34.55 -23.19 24.43
C PRO D 124 -34.99 -22.24 23.33
N VAL D 125 -34.99 -20.94 23.66
CA VAL D 125 -35.31 -19.91 22.70
C VAL D 125 -34.35 -18.75 22.88
N PHE D 126 -34.18 -17.98 21.80
CA PHE D 126 -33.58 -16.66 21.83
C PHE D 126 -34.66 -15.64 21.52
N ILE D 127 -34.62 -14.50 22.18
CA ILE D 127 -35.57 -13.41 21.96
C ILE D 127 -34.79 -12.19 21.50
N SER D 128 -35.28 -11.55 20.43
CA SER D 128 -34.63 -10.36 19.88
C SER D 128 -35.70 -9.41 19.38
N ASN D 129 -35.32 -8.12 19.29
CA ASN D 129 -36.17 -7.19 18.54
C ASN D 129 -36.27 -7.62 17.09
N PHE D 130 -35.15 -8.02 16.48
CA PHE D 130 -35.22 -8.83 15.27
C PHE D 130 -33.88 -9.52 15.07
N HIS D 131 -33.91 -10.84 14.97
CA HIS D 131 -32.73 -11.61 14.59
C HIS D 131 -32.44 -11.41 13.12
N PHE D 132 -31.25 -10.90 12.81
CA PHE D 132 -30.75 -10.95 11.44
C PHE D 132 -30.65 -12.41 10.97
N ASP D 133 -30.58 -12.57 9.64
CA ASP D 133 -30.62 -13.89 9.00
C ASP D 133 -29.61 -14.88 9.58
N THR D 134 -28.32 -14.53 9.55
CA THR D 134 -27.33 -15.46 10.09
C THR D 134 -27.57 -15.72 11.57
N THR D 135 -27.87 -14.65 12.34
CA THR D 135 -28.18 -14.79 13.76
C THR D 135 -29.29 -15.82 13.98
N ALA D 136 -30.43 -15.65 13.31
CA ALA D 136 -31.52 -16.60 13.46
C ALA D 136 -31.09 -18.01 13.05
N ALA D 137 -30.25 -18.10 12.01
CA ALA D 137 -29.80 -19.41 11.52
C ALA D 137 -28.93 -20.13 12.55
N HIS D 138 -28.02 -19.41 13.21
CA HIS D 138 -27.20 -20.02 14.25
C HIS D 138 -28.04 -20.40 15.48
N VAL D 139 -29.04 -19.57 15.83
CA VAL D 139 -30.01 -19.98 16.83
C VAL D 139 -30.68 -21.29 16.42
N GLU D 140 -31.24 -21.35 15.22
CA GLU D 140 -31.98 -22.54 14.82
C GLU D 140 -31.07 -23.76 14.65
N LEU D 141 -29.87 -23.58 14.09
CA LEU D 141 -28.93 -24.69 13.91
CA LEU D 141 -29.00 -24.74 13.91
C LEU D 141 -28.48 -25.29 15.23
N ASN D 142 -28.61 -24.55 16.33
CA ASN D 142 -28.28 -25.04 17.65
C ASN D 142 -29.50 -25.59 18.38
N GLY D 143 -30.58 -25.90 17.65
CA GLY D 143 -31.75 -26.50 18.25
C GLY D 143 -32.63 -25.55 19.03
N CYS D 144 -32.58 -24.25 18.73
CA CYS D 144 -33.33 -23.25 19.46
C CYS D 144 -34.27 -22.51 18.52
N LYS D 145 -35.23 -21.81 19.11
CA LYS D 145 -36.19 -21.01 18.36
C LYS D 145 -35.78 -19.54 18.43
N ALA D 146 -35.89 -18.87 17.29
CA ALA D 146 -35.55 -17.45 17.19
C ALA D 146 -36.84 -16.65 17.16
N ILE D 147 -37.09 -15.89 18.24
CA ILE D 147 -38.30 -15.10 18.40
C ILE D 147 -37.99 -13.65 18.12
N ASN D 148 -38.79 -13.00 17.28
CA ASN D 148 -38.62 -11.59 16.95
C ASN D 148 -39.80 -10.80 17.47
N ILE D 149 -39.52 -9.70 18.19
CA ILE D 149 -40.61 -8.96 18.85
C ILE D 149 -40.42 -7.45 18.72
N VAL D 150 -40.13 -6.98 17.51
CA VAL D 150 -39.93 -5.56 17.29
C VAL D 150 -41.26 -4.82 17.43
N THR D 151 -41.16 -3.54 17.79
CA THR D 151 -42.33 -2.67 17.88
C THR D 151 -43.16 -2.73 16.60
N GLU D 152 -44.46 -2.82 16.75
CA GLU D 152 -45.36 -2.81 15.60
C GLU D 152 -45.33 -1.47 14.87
N LYS D 153 -44.75 -0.44 15.49
CA LYS D 153 -44.50 0.79 14.76
C LYS D 153 -43.64 0.56 13.53
N ALA D 154 -42.81 -0.47 13.52
CA ALA D 154 -41.98 -0.72 12.34
C ALA D 154 -42.80 -1.23 11.18
N PHE D 155 -44.01 -1.72 11.42
CA PHE D 155 -44.87 -2.15 10.33
C PHE D 155 -45.64 -1.00 9.69
N ASP D 156 -45.66 0.18 10.33
CA ASP D 156 -46.30 1.39 9.80
C ASP D 156 -45.25 2.16 9.01
N SER D 157 -45.00 1.67 7.79
CA SER D 157 -43.82 2.10 7.03
CA SER D 157 -43.82 2.10 7.03
C SER D 157 -43.79 3.62 6.84
N GLU D 158 -44.90 4.20 6.35
CA GLU D 158 -44.85 5.61 5.97
C GLU D 158 -44.98 6.57 7.15
N THR D 159 -45.41 6.10 8.30
CA THR D 159 -45.63 6.97 9.45
C THR D 159 -44.35 7.15 10.25
N TYR D 160 -43.97 8.40 10.49
CA TYR D 160 -42.74 8.67 11.21
C TYR D 160 -42.82 8.19 12.66
N ASP D 161 -41.70 7.67 13.15
CA ASP D 161 -41.51 7.41 14.57
C ASP D 161 -40.02 7.45 14.86
N ASP D 162 -39.66 7.99 16.04
CA ASP D 162 -38.24 8.10 16.41
C ASP D 162 -37.55 6.75 16.52
N TRP D 163 -38.25 5.69 16.91
CA TRP D 163 -37.58 4.47 17.41
C TRP D 163 -38.20 3.19 16.86
N LYS D 164 -38.14 3.00 15.55
CA LYS D 164 -38.82 1.84 14.98
C LYS D 164 -38.04 0.54 15.16
N GLY D 165 -36.90 0.55 15.85
CA GLY D 165 -36.17 -0.65 16.17
C GLY D 165 -36.39 -1.17 17.57
N ASP D 166 -37.25 -0.50 18.36
CA ASP D 166 -37.48 -0.84 19.75
C ASP D 166 -38.02 -2.26 19.92
N PHE D 167 -37.66 -2.90 21.03
CA PHE D 167 -38.40 -4.07 21.49
C PHE D 167 -39.82 -3.67 21.84
N ASP D 168 -40.77 -4.54 21.48
CA ASP D 168 -42.11 -4.50 22.07
C ASP D 168 -42.00 -5.06 23.49
N ILE D 169 -42.07 -4.17 24.49
CA ILE D 169 -41.87 -4.60 25.88
C ILE D 169 -42.94 -5.60 26.30
N LYS D 170 -44.20 -5.30 25.98
CA LYS D 170 -45.28 -6.23 26.33
C LYS D 170 -45.01 -7.61 25.75
N LYS D 171 -44.54 -7.69 24.51
CA LYS D 171 -44.22 -9.00 23.96
C LYS D 171 -43.02 -9.62 24.66
N LEU D 172 -42.04 -8.82 25.08
CA LEU D 172 -40.93 -9.39 25.82
C LEU D 172 -41.43 -10.08 27.08
N LYS D 173 -42.20 -9.36 27.90
CA LYS D 173 -42.72 -9.95 29.13
C LYS D 173 -43.64 -11.13 28.85
N GLU D 174 -44.39 -11.07 27.75
CA GLU D 174 -45.31 -12.17 27.48
C GLU D 174 -44.55 -13.41 27.01
N ASN D 175 -43.43 -13.24 26.32
CA ASN D 175 -42.66 -14.42 25.93
C ASN D 175 -41.91 -15.03 27.09
N ILE D 176 -41.45 -14.19 28.03
CA ILE D 176 -40.79 -14.72 29.22
C ILE D 176 -41.79 -15.55 30.03
N ALA D 177 -42.96 -15.00 30.31
CA ALA D 177 -43.96 -15.77 31.04
C ALA D 177 -44.36 -17.04 30.28
N GLN D 178 -44.51 -16.95 28.95
CA GLN D 178 -44.93 -18.11 28.19
C GLN D 178 -43.84 -19.19 28.15
N HIS D 179 -42.60 -18.79 27.88
CA HIS D 179 -41.52 -19.78 27.72
C HIS D 179 -40.80 -20.09 29.03
N GLY D 180 -40.80 -19.16 29.99
CA GLY D 180 -40.07 -19.33 31.23
C GLY D 180 -38.67 -18.78 31.11
N ALA D 181 -38.19 -18.04 32.11
CA ALA D 181 -36.86 -17.46 32.01
C ALA D 181 -35.79 -18.53 31.86
N ASP D 182 -36.05 -19.74 32.36
CA ASP D 182 -35.06 -20.79 32.26
C ASP D 182 -34.91 -21.34 30.85
N ASN D 183 -35.84 -21.02 29.95
CA ASN D 183 -35.70 -21.39 28.54
C ASN D 183 -35.09 -20.29 27.68
N ILE D 184 -35.13 -19.03 28.11
CA ILE D 184 -34.54 -17.95 27.32
C ILE D 184 -33.03 -18.04 27.44
N VAL D 185 -32.38 -18.54 26.39
CA VAL D 185 -30.92 -18.60 26.41
C VAL D 185 -30.34 -17.21 26.50
N ALA D 186 -30.91 -16.27 25.76
CA ALA D 186 -30.40 -14.91 25.73
C ALA D 186 -31.41 -14.01 25.04
N ILE D 187 -31.29 -12.72 25.33
CA ILE D 187 -31.99 -11.67 24.63
C ILE D 187 -30.97 -10.96 23.75
N VAL D 188 -31.30 -10.79 22.47
CA VAL D 188 -30.37 -10.19 21.52
C VAL D 188 -30.92 -8.84 21.11
N SER D 189 -30.24 -7.77 21.52
CA SER D 189 -30.62 -6.42 21.15
C SER D 189 -29.84 -6.02 19.90
N THR D 190 -30.53 -5.97 18.75
CA THR D 190 -29.86 -5.65 17.49
C THR D 190 -29.93 -4.15 17.27
N VAL D 191 -28.76 -3.48 17.27
CA VAL D 191 -28.69 -2.03 17.12
C VAL D 191 -27.77 -1.70 15.95
N THR D 192 -28.28 -0.92 15.00
CA THR D 192 -29.67 -0.61 14.73
C THR D 192 -30.38 -1.91 14.41
N CYS D 193 -31.71 -1.85 14.31
CA CYS D 193 -32.47 -3.05 13.94
C CYS D 193 -32.46 -3.20 12.42
N ASN D 194 -31.58 -4.07 11.92
CA ASN D 194 -31.43 -4.22 10.47
C ASN D 194 -32.73 -4.64 9.81
N SER D 195 -33.40 -5.67 10.35
CA SER D 195 -34.56 -6.22 9.65
C SER D 195 -35.74 -5.27 9.66
N ALA D 196 -35.79 -4.31 10.58
CA ALA D 196 -36.86 -3.30 10.60
C ALA D 196 -36.57 -2.14 9.66
N GLY D 197 -35.41 -2.11 9.02
CA GLY D 197 -35.08 -0.99 8.17
C GLY D 197 -33.94 -0.13 8.69
N GLY D 198 -33.01 -0.72 9.44
CA GLY D 198 -31.93 0.05 10.00
C GLY D 198 -32.40 1.03 11.05
N GLN D 199 -33.47 0.69 11.76
CA GLN D 199 -34.11 1.69 12.61
C GLN D 199 -33.55 1.63 14.04
N PRO D 200 -33.40 2.77 14.69
CA PRO D 200 -32.70 2.80 15.98
C PRO D 200 -33.53 2.24 17.13
N VAL D 201 -32.82 1.75 18.15
CA VAL D 201 -33.41 1.38 19.43
C VAL D 201 -33.09 2.49 20.43
N SER D 202 -34.11 3.06 21.05
CA SER D 202 -33.86 4.13 22.00
C SER D 202 -33.04 3.63 23.20
N MET D 203 -32.43 4.59 23.90
CA MET D 203 -31.65 4.23 25.07
C MET D 203 -32.55 3.73 26.20
N SER D 204 -33.71 4.37 26.39
CA SER D 204 -34.62 3.86 27.42
C SER D 204 -35.17 2.48 27.07
N ASN D 205 -35.37 2.18 25.78
CA ASN D 205 -35.78 0.83 25.38
C ASN D 205 -34.71 -0.19 25.76
N LEU D 206 -33.45 0.10 25.42
CA LEU D 206 -32.35 -0.78 25.81
C LEU D 206 -32.25 -0.94 27.32
N LYS D 207 -32.36 0.15 28.06
CA LYS D 207 -32.28 0.09 29.52
C LYS D 207 -33.40 -0.79 30.09
N GLU D 208 -34.63 -0.59 29.61
CA GLU D 208 -35.74 -1.35 30.16
C GLU D 208 -35.61 -2.85 29.83
N VAL D 209 -35.16 -3.17 28.62
CA VAL D 209 -34.92 -4.57 28.26
C VAL D 209 -33.88 -5.19 29.18
N TYR D 210 -32.77 -4.49 29.40
CA TYR D 210 -31.74 -5.04 30.26
C TYR D 210 -32.26 -5.25 31.67
N GLU D 211 -33.01 -4.29 32.21
CA GLU D 211 -33.50 -4.41 33.58
C GLU D 211 -34.47 -5.58 33.72
N ILE D 212 -35.33 -5.77 32.73
CA ILE D 212 -36.20 -6.93 32.72
C ILE D 212 -35.38 -8.21 32.67
N ALA D 213 -34.33 -8.22 31.83
CA ALA D 213 -33.53 -9.44 31.71
C ALA D 213 -32.79 -9.75 33.01
N LYS D 214 -32.26 -8.72 33.69
CA LYS D 214 -31.58 -8.97 34.94
C LYS D 214 -32.55 -9.41 36.03
N GLN D 215 -33.77 -8.88 36.02
CA GLN D 215 -34.82 -9.40 36.89
C GLN D 215 -34.96 -10.91 36.76
N HIS D 216 -34.74 -11.46 35.56
CA HIS D 216 -34.97 -12.88 35.31
C HIS D 216 -33.70 -13.68 35.12
N GLY D 217 -32.53 -13.10 35.42
CA GLY D 217 -31.28 -13.79 35.21
C GLY D 217 -30.94 -14.09 33.76
N ILE D 218 -31.49 -13.34 32.81
CA ILE D 218 -31.31 -13.64 31.38
C ILE D 218 -30.11 -12.89 30.84
N PHE D 219 -29.22 -13.61 30.14
CA PHE D 219 -28.06 -13.00 29.50
C PHE D 219 -28.49 -12.16 28.29
N VAL D 220 -27.88 -10.98 28.14
CA VAL D 220 -28.22 -10.04 27.07
C VAL D 220 -27.00 -9.82 26.19
N VAL D 221 -27.16 -10.11 24.89
CA VAL D 221 -26.14 -9.87 23.88
C VAL D 221 -26.59 -8.68 23.05
N MET D 222 -25.66 -7.79 22.75
CA MET D 222 -25.91 -6.67 21.85
C MET D 222 -25.32 -6.99 20.49
N ASP D 223 -26.18 -7.24 19.50
CA ASP D 223 -25.70 -7.41 18.13
C ASP D 223 -25.34 -6.04 17.58
N SER D 224 -24.05 -5.78 17.43
CA SER D 224 -23.53 -4.42 17.37
C SER D 224 -23.01 -4.01 16.00
N ALA D 225 -23.42 -4.69 14.94
CA ALA D 225 -22.91 -4.36 13.61
C ALA D 225 -23.06 -2.88 13.30
N ARG D 226 -24.15 -2.25 13.72
CA ARG D 226 -24.40 -0.84 13.40
C ARG D 226 -24.64 -0.02 14.66
N PHE D 227 -23.82 -0.25 15.69
CA PHE D 227 -24.01 0.45 16.96
C PHE D 227 -23.74 1.94 16.83
N CYS D 228 -22.85 2.33 15.93
CA CYS D 228 -22.53 3.75 15.78
C CYS D 228 -23.67 4.51 15.13
N GLU D 229 -24.32 3.89 14.14
CA GLU D 229 -25.51 4.52 13.59
C GLU D 229 -26.60 4.61 14.64
N ASN D 230 -26.73 3.59 15.50
CA ASN D 230 -27.73 3.70 16.56
C ASN D 230 -27.37 4.83 17.52
N ALA D 231 -26.10 4.98 17.86
CA ALA D 231 -25.71 6.02 18.82
C ALA D 231 -26.00 7.40 18.27
N TYR D 232 -25.76 7.62 16.97
CA TYR D 232 -26.10 8.90 16.36
C TYR D 232 -27.58 9.18 16.50
N PHE D 233 -28.42 8.21 16.13
CA PHE D 233 -29.86 8.44 16.17
C PHE D 233 -30.31 8.77 17.58
N ILE D 234 -29.71 8.12 18.58
CA ILE D 234 -30.04 8.44 19.98
C ILE D 234 -29.67 9.90 20.31
N LYS D 235 -28.53 10.38 19.82
CA LYS D 235 -28.16 11.77 20.07
CA LYS D 235 -28.17 11.77 20.08
C LYS D 235 -29.06 12.73 19.29
N ALA D 236 -29.47 12.34 18.09
CA ALA D 236 -30.32 13.21 17.32
C ALA D 236 -31.71 13.32 17.93
N ARG D 237 -32.22 12.24 18.52
CA ARG D 237 -33.64 12.21 18.85
C ARG D 237 -33.95 12.11 20.33
N ASP D 238 -32.99 11.77 21.17
CA ASP D 238 -33.25 11.68 22.60
C ASP D 238 -32.77 12.96 23.28
N PRO D 239 -33.66 13.75 23.87
CA PRO D 239 -33.21 15.01 24.48
C PRO D 239 -32.25 14.82 25.64
N LYS D 240 -32.30 13.68 26.31
CA LYS D 240 -31.34 13.37 27.36
C LYS D 240 -29.89 13.34 26.86
N TYR D 241 -29.67 13.08 25.56
CA TYR D 241 -28.33 12.95 25.00
C TYR D 241 -28.01 14.02 23.96
N LYS D 242 -28.82 15.08 23.90
CA LYS D 242 -28.66 16.13 22.89
C LYS D 242 -27.27 16.75 22.90
N ASN D 243 -26.63 16.84 24.07
CA ASN D 243 -25.27 17.40 24.14
C ASN D 243 -24.25 16.37 24.60
N ALA D 244 -24.53 15.10 24.43
CA ALA D 244 -23.53 14.09 24.69
C ALA D 244 -22.67 13.90 23.44
N THR D 245 -21.48 13.34 23.64
CA THR D 245 -20.66 12.88 22.53
C THR D 245 -21.12 11.49 22.11
N ILE D 246 -20.85 11.16 20.84
CA ILE D 246 -21.19 9.81 20.36
C ILE D 246 -20.60 8.75 21.28
N LYS D 247 -19.31 8.87 21.63
CA LYS D 247 -18.71 7.87 22.50
C LYS D 247 -19.43 7.79 23.84
N GLU D 248 -19.89 8.94 24.35
CA GLU D 248 -20.67 8.91 25.59
C GLU D 248 -21.95 8.12 25.40
N VAL D 249 -22.63 8.31 24.26
CA VAL D 249 -23.85 7.54 24.00
C VAL D 249 -23.53 6.05 23.99
N ILE D 250 -22.48 5.68 23.25
CA ILE D 250 -22.08 4.28 23.14
C ILE D 250 -21.77 3.70 24.51
N PHE D 251 -21.03 4.46 25.32
CA PHE D 251 -20.68 3.96 26.63
C PHE D 251 -21.92 3.59 27.42
N ASP D 252 -22.98 4.41 27.31
CA ASP D 252 -24.23 4.14 28.02
C ASP D 252 -24.97 2.97 27.40
N MET D 253 -25.00 2.87 26.07
CA MET D 253 -25.67 1.75 25.44
C MET D 253 -25.17 0.44 26.01
N TYR D 254 -23.87 0.31 26.18
CA TYR D 254 -23.33 -0.98 26.56
C TYR D 254 -23.40 -1.23 28.06
N LYS D 255 -23.92 -0.28 28.84
CA LYS D 255 -24.41 -0.60 30.18
C LYS D 255 -25.59 -1.57 30.16
N TYR D 256 -26.22 -1.78 29.00
CA TYR D 256 -27.48 -2.48 28.91
C TYR D 256 -27.33 -3.78 28.13
N ALA D 257 -26.15 -4.41 28.25
CA ALA D 257 -25.90 -5.74 27.73
C ALA D 257 -24.77 -6.36 28.55
N ASP D 258 -24.62 -7.68 28.41
CA ASP D 258 -23.57 -8.44 29.07
C ASP D 258 -22.44 -8.82 28.14
N ALA D 259 -22.68 -8.74 26.83
CA ALA D 259 -21.73 -9.08 25.81
C ALA D 259 -22.21 -8.46 24.50
N LEU D 260 -21.33 -8.49 23.51
CA LEU D 260 -21.67 -8.04 22.18
C LEU D 260 -21.05 -9.01 21.19
N THR D 261 -21.76 -9.23 20.10
CA THR D 261 -21.20 -9.79 18.88
C THR D 261 -21.26 -8.66 17.87
N MET D 262 -20.32 -8.66 16.92
CA MET D 262 -20.21 -7.49 16.06
C MET D 262 -19.65 -7.93 14.73
N SER D 263 -20.29 -7.51 13.65
CA SER D 263 -19.62 -7.55 12.36
C SER D 263 -18.89 -6.23 12.24
N ALA D 264 -17.57 -6.28 12.30
CA ALA D 264 -16.86 -5.04 12.04
C ALA D 264 -16.82 -4.69 10.60
N LYS D 265 -17.55 -5.42 9.75
CA LYS D 265 -17.67 -5.08 8.33
C LYS D 265 -18.67 -3.97 8.07
N LYS D 266 -19.35 -3.45 9.10
CA LYS D 266 -20.31 -2.36 8.92
C LYS D 266 -19.74 -1.10 9.57
N ASP D 267 -20.16 -0.74 10.78
CA ASP D 267 -19.85 0.59 11.32
C ASP D 267 -18.37 0.83 11.61
N PRO D 268 -17.54 -0.19 11.94
CA PRO D 268 -16.09 0.06 11.99
C PRO D 268 -15.39 0.25 10.65
N LEU D 269 -16.13 0.34 9.55
CA LEU D 269 -15.59 0.76 8.26
C LEU D 269 -14.55 -0.22 7.68
N LEU D 270 -14.85 -1.53 7.74
CA LEU D 270 -13.88 -2.54 7.29
C LEU D 270 -14.41 -3.36 6.13
N ASN D 271 -13.50 -4.17 5.57
CA ASN D 271 -13.83 -5.09 4.49
C ASN D 271 -13.92 -6.54 4.97
N ILE D 272 -13.47 -6.79 6.20
CA ILE D 272 -13.56 -8.10 6.84
C ILE D 272 -13.38 -7.84 8.33
N GLY D 273 -13.81 -8.78 9.15
CA GLY D 273 -13.58 -8.64 10.58
C GLY D 273 -14.80 -8.84 11.45
N GLY D 274 -14.64 -9.56 12.57
CA GLY D 274 -15.71 -9.69 13.55
C GLY D 274 -15.14 -9.56 14.95
N LEU D 275 -16.04 -9.57 15.94
CA LEU D 275 -15.59 -9.38 17.31
C LEU D 275 -16.65 -9.89 18.29
N VAL D 276 -16.19 -10.66 19.27
CA VAL D 276 -16.94 -10.92 20.49
C VAL D 276 -16.30 -10.13 21.61
N ALA D 277 -17.12 -9.51 22.45
CA ALA D 277 -16.59 -8.86 23.63
C ALA D 277 -17.54 -9.14 24.79
N ILE D 278 -16.99 -9.39 25.95
CA ILE D 278 -17.76 -9.81 27.10
C ILE D 278 -17.50 -8.85 28.25
N ARG D 279 -18.56 -8.41 28.91
CA ARG D 279 -18.44 -7.33 29.87
C ARG D 279 -17.60 -7.76 31.08
N ASP D 280 -18.01 -8.81 31.77
CA ASP D 280 -17.17 -9.27 32.89
C ASP D 280 -17.42 -10.72 33.31
N ASN D 281 -18.14 -11.50 32.52
CA ASN D 281 -18.38 -12.90 32.87
C ASN D 281 -17.22 -13.73 32.32
N GLU D 282 -16.27 -14.07 33.20
CA GLU D 282 -15.04 -14.72 32.77
C GLU D 282 -15.29 -16.16 32.36
N GLU D 283 -16.32 -16.80 32.91
CA GLU D 283 -16.60 -18.19 32.58
C GLU D 283 -17.06 -18.33 31.13
N ILE D 284 -17.98 -17.47 30.70
CA ILE D 284 -18.39 -17.46 29.30
C ILE D 284 -17.21 -17.14 28.39
N PHE D 285 -16.39 -16.16 28.79
CA PHE D 285 -15.20 -15.84 28.01
C PHE D 285 -14.33 -17.07 27.80
N THR D 286 -14.09 -17.83 28.88
CA THR D 286 -13.27 -19.02 28.75
C THR D 286 -13.93 -20.05 27.81
N LEU D 287 -15.25 -20.24 27.93
CA LEU D 287 -15.89 -21.24 27.09
C LEU D 287 -15.94 -20.77 25.65
N ALA D 288 -16.13 -19.46 25.44
CA ALA D 288 -16.13 -18.94 24.08
C ALA D 288 -14.74 -19.02 23.46
N ARG D 289 -13.68 -18.85 24.27
CA ARG D 289 -12.33 -19.04 23.77
C ARG D 289 -12.10 -20.48 23.35
N GLN D 290 -12.71 -21.43 24.06
CA GLN D 290 -12.54 -22.85 23.73
C GLN D 290 -13.25 -23.22 22.44
N ARG D 291 -14.35 -22.53 22.13
CA ARG D 291 -15.01 -22.73 20.84
C ARG D 291 -14.27 -22.02 19.72
N CYS D 292 -13.65 -20.88 20.04
CA CYS D 292 -12.97 -20.09 19.02
C CYS D 292 -11.85 -20.88 18.35
N VAL D 293 -11.08 -21.64 19.13
CA VAL D 293 -9.87 -22.29 18.61
C VAL D 293 -10.16 -23.21 17.42
N PRO D 294 -11.12 -24.16 17.50
CA PRO D 294 -11.32 -25.06 16.34
C PRO D 294 -12.15 -24.49 15.20
N MET D 295 -12.93 -23.43 15.43
CA MET D 295 -13.83 -22.84 14.43
C MET D 295 -13.18 -21.69 13.69
N GLU D 296 -12.54 -20.79 14.43
CA GLU D 296 -12.03 -19.54 13.90
C GLU D 296 -10.51 -19.48 13.82
N GLY D 297 -9.81 -20.01 14.81
CA GLY D 297 -8.36 -19.84 14.90
C GLY D 297 -7.95 -19.50 16.31
N PHE D 298 -6.65 -19.27 16.55
CA PHE D 298 -6.20 -19.01 17.92
C PHE D 298 -6.87 -17.75 18.46
N VAL D 299 -6.89 -17.62 19.79
CA VAL D 299 -7.76 -16.62 20.41
C VAL D 299 -7.25 -15.19 20.32
N THR D 300 -6.09 -14.93 19.72
CA THR D 300 -5.59 -13.56 19.56
C THR D 300 -5.60 -13.07 18.11
N TYR D 301 -6.14 -13.83 17.19
CA TYR D 301 -6.49 -13.28 15.88
C TYR D 301 -7.86 -13.76 15.38
N GLY D 302 -8.38 -14.87 15.87
CA GLY D 302 -9.74 -15.27 15.56
C GLY D 302 -10.07 -15.36 14.07
N GLY D 303 -9.10 -15.79 13.27
CA GLY D 303 -9.36 -15.93 11.86
C GLY D 303 -9.16 -14.67 11.07
N LEU D 304 -8.52 -13.66 11.68
CA LEU D 304 -8.21 -12.41 11.03
C LEU D 304 -6.71 -12.31 10.83
N ALA D 305 -6.29 -11.78 9.70
CA ALA D 305 -4.93 -11.25 9.59
C ALA D 305 -4.76 -10.10 10.58
N GLY D 306 -3.51 -9.89 11.01
CA GLY D 306 -3.21 -8.85 11.97
C GLY D 306 -3.42 -7.46 11.42
N ARG D 307 -3.19 -7.25 10.13
CA ARG D 307 -3.53 -5.97 9.52
C ARG D 307 -5.00 -5.64 9.70
N ASP D 308 -5.87 -6.65 9.58
CA ASP D 308 -7.30 -6.39 9.73
C ASP D 308 -7.67 -6.06 11.16
N MET D 309 -7.00 -6.65 12.15
CA MET D 309 -7.19 -6.18 13.52
C MET D 309 -6.72 -4.74 13.68
N ALA D 310 -5.59 -4.39 13.06
CA ALA D 310 -5.09 -3.02 13.11
C ALA D 310 -6.07 -2.05 12.47
N ALA D 311 -6.56 -2.38 11.27
CA ALA D 311 -7.59 -1.55 10.65
C ALA D 311 -8.81 -1.44 11.54
N MET D 312 -9.10 -2.48 12.33
CA MET D 312 -10.30 -2.45 13.15
C MET D 312 -10.15 -1.46 14.29
N VAL D 313 -8.95 -1.36 14.86
CA VAL D 313 -8.73 -0.42 15.95
C VAL D 313 -8.93 1.01 15.46
N GLN D 314 -8.37 1.35 14.29
CA GLN D 314 -8.57 2.69 13.76
C GLN D 314 -10.02 2.91 13.35
N GLY D 315 -10.62 1.93 12.68
CA GLY D 315 -12.00 2.06 12.24
C GLY D 315 -12.98 2.23 13.38
N LEU D 316 -12.79 1.48 14.47
CA LEU D 316 -13.65 1.68 15.63
C LEU D 316 -13.65 3.13 16.08
N GLU D 317 -12.53 3.84 15.91
CA GLU D 317 -12.51 5.26 16.23
C GLU D 317 -13.23 6.10 15.19
N GLU D 318 -12.95 5.88 13.91
CA GLU D 318 -13.52 6.72 12.86
C GLU D 318 -15.03 6.54 12.74
N GLY D 319 -15.52 5.32 12.90
CA GLY D 319 -16.96 5.08 12.85
C GLY D 319 -17.75 5.87 13.88
N THR D 320 -17.13 6.29 14.97
CA THR D 320 -17.84 7.08 15.97
C THR D 320 -17.77 8.58 15.75
N GLU D 321 -17.06 9.06 14.73
CA GLU D 321 -16.98 10.50 14.53
C GLU D 321 -18.31 11.06 14.08
N GLU D 322 -18.85 12.01 14.85
CA GLU D 322 -20.17 12.56 14.59
C GLU D 322 -20.28 13.19 13.21
N GLU D 323 -19.21 13.88 12.77
CA GLU D 323 -19.25 14.56 11.46
C GLU D 323 -19.39 13.55 10.33
N TYR D 324 -18.71 12.42 10.45
CA TYR D 324 -18.87 11.38 9.44
C TYR D 324 -20.26 10.77 9.53
N LEU D 325 -20.73 10.50 10.74
CA LEU D 325 -22.05 9.88 10.90
C LEU D 325 -23.14 10.79 10.37
N HIS D 326 -23.05 12.08 10.66
CA HIS D 326 -24.01 13.03 10.11
C HIS D 326 -24.06 12.98 8.58
N TYR D 327 -22.90 12.91 7.92
CA TYR D 327 -22.88 12.82 6.47
CA TYR D 327 -22.87 12.82 6.47
C TYR D 327 -23.40 11.48 5.98
N ARG D 328 -22.91 10.39 6.58
CA ARG D 328 -23.28 9.05 6.15
C ARG D 328 -24.78 8.84 6.29
N ILE D 329 -25.33 9.20 7.47
CA ILE D 329 -26.75 9.01 7.70
C ILE D 329 -27.54 10.01 6.87
N GLY D 330 -26.99 11.21 6.67
CA GLY D 330 -27.62 12.18 5.79
C GLY D 330 -27.59 11.80 4.33
N GLN D 331 -26.63 10.96 3.92
CA GLN D 331 -26.66 10.51 2.54
C GLN D 331 -27.79 9.52 2.32
N VAL D 332 -28.01 8.61 3.26
CA VAL D 332 -29.13 7.68 3.15
C VAL D 332 -30.46 8.42 3.18
N LYS D 333 -30.55 9.42 4.06
CA LYS D 333 -31.76 10.23 4.14
C LYS D 333 -32.01 10.93 2.82
N TYR D 334 -30.95 11.40 2.16
CA TYR D 334 -31.10 12.08 0.88
C TYR D 334 -31.69 11.15 -0.16
N LEU D 335 -31.16 9.92 -0.28
CA LEU D 335 -31.75 9.00 -1.24
C LEU D 335 -33.20 8.70 -0.88
N GLY D 336 -33.50 8.56 0.41
CA GLY D 336 -34.87 8.28 0.80
C GLY D 336 -35.81 9.42 0.46
N ASP D 337 -35.39 10.66 0.72
CA ASP D 337 -36.25 11.79 0.43
C ASP D 337 -36.49 11.93 -1.06
N ARG D 338 -35.48 11.65 -1.89
CA ARG D 338 -35.70 11.64 -3.33
C ARG D 338 -36.84 10.70 -3.69
N LEU D 339 -36.80 9.47 -3.16
CA LEU D 339 -37.85 8.50 -3.45
C LEU D 339 -39.16 8.88 -2.78
N ARG D 340 -39.09 9.32 -1.52
CA ARG D 340 -40.29 9.71 -0.81
C ARG D 340 -41.00 10.85 -1.53
N GLU D 341 -40.23 11.78 -2.11
CA GLU D 341 -40.83 12.93 -2.80
C GLU D 341 -41.52 12.54 -4.10
N ALA D 342 -41.02 11.53 -4.80
CA ALA D 342 -41.65 11.06 -6.02
C ALA D 342 -42.82 10.13 -5.77
N GLY D 343 -43.20 9.93 -4.51
CA GLY D 343 -44.33 9.07 -4.22
C GLY D 343 -43.99 7.61 -3.98
N ILE D 344 -42.72 7.26 -3.92
CA ILE D 344 -42.28 5.89 -3.66
C ILE D 344 -42.35 5.62 -2.17
N PRO D 345 -43.08 4.59 -1.72
CA PRO D 345 -43.19 4.34 -0.28
C PRO D 345 -41.92 3.69 0.25
N ILE D 346 -41.41 4.24 1.35
CA ILE D 346 -40.21 3.76 2.02
C ILE D 346 -40.48 3.71 3.52
N GLN D 347 -39.64 2.96 4.22
CA GLN D 347 -39.61 3.01 5.68
C GLN D 347 -39.14 4.40 6.10
N TYR D 348 -40.01 5.13 6.78
CA TYR D 348 -39.80 6.54 7.07
C TYR D 348 -39.89 6.76 8.58
N PRO D 349 -38.90 7.41 9.19
CA PRO D 349 -37.66 7.95 8.62
C PRO D 349 -36.70 6.88 8.13
N THR D 350 -35.86 7.18 7.15
CA THR D 350 -34.81 6.25 6.77
C THR D 350 -33.89 5.98 7.95
N GLY D 351 -33.33 4.77 7.98
CA GLY D 351 -32.43 4.36 9.03
C GLY D 351 -30.99 4.70 8.71
N GLY D 352 -30.09 3.93 9.31
CA GLY D 352 -28.69 4.26 9.21
C GLY D 352 -27.99 3.93 7.92
N HIS D 353 -28.34 2.81 7.27
CA HIS D 353 -27.44 2.27 6.27
C HIS D 353 -28.06 1.98 4.92
N ALA D 354 -29.35 2.23 4.75
CA ALA D 354 -30.06 1.75 3.57
C ALA D 354 -31.42 2.43 3.50
N VAL D 355 -31.97 2.48 2.29
CA VAL D 355 -33.35 2.86 2.09
C VAL D 355 -34.15 1.58 1.86
N PHE D 356 -35.25 1.40 2.59
CA PHE D 356 -36.07 0.20 2.46
C PHE D 356 -37.35 0.58 1.74
N VAL D 357 -37.50 0.11 0.50
CA VAL D 357 -38.69 0.42 -0.29
C VAL D 357 -39.76 -0.64 -0.02
N ASP D 358 -40.94 -0.20 0.40
CA ASP D 358 -42.05 -1.08 0.78
C ASP D 358 -42.73 -1.60 -0.48
N CYS D 359 -42.26 -2.75 -0.97
CA CYS D 359 -42.80 -3.33 -2.19
C CYS D 359 -44.17 -3.93 -2.00
N LYS D 360 -44.59 -4.19 -0.76
CA LYS D 360 -45.96 -4.60 -0.52
C LYS D 360 -46.92 -3.55 -1.06
N LYS D 361 -46.55 -2.28 -0.93
CA LYS D 361 -47.34 -1.16 -1.43
C LYS D 361 -47.00 -0.81 -2.87
N LEU D 362 -45.76 -1.01 -3.28
CA LEU D 362 -45.33 -0.62 -4.62
C LEU D 362 -45.91 -1.56 -5.67
N VAL D 363 -45.82 -2.87 -5.44
CA VAL D 363 -46.39 -3.83 -6.39
C VAL D 363 -47.43 -4.68 -5.69
N PRO D 364 -48.62 -4.12 -5.41
CA PRO D 364 -49.63 -4.88 -4.65
C PRO D 364 -50.18 -6.09 -5.37
N GLN D 365 -49.87 -6.28 -6.65
CA GLN D 365 -50.44 -7.37 -7.43
CA GLN D 365 -50.45 -7.37 -7.43
C GLN D 365 -49.69 -8.69 -7.27
N ILE D 366 -48.49 -8.67 -6.70
CA ILE D 366 -47.68 -9.88 -6.53
C ILE D 366 -47.80 -10.34 -5.08
N PRO D 367 -48.20 -11.58 -4.82
CA PRO D 367 -48.27 -12.05 -3.44
C PRO D 367 -46.89 -12.32 -2.87
N GLY D 368 -46.83 -12.34 -1.53
CA GLY D 368 -45.54 -12.40 -0.85
C GLY D 368 -44.78 -13.69 -1.12
N ASP D 369 -45.50 -14.80 -1.26
CA ASP D 369 -44.87 -16.07 -1.61
C ASP D 369 -44.35 -16.08 -3.04
N GLN D 370 -44.80 -15.15 -3.89
CA GLN D 370 -44.15 -14.87 -5.16
C GLN D 370 -43.10 -13.78 -5.06
N PHE D 371 -42.75 -13.35 -3.83
CA PHE D 371 -41.65 -12.45 -3.52
C PHE D 371 -41.72 -11.19 -4.37
N PRO D 372 -42.60 -10.24 -4.01
CA PRO D 372 -42.78 -9.06 -4.87
C PRO D 372 -41.56 -8.14 -4.92
N ALA D 373 -40.78 -8.05 -3.85
CA ALA D 373 -39.63 -7.14 -3.88
C ALA D 373 -38.60 -7.59 -4.90
N GLN D 374 -38.40 -8.91 -5.02
CA GLN D 374 -37.43 -9.39 -6.00
C GLN D 374 -37.84 -9.01 -7.41
N ALA D 375 -39.14 -8.92 -7.66
CA ALA D 375 -39.62 -8.48 -8.96
C ALA D 375 -39.14 -7.05 -9.23
N VAL D 376 -39.32 -6.16 -8.25
CA VAL D 376 -38.85 -4.79 -8.40
C VAL D 376 -37.34 -4.76 -8.57
N ILE D 377 -36.62 -5.49 -7.71
CA ILE D 377 -35.16 -5.48 -7.75
C ILE D 377 -34.66 -5.82 -9.16
N ASN D 378 -35.17 -6.92 -9.72
CA ASN D 378 -34.73 -7.32 -11.05
C ASN D 378 -35.04 -6.25 -12.08
N ALA D 379 -36.21 -5.64 -11.99
CA ALA D 379 -36.56 -4.60 -12.95
C ALA D 379 -35.60 -3.41 -12.82
N LEU D 380 -35.32 -2.99 -11.59
CA LEU D 380 -34.35 -1.93 -11.37
C LEU D 380 -32.99 -2.30 -11.92
N TYR D 381 -32.60 -3.57 -11.78
CA TYR D 381 -31.30 -3.97 -12.31
C TYR D 381 -31.30 -3.90 -13.83
N LEU D 382 -32.29 -4.54 -14.48
CA LEU D 382 -32.30 -4.54 -15.94
C LEU D 382 -32.37 -3.12 -16.49
N GLU D 383 -32.96 -2.19 -15.73
CA GLU D 383 -33.11 -0.83 -16.23
C GLU D 383 -31.84 0.00 -16.06
N SER D 384 -30.99 -0.34 -15.10
CA SER D 384 -29.96 0.59 -14.67
C SER D 384 -28.64 -0.03 -14.25
N GLY D 385 -28.55 -1.35 -14.14
CA GLY D 385 -27.35 -1.99 -13.61
C GLY D 385 -27.14 -1.83 -12.12
N VAL D 386 -28.06 -1.20 -11.40
CA VAL D 386 -28.01 -1.16 -9.94
C VAL D 386 -28.47 -2.51 -9.40
N ARG D 387 -27.72 -3.05 -8.43
CA ARG D 387 -28.07 -4.31 -7.78
C ARG D 387 -28.47 -4.01 -6.33
N ALA D 388 -29.71 -4.34 -5.98
CA ALA D 388 -30.21 -4.27 -4.60
C ALA D 388 -30.58 -5.68 -4.12
N VAL D 389 -31.14 -5.77 -2.90
CA VAL D 389 -31.39 -7.04 -2.25
C VAL D 389 -32.78 -7.02 -1.62
N GLU D 390 -33.38 -8.21 -1.51
N GLU D 390 -33.39 -8.21 -1.53
CA GLU D 390 -34.72 -8.36 -0.97
CA GLU D 390 -34.72 -8.38 -0.96
C GLU D 390 -34.68 -8.65 0.52
C GLU D 390 -34.66 -8.65 0.54
N ILE D 391 -35.53 -7.96 1.28
CA ILE D 391 -35.68 -8.19 2.71
C ILE D 391 -37.15 -8.50 2.94
N GLY D 392 -37.62 -9.61 2.39
CA GLY D 392 -39.00 -9.99 2.56
C GLY D 392 -39.17 -11.46 2.90
N SER D 393 -40.16 -12.10 2.27
CA SER D 393 -40.43 -13.52 2.55
C SER D 393 -39.36 -14.41 1.94
N PHE D 394 -38.73 -13.95 0.86
CA PHE D 394 -37.67 -14.73 0.25
C PHE D 394 -36.48 -14.84 1.20
N LEU D 395 -36.09 -13.71 1.79
CA LEU D 395 -35.03 -13.72 2.80
C LEU D 395 -35.47 -14.41 4.10
N LEU D 396 -36.76 -14.32 4.45
CA LEU D 396 -37.21 -14.82 5.76
C LEU D 396 -37.16 -16.34 5.82
N GLY D 397 -37.52 -17.02 4.74
CA GLY D 397 -37.29 -18.44 4.62
C GLY D 397 -38.39 -19.27 5.24
N ARG D 398 -38.17 -20.58 5.24
CA ARG D 398 -39.13 -21.51 5.82
C ARG D 398 -38.95 -21.59 7.34
N ASP D 399 -40.03 -21.96 8.03
CA ASP D 399 -39.95 -22.21 9.45
C ASP D 399 -39.27 -23.55 9.71
N PRO D 400 -38.50 -23.67 10.79
CA PRO D 400 -37.83 -24.95 11.09
C PRO D 400 -38.78 -26.13 11.25
N ALA D 401 -40.09 -25.89 11.43
CA ALA D 401 -41.08 -26.95 11.59
C ALA D 401 -42.04 -26.97 10.41
N THR D 402 -42.16 -28.12 9.75
CA THR D 402 -43.06 -28.40 8.63
C THR D 402 -42.72 -27.62 7.36
N GLY D 403 -41.54 -27.01 7.30
CA GLY D 403 -41.10 -26.28 6.11
C GLY D 403 -42.08 -25.24 5.61
N GLU D 404 -42.77 -24.55 6.52
CA GLU D 404 -43.76 -23.56 6.13
C GLU D 404 -43.12 -22.18 6.05
N GLN D 405 -43.50 -21.43 5.02
CA GLN D 405 -43.03 -20.06 4.85
C GLN D 405 -43.33 -19.22 6.09
N LYS D 406 -42.29 -18.61 6.65
CA LYS D 406 -42.47 -17.72 7.79
C LYS D 406 -43.23 -16.47 7.36
N HIS D 407 -44.37 -16.22 7.99
CA HIS D 407 -45.16 -15.05 7.65
C HIS D 407 -44.31 -13.79 7.80
N ALA D 408 -44.13 -13.08 6.69
CA ALA D 408 -43.38 -11.84 6.72
C ALA D 408 -44.33 -10.67 6.88
N ASP D 409 -44.02 -9.80 7.84
CA ASP D 409 -44.80 -8.59 8.06
C ASP D 409 -44.31 -7.41 7.23
N MET D 410 -43.21 -7.56 6.50
CA MET D 410 -42.61 -6.47 5.73
C MET D 410 -42.00 -7.07 4.46
N GLU D 411 -42.30 -6.47 3.31
CA GLU D 411 -41.76 -6.91 2.02
C GLU D 411 -40.95 -5.74 1.45
N PHE D 412 -39.66 -5.71 1.73
CA PHE D 412 -38.83 -4.58 1.39
C PHE D 412 -37.88 -4.91 0.24
N MET D 413 -37.56 -3.88 -0.55
CA MET D 413 -36.36 -3.87 -1.39
C MET D 413 -35.34 -2.98 -0.70
N ARG D 414 -34.20 -3.54 -0.32
CA ARG D 414 -33.20 -2.79 0.43
C ARG D 414 -32.17 -2.20 -0.52
N LEU D 415 -32.11 -0.86 -0.57
CA LEU D 415 -31.05 -0.13 -1.24
C LEU D 415 -29.96 0.15 -0.22
N THR D 416 -28.94 -0.71 -0.17
CA THR D 416 -27.95 -0.68 0.91
C THR D 416 -26.74 0.16 0.51
N ILE D 417 -26.32 1.08 1.39
CA ILE D 417 -25.32 2.09 1.04
C ILE D 417 -24.03 1.80 1.78
N ALA D 418 -22.98 1.40 1.04
CA ALA D 418 -21.66 1.27 1.62
C ALA D 418 -21.15 2.63 2.08
N ARG D 419 -20.28 2.61 3.10
CA ARG D 419 -19.82 3.83 3.75
C ARG D 419 -18.66 4.48 2.98
N ARG D 420 -18.82 5.75 2.64
CA ARG D 420 -17.77 6.58 2.03
C ARG D 420 -17.37 6.07 0.65
N VAL D 421 -18.30 5.44 -0.06
CA VAL D 421 -18.00 4.81 -1.34
C VAL D 421 -18.64 5.56 -2.50
N TYR D 422 -19.91 5.95 -2.36
CA TYR D 422 -20.65 6.61 -3.42
C TYR D 422 -20.98 8.04 -3.02
N THR D 423 -21.17 8.90 -4.02
CA THR D 423 -21.51 10.29 -3.82
C THR D 423 -23.01 10.49 -3.93
N ASN D 424 -23.47 11.68 -3.56
CA ASN D 424 -24.88 12.00 -3.72
C ASN D 424 -25.31 12.00 -5.18
N ASP D 425 -24.35 12.13 -6.09
CA ASP D 425 -24.69 12.00 -7.51
C ASP D 425 -24.93 10.55 -7.88
N HIS D 426 -24.23 9.62 -7.24
CA HIS D 426 -24.63 8.22 -7.38
C HIS D 426 -26.04 8.02 -6.84
N MET D 427 -26.33 8.57 -5.65
CA MET D 427 -27.69 8.53 -5.11
C MET D 427 -28.71 9.06 -6.11
N ASP D 428 -28.41 10.20 -6.76
CA ASP D 428 -29.31 10.71 -7.79
C ASP D 428 -29.52 9.69 -8.89
N TYR D 429 -28.47 8.96 -9.27
CA TYR D 429 -28.62 7.98 -10.34
C TYR D 429 -29.61 6.89 -9.91
N ILE D 430 -29.45 6.36 -8.69
CA ILE D 430 -30.35 5.30 -8.20
C ILE D 430 -31.79 5.79 -8.16
N ALA D 431 -32.01 6.98 -7.60
CA ALA D 431 -33.37 7.51 -7.49
C ALA D 431 -34.00 7.68 -8.86
N ASP D 432 -33.29 8.32 -9.79
CA ASP D 432 -33.88 8.59 -11.11
C ASP D 432 -34.22 7.28 -11.82
N ALA D 433 -33.38 6.26 -11.66
CA ALA D 433 -33.68 4.97 -12.26
C ALA D 433 -34.97 4.41 -11.69
N LEU D 434 -35.10 4.40 -10.37
CA LEU D 434 -36.27 3.79 -9.74
C LEU D 434 -37.51 4.65 -9.97
N ILE D 435 -37.35 5.98 -9.93
CA ILE D 435 -38.46 6.87 -10.25
C ILE D 435 -38.94 6.64 -11.68
N GLY D 436 -38.01 6.42 -12.60
CA GLY D 436 -38.39 6.20 -13.98
C GLY D 436 -39.13 4.92 -14.27
N LEU D 437 -39.31 4.04 -13.28
CA LEU D 437 -40.00 2.76 -13.48
C LEU D 437 -41.45 2.78 -13.01
N LYS D 438 -42.02 3.95 -12.74
CA LYS D 438 -43.33 3.98 -12.10
C LYS D 438 -44.44 3.49 -13.02
N GLU D 439 -44.30 3.68 -14.33
CA GLU D 439 -45.31 3.20 -15.26
C GLU D 439 -45.30 1.69 -15.42
N LYS D 440 -44.33 0.99 -14.84
CA LYS D 440 -44.19 -0.44 -15.07
C LYS D 440 -44.38 -1.29 -13.82
N PHE D 441 -44.56 -0.66 -12.65
CA PHE D 441 -44.70 -1.41 -11.41
C PHE D 441 -45.90 -2.36 -11.44
N ALA D 442 -47.05 -1.88 -11.90
CA ALA D 442 -48.26 -2.70 -11.87
C ALA D 442 -48.14 -3.92 -12.77
N THR D 443 -47.35 -3.83 -13.85
CA THR D 443 -47.17 -4.91 -14.81
C THR D 443 -45.92 -5.74 -14.50
N LEU D 444 -45.79 -6.21 -13.26
CA LEU D 444 -44.69 -7.05 -12.83
C LEU D 444 -45.21 -8.34 -12.22
N LYS D 445 -44.44 -9.42 -12.42
CA LYS D 445 -44.82 -10.76 -11.98
C LYS D 445 -43.89 -11.24 -10.87
N GLY D 446 -44.32 -12.31 -10.20
CA GLY D 446 -43.54 -12.93 -9.15
C GLY D 446 -42.61 -13.99 -9.68
N LEU D 447 -42.08 -14.78 -8.74
CA LEU D 447 -41.04 -15.76 -9.04
C LEU D 447 -41.29 -17.01 -8.21
N GLU D 448 -40.77 -18.14 -8.69
CA GLU D 448 -40.89 -19.41 -7.98
C GLU D 448 -39.54 -20.13 -7.96
N PHE D 449 -39.40 -21.05 -7.01
CA PHE D 449 -38.13 -21.71 -6.76
C PHE D 449 -37.81 -22.75 -7.84
N GLU D 450 -36.53 -22.77 -8.23
CA GLU D 450 -35.91 -23.84 -9.00
C GLU D 450 -35.04 -24.72 -8.13
N TYR D 451 -34.29 -24.10 -7.24
CA TYR D 451 -33.40 -24.79 -6.31
C TYR D 451 -33.49 -24.02 -5.01
N GLU D 452 -34.01 -24.66 -3.96
CA GLU D 452 -34.12 -23.97 -2.68
C GLU D 452 -33.13 -24.56 -1.68
N PRO D 453 -32.16 -23.78 -1.21
CA PRO D 453 -31.32 -24.27 -0.12
C PRO D 453 -32.13 -24.45 1.14
N PRO D 454 -31.78 -25.43 1.98
CA PRO D 454 -32.51 -25.60 3.25
C PRO D 454 -32.29 -24.46 4.24
N VAL D 455 -31.06 -23.97 4.37
CA VAL D 455 -30.72 -22.89 5.29
C VAL D 455 -30.28 -21.68 4.46
N LEU D 456 -30.82 -20.51 4.79
CA LEU D 456 -30.49 -19.25 4.13
C LEU D 456 -30.56 -19.40 2.60
N ARG D 457 -31.81 -19.57 2.15
CA ARG D 457 -32.09 -19.85 0.74
C ARG D 457 -31.85 -18.63 -0.16
N HIS D 458 -32.08 -17.42 0.35
CA HIS D 458 -32.00 -16.21 -0.46
C HIS D 458 -30.59 -15.91 -0.98
N PHE D 459 -29.60 -16.74 -0.64
CA PHE D 459 -28.21 -16.50 -1.03
C PHE D 459 -27.82 -17.26 -2.28
N THR D 460 -28.28 -18.50 -2.46
CA THR D 460 -27.86 -19.30 -3.60
C THR D 460 -29.04 -19.86 -4.39
N ALA D 461 -30.27 -19.43 -4.09
CA ALA D 461 -31.45 -19.95 -4.77
C ALA D 461 -31.49 -19.48 -6.22
N ARG D 462 -32.02 -20.34 -7.09
CA ARG D 462 -32.26 -20.00 -8.49
C ARG D 462 -33.76 -19.93 -8.74
N LEU D 463 -34.20 -18.86 -9.40
N LEU D 463 -34.19 -18.88 -9.43
CA LEU D 463 -35.61 -18.54 -9.55
CA LEU D 463 -35.58 -18.57 -9.74
C LEU D 463 -36.00 -18.51 -11.02
C LEU D 463 -35.78 -18.47 -11.24
N LYS D 464 -37.29 -18.76 -11.26
N LYS D 464 -37.01 -18.13 -11.65
CA LYS D 464 -37.86 -18.69 -12.60
CA LYS D 464 -37.35 -17.92 -13.05
C LYS D 464 -39.08 -17.77 -12.56
C LYS D 464 -38.63 -17.09 -13.11
N PRO D 465 -39.21 -16.85 -13.53
N PRO D 465 -38.77 -16.24 -14.13
CA PRO D 465 -40.33 -15.92 -13.52
CA PRO D 465 -39.91 -15.32 -14.18
C PRO D 465 -41.67 -16.66 -13.60
C PRO D 465 -41.16 -15.99 -14.74
N ILE D 466 -42.67 -16.12 -12.91
N ILE D 466 -42.29 -15.34 -14.49
CA ILE D 466 -44.03 -16.64 -12.96
CA ILE D 466 -43.60 -15.79 -14.97
C ILE D 466 -44.83 -15.80 -13.95
C ILE D 466 -44.00 -14.92 -16.15
N GLU D 467 -45.13 -16.37 -15.11
N GLU D 467 -44.50 -15.56 -17.19
CA GLU D 467 -45.90 -15.69 -16.13
CA GLU D 467 -45.00 -14.88 -18.39
C GLU D 467 -47.22 -16.42 -16.38
C GLU D 467 -43.85 -14.24 -19.17
K K E . 15.10 4.66 -6.99
C02 YAE F . 26.36 7.13 -5.82
C04 YAE F . 25.04 8.78 -7.39
C05 YAE F . 24.62 7.78 -8.46
C07 YAE F . 26.57 5.99 -9.35
C09 YAE F . 27.45 12.50 -2.87
C10 YAE F . 28.63 12.33 -1.95
C11 YAE F . 26.92 11.40 -3.57
C12 YAE F . 25.82 11.69 -4.41
C13 YAE F . 25.22 10.58 -5.17
C14 YAE F . 25.26 12.96 -4.54
C15 YAE F . 24.08 13.22 -5.44
C16 YAE F . 25.87 13.98 -3.81
C23 YAE F . 25.29 8.24 -5.95
C25 YAE F . 25.45 5.10 -9.85
N01 YAE F . 25.80 9.42 -5.22
N17 YAE F . 26.90 13.73 -3.02
O03 YAE F . 26.03 6.01 -6.28
O08 YAE F . 27.42 7.50 -5.25
O18 YAE F . 22.26 11.09 -6.67
O19 YAE F . 21.59 13.57 -6.76
O20 YAE F . 27.41 10.21 -3.45
O21 YAE F . 20.55 11.98 -5.02
O22 YAE F . 22.92 12.69 -4.87
P24 YAE F . 21.72 12.29 -5.94
S06 YAE F . 26.08 7.73 -9.56
K K G . 2.08 16.52 -4.46
N1 YAR H . 1.22 24.68 -13.42
C4 YAR H . 1.74 24.67 -10.98
C5 YAR H . 2.26 26.10 -10.69
C7 YAR H . 0.10 28.09 -10.28
C10 YAR H . 1.05 24.69 -18.65
C13 YAR H . 2.32 24.06 -13.87
C15 YAR H . 5.07 23.54 -14.66
C11 YAR H . 1.70 24.36 -16.27
C12 YAR H . 2.66 24.07 -15.26
C14 YAR H . 3.99 23.83 -15.68
C16 YAR H . 4.31 23.86 -17.01
C2 YAR H . -0.50 25.20 -11.91
C23 YAR H . 0.78 24.67 -12.15
C39 YAR H . 0.44 29.59 -10.08
C9 YAR H . 2.07 24.40 -17.58
N17 YAR H . 3.36 24.15 -17.94
O18 YAR H . 5.05 20.23 -12.71
O19 YAR H . 4.54 22.46 -11.63
O20 YAR H . 0.41 24.61 -15.91
O21 YAR H . 6.94 21.93 -12.52
O22 YAR H . 4.99 22.17 -14.24
O3 YAR H . -1.06 25.11 -10.83
O8 YAR H . -1.15 25.83 -12.91
P24 YAR H . 5.37 21.68 -12.76
S6 YAR H . 1.30 27.00 -9.41
S DMS I . -9.17 4.01 -13.09
O DMS I . -8.96 2.53 -13.08
C1 DMS I . -10.56 4.55 -12.05
C2 DMS I . -9.74 4.59 -14.70
K K J . -1.34 -13.78 10.44
C02 YAE K . 0.67 -25.12 12.22
C04 YAE K . -1.53 -23.78 12.53
C05 YAE K . -2.01 -24.62 13.72
C07 YAE K . -0.12 -25.03 15.70
C09 YAE K . -2.86 -28.86 8.45
C10 YAE K . -2.06 -30.02 7.91
C11 YAE K . -2.25 -27.84 9.19
C12 YAE K . -3.12 -26.81 9.65
C13 YAE K . -2.57 -25.67 10.43
C14 YAE K . -4.50 -26.80 9.37
C15 YAE K . -5.41 -25.69 9.86
C16 YAE K . -5.00 -27.87 8.64
C23 YAE K . -0.61 -24.55 11.56
C25 YAE K . 0.80 -24.32 16.66
N01 YAE K . -1.34 -25.63 10.82
N17 YAE K . -4.19 -28.84 8.22
O03 YAE K . 1.25 -24.35 13.01
O08 YAE K . 0.96 -26.29 11.85
O18 YAE K . -6.92 -23.29 10.31
O19 YAE K . -5.39 -22.13 8.56
O20 YAE K . -1.00 -27.84 9.43
O21 YAE K . -4.48 -22.97 10.80
O22 YAE K . -5.17 -24.57 9.03
P24 YAE K . -5.53 -23.12 9.70
S06 YAE K . -1.40 -23.83 15.25
K K L . -15.38 -7.48 1.38
N1 YAR M . -25.47 -8.25 7.70
C4 YAR M . -24.33 -8.93 5.59
C5 YAR M . -24.79 -10.31 5.09
C7 YAR M . -25.94 -9.75 2.48
C10 YAR M . -27.44 -7.21 12.28
C13 YAR M . -24.82 -9.08 8.50
C15 YAR M . -23.68 -11.08 10.27
C11 YAR M . -26.11 -8.17 10.41
C12 YAR M . -25.19 -9.11 9.88
C14 YAR M . -24.67 -10.07 10.77
C16 YAR M . -25.03 -10.06 12.08
C2 YAR M . -26.17 -7.24 5.74
C23 YAR M . -25.43 -8.24 6.36
C39 YAR M . -27.23 -9.29 1.77
C9 YAR M . -26.45 -8.21 11.73
N17 YAR M . -25.91 -9.15 12.56
O18 YAR M . -21.14 -12.26 9.10
O19 YAR M . -20.09 -9.95 9.12
O20 YAR M . -26.67 -7.20 9.62
O21 YAR M . -22.13 -10.58 7.49
O22 YAR M . -22.47 -10.37 10.03
O3 YAR M . -25.98 -6.96 4.55
O8 YAR M . -27.14 -6.58 6.44
P24 YAR M . -21.42 -10.82 8.91
S6 YAR M . -26.37 -10.12 4.21
#